data_3FFO
# 
_entry.id   3FFO 
# 
_audit_conform.dict_name       mmcif_pdbx.dic 
_audit_conform.dict_version    5.399 
_audit_conform.dict_location   http://mmcif.pdb.org/dictionaries/ascii/mmcif_pdbx.dic 
# 
loop_
_database_2.database_id 
_database_2.database_code 
_database_2.pdbx_database_accession 
_database_2.pdbx_DOI 
PDB   3FFO         pdb_00003ffo 10.2210/pdb3ffo/pdb 
RCSB  RCSB050532   ?            ?                   
WWPDB D_1000050532 ?            ?                   
# 
loop_
_pdbx_audit_revision_history.ordinal 
_pdbx_audit_revision_history.data_content_type 
_pdbx_audit_revision_history.major_revision 
_pdbx_audit_revision_history.minor_revision 
_pdbx_audit_revision_history.revision_date 
1 'Structure model' 1 0 2009-12-22 
2 'Structure model' 1 1 2011-07-13 
3 'Structure model' 1 2 2013-08-28 
4 'Structure model' 1 3 2014-12-17 
5 'Structure model' 2 0 2020-07-29 
6 'Structure model' 2 1 2023-11-01 
7 'Structure model' 2 2 2024-11-20 
# 
loop_
_pdbx_audit_revision_details.ordinal 
_pdbx_audit_revision_details.revision_ordinal 
_pdbx_audit_revision_details.data_content_type 
_pdbx_audit_revision_details.provider 
_pdbx_audit_revision_details.type 
_pdbx_audit_revision_details.description 
_pdbx_audit_revision_details.details 
1 1 'Structure model' repository 'Initial release' ?                          ? 
2 5 'Structure model' repository Remediation       'Carbohydrate remediation' ? 
# 
loop_
_pdbx_audit_revision_group.ordinal 
_pdbx_audit_revision_group.revision_ordinal 
_pdbx_audit_revision_group.data_content_type 
_pdbx_audit_revision_group.group 
1  2 'Structure model' 'Non-polymer description'   
2  2 'Structure model' 'Version format compliance' 
3  3 'Structure model' 'Database references'       
4  3 'Structure model' 'Non-polymer description'   
5  4 'Structure model' 'Atomic model'              
6  4 'Structure model' 'Database references'       
7  4 'Structure model' 'Derived calculations'      
8  5 'Structure model' 'Atomic model'              
9  5 'Structure model' 'Data collection'           
10 5 'Structure model' 'Derived calculations'      
11 5 'Structure model' 'Structure summary'         
12 6 'Structure model' 'Data collection'           
13 6 'Structure model' 'Database references'       
14 6 'Structure model' 'Refinement description'    
15 6 'Structure model' 'Structure summary'         
16 7 'Structure model' 'Structure summary'         
# 
loop_
_pdbx_audit_revision_category.ordinal 
_pdbx_audit_revision_category.revision_ordinal 
_pdbx_audit_revision_category.data_content_type 
_pdbx_audit_revision_category.category 
1  5 'Structure model' atom_site                     
2  5 'Structure model' chem_comp                     
3  5 'Structure model' diffrn_source                 
4  5 'Structure model' entity                        
5  5 'Structure model' pdbx_branch_scheme            
6  5 'Structure model' pdbx_chem_comp_identifier     
7  5 'Structure model' pdbx_entity_branch            
8  5 'Structure model' pdbx_entity_branch_descriptor 
9  5 'Structure model' pdbx_entity_branch_link       
10 5 'Structure model' pdbx_entity_branch_list       
11 5 'Structure model' pdbx_entity_nonpoly           
12 5 'Structure model' pdbx_nonpoly_scheme           
13 5 'Structure model' pdbx_struct_assembly_gen      
14 5 'Structure model' pdbx_struct_special_symmetry  
15 5 'Structure model' struct_asym                   
16 5 'Structure model' struct_conn                   
17 5 'Structure model' struct_site                   
18 5 'Structure model' struct_site_gen               
19 6 'Structure model' chem_comp                     
20 6 'Structure model' chem_comp_atom                
21 6 'Structure model' chem_comp_bond                
22 6 'Structure model' database_2                    
23 6 'Structure model' pdbx_initial_refinement_model 
24 7 'Structure model' pdbx_entry_details            
25 7 'Structure model' pdbx_modification_feature     
# 
loop_
_pdbx_audit_revision_item.ordinal 
_pdbx_audit_revision_item.revision_ordinal 
_pdbx_audit_revision_item.data_content_type 
_pdbx_audit_revision_item.item 
1  5 'Structure model' '_atom_site.B_iso_or_equiv'                   
2  5 'Structure model' '_atom_site.Cartn_x'                          
3  5 'Structure model' '_atom_site.Cartn_y'                          
4  5 'Structure model' '_atom_site.Cartn_z'                          
5  5 'Structure model' '_atom_site.auth_asym_id'                     
6  5 'Structure model' '_atom_site.auth_atom_id'                     
7  5 'Structure model' '_atom_site.auth_comp_id'                     
8  5 'Structure model' '_atom_site.auth_seq_id'                      
9  5 'Structure model' '_atom_site.label_asym_id'                    
10 5 'Structure model' '_atom_site.label_atom_id'                    
11 5 'Structure model' '_atom_site.label_comp_id'                    
12 5 'Structure model' '_atom_site.label_entity_id'                  
13 5 'Structure model' '_atom_site.occupancy'                        
14 5 'Structure model' '_atom_site.type_symbol'                      
15 5 'Structure model' '_chem_comp.name'                             
16 5 'Structure model' '_chem_comp.type'                             
17 5 'Structure model' '_diffrn_source.pdbx_synchrotron_site'        
18 5 'Structure model' '_pdbx_struct_assembly_gen.asym_id_list'      
19 5 'Structure model' '_pdbx_struct_special_symmetry.label_asym_id' 
20 5 'Structure model' '_struct_conn.pdbx_leaving_atom_flag'         
21 5 'Structure model' '_struct_conn.ptnr1_auth_asym_id'             
22 5 'Structure model' '_struct_conn.ptnr1_auth_comp_id'             
23 5 'Structure model' '_struct_conn.ptnr1_auth_seq_id'              
24 5 'Structure model' '_struct_conn.ptnr1_label_asym_id'            
25 5 'Structure model' '_struct_conn.ptnr1_label_atom_id'            
26 5 'Structure model' '_struct_conn.ptnr1_label_comp_id'            
27 5 'Structure model' '_struct_conn.ptnr2_auth_asym_id'             
28 5 'Structure model' '_struct_conn.ptnr2_auth_comp_id'             
29 5 'Structure model' '_struct_conn.ptnr2_auth_seq_id'              
30 5 'Structure model' '_struct_conn.ptnr2_label_asym_id'            
31 5 'Structure model' '_struct_conn.ptnr2_label_atom_id'            
32 5 'Structure model' '_struct_conn.ptnr2_label_comp_id'            
33 6 'Structure model' '_chem_comp.pdbx_synonyms'                    
34 6 'Structure model' '_database_2.pdbx_DOI'                        
35 6 'Structure model' '_database_2.pdbx_database_accession'         
# 
_pdbx_database_status.entry_id                        3FFO 
_pdbx_database_status.deposit_site                    RCSB 
_pdbx_database_status.process_site                    PDBJ 
_pdbx_database_status.recvd_initial_deposition_date   2008-12-04 
_pdbx_database_status.status_code                     REL 
_pdbx_database_status.status_code_sf                  REL 
_pdbx_database_status.status_code_mr                  ? 
_pdbx_database_status.SG_entry                        ? 
_pdbx_database_status.status_code_cs                  ? 
_pdbx_database_status.methods_development_category    ? 
_pdbx_database_status.pdb_format_compatible           Y 
_pdbx_database_status.status_code_nmr_data            ? 
# 
_pdbx_database_related.db_name        PDB 
_pdbx_database_related.db_id          1O9Z 
_pdbx_database_related.details        'Related apoprotein' 
_pdbx_database_related.content_type   unspecified 
# 
loop_
_audit_author.name 
_audit_author.pdbx_ordinal 
'Buts, L.'       1  
'De Boer, A.'    2  
'Olsson, J.D.M.' 3  
'Jonckheere, W.' 4  
'De Kerpel, M.'  5  
'De Genst, E.'   6  
'Guerardel, Y.'  7  
'Willaert, R.'   8  
'Wyns, L.'       9  
'Wuhrer, M.'     10 
'Oscarson, S.'   11 
'De Greve, H.'   12 
'Bouckaert, J.'  13 
# 
_citation.id                        primary 
_citation.title                     
;Structural Sampling of Glycan Interaction Profiles Reveals Mucosal Receptors for Fimbrial Adhesins of Enterotoxigenic Escherichia coli.
;
_citation.journal_abbrev            'Biology (Basel)' 
_citation.journal_volume            2 
_citation.page_first                894 
_citation.page_last                 917 
_citation.year                      2013 
_citation.journal_id_ASTM           ? 
_citation.country                   CH 
_citation.journal_id_ISSN           2079-7737 
_citation.journal_id_CSD            ? 
_citation.book_publisher            ? 
_citation.pdbx_database_id_PubMed   24833052 
_citation.pdbx_database_id_DOI      10.3390/biology2030894 
# 
loop_
_citation_author.citation_id 
_citation_author.name 
_citation_author.ordinal 
_citation_author.identifier_ORCID 
primary 'Lonardi, E.'    1  ? 
primary 'Moonens, K.'    2  ? 
primary 'Buts, L.'       3  ? 
primary 'de Boer, A.R.'  4  ? 
primary 'Olsson, J.D.M.' 5  ? 
primary 'Weiss, M.S.'    6  ? 
primary 'Fabre, E.'      7  ? 
primary 'Guerardel, Y.'  8  ? 
primary 'Deelder, A.M.'  9  ? 
primary 'Oscarson, S.'   10 ? 
primary 'Wuhrer, M.'     11 ? 
primary 'Bouckaert, J.'  12 ? 
# 
loop_
_entity.id 
_entity.type 
_entity.src_method 
_entity.pdbx_description 
_entity.formula_weight 
_entity.pdbx_number_of_molecules 
_entity.pdbx_ec 
_entity.pdbx_mutation 
_entity.pdbx_fragment 
_entity.details 
1 polymer     man Adhesin                                                               18896.871 1  ? ? 
'carbohydrate-binding domain, residues 23-198' ? 
2 branched    man '2-acetamido-2-deoxy-beta-D-glucopyranose-(1-2)-beta-D-mannopyranose' 383.349   1  ? ? ? ? 
3 non-polymer syn 'NICKEL (II) ION'                                                     58.693    1  ? ? ? ? 
4 non-polymer syn 2-AMINO-2-HYDROXYMETHYL-PROPANE-1,3-DIOL                              122.143   1  ? ? ? ? 
5 non-polymer syn 'SULFATE ION'                                                         96.063    2  ? ? ? ? 
6 water       nat water                                                                 18.015    47 ? ? ? ? 
# 
_entity_poly.entity_id                      1 
_entity_poly.type                           'polypeptide(L)' 
_entity_poly.nstd_linkage                   no 
_entity_poly.nstd_monomer                   no 
_entity_poly.pdbx_seq_one_letter_code       
;VVSFIGSTENDVGPSQGSYSSTHAMDNLPFVYNTGYNIGYQNANVWRIGGGFCVGLDGKVDLPVVGSLDGQSIYGLTEEV
GLLIWMGDTNYSRGTAMSGNSWENVFSGWCVGNYLSTQGLSVHVRPVILKRNSSAQYSVQKTSIGSIRMRPYNGSSAGSV
QTTVNFSLNPFTLNDT
;
_entity_poly.pdbx_seq_one_letter_code_can   
;VVSFIGSTENDVGPSQGSYSSTHAMDNLPFVYNTGYNIGYQNANVWRIGGGFCVGLDGKVDLPVVGSLDGQSIYGLTEEV
GLLIWMGDTNYSRGTAMSGNSWENVFSGWCVGNYLSTQGLSVHVRPVILKRNSSAQYSVQKTSIGSIRMRPYNGSSAGSV
QTTVNFSLNPFTLNDT
;
_entity_poly.pdbx_strand_id                 A 
_entity_poly.pdbx_target_identifier         ? 
# 
loop_
_pdbx_entity_nonpoly.entity_id 
_pdbx_entity_nonpoly.name 
_pdbx_entity_nonpoly.comp_id 
3 'NICKEL (II) ION'                        NI  
4 2-AMINO-2-HYDROXYMETHYL-PROPANE-1,3-DIOL TRS 
5 'SULFATE ION'                            SO4 
6 water                                    HOH 
# 
loop_
_entity_poly_seq.entity_id 
_entity_poly_seq.num 
_entity_poly_seq.mon_id 
_entity_poly_seq.hetero 
1 1   VAL n 
1 2   VAL n 
1 3   SER n 
1 4   PHE n 
1 5   ILE n 
1 6   GLY n 
1 7   SER n 
1 8   THR n 
1 9   GLU n 
1 10  ASN n 
1 11  ASP n 
1 12  VAL n 
1 13  GLY n 
1 14  PRO n 
1 15  SER n 
1 16  GLN n 
1 17  GLY n 
1 18  SER n 
1 19  TYR n 
1 20  SER n 
1 21  SER n 
1 22  THR n 
1 23  HIS n 
1 24  ALA n 
1 25  MET n 
1 26  ASP n 
1 27  ASN n 
1 28  LEU n 
1 29  PRO n 
1 30  PHE n 
1 31  VAL n 
1 32  TYR n 
1 33  ASN n 
1 34  THR n 
1 35  GLY n 
1 36  TYR n 
1 37  ASN n 
1 38  ILE n 
1 39  GLY n 
1 40  TYR n 
1 41  GLN n 
1 42  ASN n 
1 43  ALA n 
1 44  ASN n 
1 45  VAL n 
1 46  TRP n 
1 47  ARG n 
1 48  ILE n 
1 49  GLY n 
1 50  GLY n 
1 51  GLY n 
1 52  PHE n 
1 53  CYS n 
1 54  VAL n 
1 55  GLY n 
1 56  LEU n 
1 57  ASP n 
1 58  GLY n 
1 59  LYS n 
1 60  VAL n 
1 61  ASP n 
1 62  LEU n 
1 63  PRO n 
1 64  VAL n 
1 65  VAL n 
1 66  GLY n 
1 67  SER n 
1 68  LEU n 
1 69  ASP n 
1 70  GLY n 
1 71  GLN n 
1 72  SER n 
1 73  ILE n 
1 74  TYR n 
1 75  GLY n 
1 76  LEU n 
1 77  THR n 
1 78  GLU n 
1 79  GLU n 
1 80  VAL n 
1 81  GLY n 
1 82  LEU n 
1 83  LEU n 
1 84  ILE n 
1 85  TRP n 
1 86  MET n 
1 87  GLY n 
1 88  ASP n 
1 89  THR n 
1 90  ASN n 
1 91  TYR n 
1 92  SER n 
1 93  ARG n 
1 94  GLY n 
1 95  THR n 
1 96  ALA n 
1 97  MET n 
1 98  SER n 
1 99  GLY n 
1 100 ASN n 
1 101 SER n 
1 102 TRP n 
1 103 GLU n 
1 104 ASN n 
1 105 VAL n 
1 106 PHE n 
1 107 SER n 
1 108 GLY n 
1 109 TRP n 
1 110 CYS n 
1 111 VAL n 
1 112 GLY n 
1 113 ASN n 
1 114 TYR n 
1 115 LEU n 
1 116 SER n 
1 117 THR n 
1 118 GLN n 
1 119 GLY n 
1 120 LEU n 
1 121 SER n 
1 122 VAL n 
1 123 HIS n 
1 124 VAL n 
1 125 ARG n 
1 126 PRO n 
1 127 VAL n 
1 128 ILE n 
1 129 LEU n 
1 130 LYS n 
1 131 ARG n 
1 132 ASN n 
1 133 SER n 
1 134 SER n 
1 135 ALA n 
1 136 GLN n 
1 137 TYR n 
1 138 SER n 
1 139 VAL n 
1 140 GLN n 
1 141 LYS n 
1 142 THR n 
1 143 SER n 
1 144 ILE n 
1 145 GLY n 
1 146 SER n 
1 147 ILE n 
1 148 ARG n 
1 149 MET n 
1 150 ARG n 
1 151 PRO n 
1 152 TYR n 
1 153 ASN n 
1 154 GLY n 
1 155 SER n 
1 156 SER n 
1 157 ALA n 
1 158 GLY n 
1 159 SER n 
1 160 VAL n 
1 161 GLN n 
1 162 THR n 
1 163 THR n 
1 164 VAL n 
1 165 ASN n 
1 166 PHE n 
1 167 SER n 
1 168 LEU n 
1 169 ASN n 
1 170 PRO n 
1 171 PHE n 
1 172 THR n 
1 173 LEU n 
1 174 ASN n 
1 175 ASP n 
1 176 THR n 
# 
_entity_src_gen.entity_id                          1 
_entity_src_gen.pdbx_src_id                        1 
_entity_src_gen.pdbx_alt_source_flag               sample 
_entity_src_gen.pdbx_seq_type                      ? 
_entity_src_gen.pdbx_beg_seq_num                   ? 
_entity_src_gen.pdbx_end_seq_num                   ? 
_entity_src_gen.gene_src_common_name               ? 
_entity_src_gen.gene_src_genus                     ? 
_entity_src_gen.pdbx_gene_src_gene                 F17b-G 
_entity_src_gen.gene_src_species                   ? 
_entity_src_gen.gene_src_strain                    ? 
_entity_src_gen.gene_src_tissue                    ? 
_entity_src_gen.gene_src_tissue_fraction           ? 
_entity_src_gen.gene_src_details                   ? 
_entity_src_gen.pdbx_gene_src_fragment             ? 
_entity_src_gen.pdbx_gene_src_scientific_name      'Escherichia coli' 
_entity_src_gen.pdbx_gene_src_ncbi_taxonomy_id     562 
_entity_src_gen.pdbx_gene_src_variant              ? 
_entity_src_gen.pdbx_gene_src_cell_line            ? 
_entity_src_gen.pdbx_gene_src_atcc                 ? 
_entity_src_gen.pdbx_gene_src_organ                ? 
_entity_src_gen.pdbx_gene_src_organelle            ? 
_entity_src_gen.pdbx_gene_src_cell                 ? 
_entity_src_gen.pdbx_gene_src_cellular_location    ? 
_entity_src_gen.host_org_common_name               ? 
_entity_src_gen.pdbx_host_org_scientific_name      'Escherichia coli' 
_entity_src_gen.pdbx_host_org_ncbi_taxonomy_id     562 
_entity_src_gen.host_org_genus                     ? 
_entity_src_gen.pdbx_host_org_gene                 ? 
_entity_src_gen.pdbx_host_org_organ                ? 
_entity_src_gen.host_org_species                   ? 
_entity_src_gen.pdbx_host_org_tissue               ? 
_entity_src_gen.pdbx_host_org_tissue_fraction      ? 
_entity_src_gen.pdbx_host_org_strain               BL21-AI 
_entity_src_gen.pdbx_host_org_variant              ? 
_entity_src_gen.pdbx_host_org_cell_line            ? 
_entity_src_gen.pdbx_host_org_atcc                 ? 
_entity_src_gen.pdbx_host_org_culture_collection   ? 
_entity_src_gen.pdbx_host_org_cell                 ? 
_entity_src_gen.pdbx_host_org_organelle            ? 
_entity_src_gen.pdbx_host_org_cellular_location    ? 
_entity_src_gen.pdbx_host_org_vector_type          'CUSTOM (T7 promotor)' 
_entity_src_gen.pdbx_host_org_vector               ? 
_entity_src_gen.host_org_details                   ? 
_entity_src_gen.expression_system_id               ? 
_entity_src_gen.plasmid_name                       pHD52 
_entity_src_gen.plasmid_details                    ? 
_entity_src_gen.pdbx_description                   ? 
# 
_pdbx_entity_branch.entity_id   2 
_pdbx_entity_branch.type        oligosaccharide 
# 
loop_
_pdbx_entity_branch_descriptor.ordinal 
_pdbx_entity_branch_descriptor.entity_id 
_pdbx_entity_branch_descriptor.descriptor 
_pdbx_entity_branch_descriptor.type 
_pdbx_entity_branch_descriptor.program 
_pdbx_entity_branch_descriptor.program_version 
1 2 DGlcpNAcb1-2DManpb1-ROH                                              'Glycam Condensed Sequence' GMML       1.0   
2 2 'WURCS=2.0/2,2,1/[a1122h-1b_1-5][a2122h-1b_1-5_2*NCC/3=O]/1-2/a2-b1' WURCS                       PDB2Glycan 1.1.0 
3 2 '[][b-D-Manp]{[(2+1)][b-D-GlcpNAc]{}}'                               LINUCS                      PDB-CARE   ?     
# 
_pdbx_entity_branch_link.link_id                    1 
_pdbx_entity_branch_link.entity_id                  2 
_pdbx_entity_branch_link.entity_branch_list_num_1   2 
_pdbx_entity_branch_link.comp_id_1                  NAG 
_pdbx_entity_branch_link.atom_id_1                  C1 
_pdbx_entity_branch_link.leaving_atom_id_1          O1 
_pdbx_entity_branch_link.entity_branch_list_num_2   1 
_pdbx_entity_branch_link.comp_id_2                  BMA 
_pdbx_entity_branch_link.atom_id_2                  O2 
_pdbx_entity_branch_link.leaving_atom_id_2          HO2 
_pdbx_entity_branch_link.value_order                sing 
_pdbx_entity_branch_link.details                    ? 
# 
loop_
_chem_comp.id 
_chem_comp.type 
_chem_comp.mon_nstd_flag 
_chem_comp.name 
_chem_comp.pdbx_synonyms 
_chem_comp.formula 
_chem_comp.formula_weight 
ALA 'L-peptide linking'          y ALANINE                                  ? 'C3 H7 N O2'     89.093  
ARG 'L-peptide linking'          y ARGININE                                 ? 'C6 H15 N4 O2 1' 175.209 
ASN 'L-peptide linking'          y ASPARAGINE                               ? 'C4 H8 N2 O3'    132.118 
ASP 'L-peptide linking'          y 'ASPARTIC ACID'                          ? 'C4 H7 N O4'     133.103 
BMA 'D-saccharide, beta linking' . beta-D-mannopyranose                     'beta-D-mannose; D-mannose; mannose' 'C6 H12 O6'      
180.156 
CYS 'L-peptide linking'          y CYSTEINE                                 ? 'C3 H7 N O2 S'   121.158 
GLN 'L-peptide linking'          y GLUTAMINE                                ? 'C5 H10 N2 O3'   146.144 
GLU 'L-peptide linking'          y 'GLUTAMIC ACID'                          ? 'C5 H9 N O4'     147.129 
GLY 'peptide linking'            y GLYCINE                                  ? 'C2 H5 N O2'     75.067  
HIS 'L-peptide linking'          y HISTIDINE                                ? 'C6 H10 N3 O2 1' 156.162 
HOH non-polymer                  . WATER                                    ? 'H2 O'           18.015  
ILE 'L-peptide linking'          y ISOLEUCINE                               ? 'C6 H13 N O2'    131.173 
LEU 'L-peptide linking'          y LEUCINE                                  ? 'C6 H13 N O2'    131.173 
LYS 'L-peptide linking'          y LYSINE                                   ? 'C6 H15 N2 O2 1' 147.195 
MET 'L-peptide linking'          y METHIONINE                               ? 'C5 H11 N O2 S'  149.211 
NAG 'D-saccharide, beta linking' . 2-acetamido-2-deoxy-beta-D-glucopyranose 
;N-acetyl-beta-D-glucosamine; 2-acetamido-2-deoxy-beta-D-glucose; 2-acetamido-2-deoxy-D-glucose; 2-acetamido-2-deoxy-glucose; N-ACETYL-D-GLUCOSAMINE
;
'C8 H15 N O6'    221.208 
NI  non-polymer                  . 'NICKEL (II) ION'                        ? 'Ni 2'           58.693  
PHE 'L-peptide linking'          y PHENYLALANINE                            ? 'C9 H11 N O2'    165.189 
PRO 'L-peptide linking'          y PROLINE                                  ? 'C5 H9 N O2'     115.130 
SER 'L-peptide linking'          y SERINE                                   ? 'C3 H7 N O3'     105.093 
SO4 non-polymer                  . 'SULFATE ION'                            ? 'O4 S -2'        96.063  
THR 'L-peptide linking'          y THREONINE                                ? 'C4 H9 N O3'     119.119 
TRP 'L-peptide linking'          y TRYPTOPHAN                               ? 'C11 H12 N2 O2'  204.225 
TRS non-polymer                  . 2-AMINO-2-HYDROXYMETHYL-PROPANE-1,3-DIOL 'TRIS BUFFER' 'C4 H12 N O3 1'  122.143 
TYR 'L-peptide linking'          y TYROSINE                                 ? 'C9 H11 N O3'    181.189 
VAL 'L-peptide linking'          y VALINE                                   ? 'C5 H11 N O2'    117.146 
# 
loop_
_pdbx_chem_comp_identifier.comp_id 
_pdbx_chem_comp_identifier.type 
_pdbx_chem_comp_identifier.program 
_pdbx_chem_comp_identifier.program_version 
_pdbx_chem_comp_identifier.identifier 
BMA 'CONDENSED IUPAC CARBOHYDRATE SYMBOL' GMML     1.0 DManpb                         
BMA 'COMMON NAME'                         GMML     1.0 b-D-mannopyranose              
BMA 'IUPAC CARBOHYDRATE SYMBOL'           PDB-CARE 1.0 b-D-Manp                       
BMA 'SNFG CARBOHYDRATE SYMBOL'            GMML     1.0 Man                            
NAG 'CONDENSED IUPAC CARBOHYDRATE SYMBOL' GMML     1.0 DGlcpNAcb                      
NAG 'COMMON NAME'                         GMML     1.0 N-acetyl-b-D-glucopyranosamine 
NAG 'IUPAC CARBOHYDRATE SYMBOL'           PDB-CARE 1.0 b-D-GlcpNAc                    
NAG 'SNFG CARBOHYDRATE SYMBOL'            GMML     1.0 GlcNAc                         
# 
loop_
_pdbx_poly_seq_scheme.asym_id 
_pdbx_poly_seq_scheme.entity_id 
_pdbx_poly_seq_scheme.seq_id 
_pdbx_poly_seq_scheme.mon_id 
_pdbx_poly_seq_scheme.ndb_seq_num 
_pdbx_poly_seq_scheme.pdb_seq_num 
_pdbx_poly_seq_scheme.auth_seq_num 
_pdbx_poly_seq_scheme.pdb_mon_id 
_pdbx_poly_seq_scheme.auth_mon_id 
_pdbx_poly_seq_scheme.pdb_strand_id 
_pdbx_poly_seq_scheme.pdb_ins_code 
_pdbx_poly_seq_scheme.hetero 
A 1 1   VAL 1   1   1   VAL VAL A . n 
A 1 2   VAL 2   2   2   VAL VAL A . n 
A 1 3   SER 3   3   3   SER SER A . n 
A 1 4   PHE 4   4   4   PHE PHE A . n 
A 1 5   ILE 5   5   5   ILE ILE A . n 
A 1 6   GLY 6   6   6   GLY GLY A . n 
A 1 7   SER 7   7   7   SER SER A . n 
A 1 8   THR 8   8   8   THR THR A . n 
A 1 9   GLU 9   9   9   GLU GLU A . n 
A 1 10  ASN 10  10  10  ASN ASN A . n 
A 1 11  ASP 11  11  11  ASP ASP A . n 
A 1 12  VAL 12  12  12  VAL VAL A . n 
A 1 13  GLY 13  13  13  GLY GLY A . n 
A 1 14  PRO 14  14  14  PRO PRO A . n 
A 1 15  SER 15  15  15  SER SER A . n 
A 1 16  GLN 16  16  16  GLN GLN A . n 
A 1 17  GLY 17  17  17  GLY GLY A . n 
A 1 18  SER 18  18  18  SER SER A . n 
A 1 19  TYR 19  19  19  TYR TYR A . n 
A 1 20  SER 20  20  20  SER SER A . n 
A 1 21  SER 21  21  21  SER SER A . n 
A 1 22  THR 22  22  22  THR THR A . n 
A 1 23  HIS 23  23  23  HIS HIS A . n 
A 1 24  ALA 24  24  24  ALA ALA A . n 
A 1 25  MET 25  25  25  MET MET A . n 
A 1 26  ASP 26  26  26  ASP ASP A . n 
A 1 27  ASN 27  27  27  ASN ASN A . n 
A 1 28  LEU 28  28  28  LEU LEU A . n 
A 1 29  PRO 29  29  29  PRO PRO A . n 
A 1 30  PHE 30  30  30  PHE PHE A . n 
A 1 31  VAL 31  31  31  VAL VAL A . n 
A 1 32  TYR 32  32  32  TYR TYR A . n 
A 1 33  ASN 33  33  33  ASN ASN A . n 
A 1 34  THR 34  34  34  THR THR A . n 
A 1 35  GLY 35  35  35  GLY GLY A . n 
A 1 36  TYR 36  36  36  TYR TYR A . n 
A 1 37  ASN 37  37  37  ASN ASN A . n 
A 1 38  ILE 38  38  38  ILE ILE A . n 
A 1 39  GLY 39  39  39  GLY GLY A . n 
A 1 40  TYR 40  40  40  TYR TYR A . n 
A 1 41  GLN 41  41  41  GLN GLN A . n 
A 1 42  ASN 42  42  42  ASN ASN A . n 
A 1 43  ALA 43  43  43  ALA ALA A . n 
A 1 44  ASN 44  44  44  ASN ASN A . n 
A 1 45  VAL 45  45  45  VAL VAL A . n 
A 1 46  TRP 46  46  46  TRP TRP A . n 
A 1 47  ARG 47  47  47  ARG ARG A . n 
A 1 48  ILE 48  48  48  ILE ILE A . n 
A 1 49  GLY 49  49  49  GLY GLY A . n 
A 1 50  GLY 50  50  50  GLY GLY A . n 
A 1 51  GLY 51  51  51  GLY GLY A . n 
A 1 52  PHE 52  52  52  PHE PHE A . n 
A 1 53  CYS 53  53  53  CYS CYS A . n 
A 1 54  VAL 54  54  54  VAL VAL A . n 
A 1 55  GLY 55  55  55  GLY GLY A . n 
A 1 56  LEU 56  56  56  LEU LEU A . n 
A 1 57  ASP 57  57  57  ASP ASP A . n 
A 1 58  GLY 58  58  58  GLY GLY A . n 
A 1 59  LYS 59  59  59  LYS LYS A . n 
A 1 60  VAL 60  60  60  VAL VAL A . n 
A 1 61  ASP 61  61  61  ASP ASP A . n 
A 1 62  LEU 62  62  62  LEU LEU A . n 
A 1 63  PRO 63  63  63  PRO PRO A . n 
A 1 64  VAL 64  64  64  VAL VAL A . n 
A 1 65  VAL 65  65  65  VAL VAL A . n 
A 1 66  GLY 66  66  66  GLY GLY A . n 
A 1 67  SER 67  67  67  SER SER A . n 
A 1 68  LEU 68  68  68  LEU LEU A . n 
A 1 69  ASP 69  69  69  ASP ASP A . n 
A 1 70  GLY 70  70  70  GLY GLY A . n 
A 1 71  GLN 71  71  71  GLN GLN A . n 
A 1 72  SER 72  72  72  SER SER A . n 
A 1 73  ILE 73  73  73  ILE ILE A . n 
A 1 74  TYR 74  74  74  TYR TYR A . n 
A 1 75  GLY 75  75  75  GLY GLY A . n 
A 1 76  LEU 76  76  76  LEU LEU A . n 
A 1 77  THR 77  77  77  THR THR A . n 
A 1 78  GLU 78  78  78  GLU GLU A . n 
A 1 79  GLU 79  79  79  GLU GLU A . n 
A 1 80  VAL 80  80  80  VAL VAL A . n 
A 1 81  GLY 81  81  81  GLY GLY A . n 
A 1 82  LEU 82  82  82  LEU LEU A . n 
A 1 83  LEU 83  83  83  LEU LEU A . n 
A 1 84  ILE 84  84  84  ILE ILE A . n 
A 1 85  TRP 85  85  85  TRP TRP A . n 
A 1 86  MET 86  86  86  MET MET A . n 
A 1 87  GLY 87  87  87  GLY GLY A . n 
A 1 88  ASP 88  88  88  ASP ASP A . n 
A 1 89  THR 89  89  89  THR THR A . n 
A 1 90  ASN 90  90  90  ASN ASN A . n 
A 1 91  TYR 91  91  91  TYR TYR A . n 
A 1 92  SER 92  92  92  SER SER A . n 
A 1 93  ARG 93  93  93  ARG ARG A . n 
A 1 94  GLY 94  94  94  GLY GLY A . n 
A 1 95  THR 95  95  95  THR THR A . n 
A 1 96  ALA 96  96  96  ALA ALA A . n 
A 1 97  MET 97  97  97  MET MET A . n 
A 1 98  SER 98  98  98  SER SER A . n 
A 1 99  GLY 99  99  99  GLY GLY A . n 
A 1 100 ASN 100 100 100 ASN ASN A . n 
A 1 101 SER 101 101 101 SER SER A . n 
A 1 102 TRP 102 102 102 TRP TRP A . n 
A 1 103 GLU 103 103 103 GLU GLU A . n 
A 1 104 ASN 104 104 104 ASN ASN A . n 
A 1 105 VAL 105 105 105 VAL VAL A . n 
A 1 106 PHE 106 106 106 PHE PHE A . n 
A 1 107 SER 107 107 107 SER SER A . n 
A 1 108 GLY 108 108 108 GLY GLY A . n 
A 1 109 TRP 109 109 109 TRP TRP A . n 
A 1 110 CYS 110 110 110 CYS CYS A . n 
A 1 111 VAL 111 111 111 VAL VAL A . n 
A 1 112 GLY 112 112 112 GLY GLY A . n 
A 1 113 ASN 113 113 113 ASN ASN A . n 
A 1 114 TYR 114 114 114 TYR TYR A . n 
A 1 115 LEU 115 115 115 LEU LEU A . n 
A 1 116 SER 116 116 116 SER SER A . n 
A 1 117 THR 117 117 117 THR THR A . n 
A 1 118 GLN 118 118 118 GLN GLN A . n 
A 1 119 GLY 119 119 119 GLY GLY A . n 
A 1 120 LEU 120 120 120 LEU LEU A . n 
A 1 121 SER 121 121 121 SER SER A . n 
A 1 122 VAL 122 122 122 VAL VAL A . n 
A 1 123 HIS 123 123 123 HIS HIS A . n 
A 1 124 VAL 124 124 124 VAL VAL A . n 
A 1 125 ARG 125 125 125 ARG ARG A . n 
A 1 126 PRO 126 126 126 PRO PRO A . n 
A 1 127 VAL 127 127 127 VAL VAL A . n 
A 1 128 ILE 128 128 128 ILE ILE A . n 
A 1 129 LEU 129 129 129 LEU LEU A . n 
A 1 130 LYS 130 130 130 LYS LYS A . n 
A 1 131 ARG 131 131 131 ARG ARG A . n 
A 1 132 ASN 132 132 132 ASN ASN A . n 
A 1 133 SER 133 133 133 SER SER A . n 
A 1 134 SER 134 134 134 SER SER A . n 
A 1 135 ALA 135 135 135 ALA ALA A . n 
A 1 136 GLN 136 136 136 GLN GLN A . n 
A 1 137 TYR 137 137 137 TYR TYR A . n 
A 1 138 SER 138 138 138 SER SER A . n 
A 1 139 VAL 139 139 139 VAL VAL A . n 
A 1 140 GLN 140 140 140 GLN GLN A . n 
A 1 141 LYS 141 141 141 LYS LYS A . n 
A 1 142 THR 142 142 142 THR THR A . n 
A 1 143 SER 143 143 143 SER SER A . n 
A 1 144 ILE 144 144 144 ILE ILE A . n 
A 1 145 GLY 145 145 145 GLY GLY A . n 
A 1 146 SER 146 146 146 SER SER A . n 
A 1 147 ILE 147 147 147 ILE ILE A . n 
A 1 148 ARG 148 148 148 ARG ARG A . n 
A 1 149 MET 149 149 149 MET MET A . n 
A 1 150 ARG 150 150 150 ARG ARG A . n 
A 1 151 PRO 151 151 151 PRO PRO A . n 
A 1 152 TYR 152 152 152 TYR TYR A . n 
A 1 153 ASN 153 153 153 ASN ASN A . n 
A 1 154 GLY 154 154 154 GLY GLY A . n 
A 1 155 SER 155 155 155 SER SER A . n 
A 1 156 SER 156 156 156 SER SER A . n 
A 1 157 ALA 157 157 157 ALA ALA A . n 
A 1 158 GLY 158 158 158 GLY GLY A . n 
A 1 159 SER 159 159 159 SER SER A . n 
A 1 160 VAL 160 160 160 VAL VAL A . n 
A 1 161 GLN 161 161 161 GLN GLN A . n 
A 1 162 THR 162 162 162 THR THR A . n 
A 1 163 THR 163 163 163 THR THR A . n 
A 1 164 VAL 164 164 164 VAL VAL A . n 
A 1 165 ASN 165 165 165 ASN ASN A . n 
A 1 166 PHE 166 166 166 PHE PHE A . n 
A 1 167 SER 167 167 167 SER SER A . n 
A 1 168 LEU 168 168 168 LEU LEU A . n 
A 1 169 ASN 169 169 169 ASN ASN A . n 
A 1 170 PRO 170 170 170 PRO PRO A . n 
A 1 171 PHE 171 171 171 PHE PHE A . n 
A 1 172 THR 172 172 172 THR THR A . n 
A 1 173 LEU 173 173 173 LEU LEU A . n 
A 1 174 ASN 174 174 174 ASN ASN A . n 
A 1 175 ASP 175 175 175 ASP ASP A . n 
A 1 176 THR 176 176 176 THR THR A . n 
# 
loop_
_pdbx_branch_scheme.asym_id 
_pdbx_branch_scheme.entity_id 
_pdbx_branch_scheme.mon_id 
_pdbx_branch_scheme.num 
_pdbx_branch_scheme.pdb_asym_id 
_pdbx_branch_scheme.pdb_mon_id 
_pdbx_branch_scheme.pdb_seq_num 
_pdbx_branch_scheme.auth_asym_id 
_pdbx_branch_scheme.auth_mon_id 
_pdbx_branch_scheme.auth_seq_num 
_pdbx_branch_scheme.hetero 
B 2 BMA 1 B BMA 1 S MAN 2 n 
B 2 NAG 2 B NAG 2 S NAG 1 n 
# 
loop_
_pdbx_nonpoly_scheme.asym_id 
_pdbx_nonpoly_scheme.entity_id 
_pdbx_nonpoly_scheme.mon_id 
_pdbx_nonpoly_scheme.ndb_seq_num 
_pdbx_nonpoly_scheme.pdb_seq_num 
_pdbx_nonpoly_scheme.auth_seq_num 
_pdbx_nonpoly_scheme.pdb_mon_id 
_pdbx_nonpoly_scheme.auth_mon_id 
_pdbx_nonpoly_scheme.pdb_strand_id 
_pdbx_nonpoly_scheme.pdb_ins_code 
C 3 NI  1  263 263 NI  NI  A . 
D 4 TRS 1  207 207 TRS TRS A . 
E 5 SO4 1  205 205 SO4 SO4 A . 
F 5 SO4 1  206 206 SO4 SO4 A . 
G 6 HOH 1  226 226 HOH HOH A . 
G 6 HOH 2  227 227 HOH HOH A . 
G 6 HOH 3  228 228 HOH HOH A . 
G 6 HOH 4  229 229 HOH HOH A . 
G 6 HOH 5  231 231 HOH HOH A . 
G 6 HOH 6  232 232 HOH HOH A . 
G 6 HOH 7  233 233 HOH HOH A . 
G 6 HOH 8  234 234 HOH HOH A . 
G 6 HOH 9  235 235 HOH HOH A . 
G 6 HOH 10 238 238 HOH HOH A . 
G 6 HOH 11 240 240 HOH HOH A . 
G 6 HOH 12 241 241 HOH HOH A . 
G 6 HOH 13 242 242 HOH HOH A . 
G 6 HOH 14 243 243 HOH HOH A . 
G 6 HOH 15 244 244 HOH HOH A . 
G 6 HOH 16 245 245 HOH HOH A . 
G 6 HOH 17 246 246 HOH HOH A . 
G 6 HOH 18 247 247 HOH HOH A . 
G 6 HOH 19 248 248 HOH HOH A . 
G 6 HOH 20 249 249 HOH HOH A . 
G 6 HOH 21 250 250 HOH HOH A . 
G 6 HOH 22 251 251 HOH HOH A . 
G 6 HOH 23 252 252 HOH HOH A . 
G 6 HOH 24 253 253 HOH HOH A . 
G 6 HOH 25 254 254 HOH HOH A . 
G 6 HOH 26 255 255 HOH HOH A . 
G 6 HOH 27 256 256 HOH HOH A . 
G 6 HOH 28 257 257 HOH HOH A . 
G 6 HOH 29 258 258 HOH HOH A . 
G 6 HOH 30 259 259 HOH HOH A . 
G 6 HOH 31 260 260 HOH HOH A . 
G 6 HOH 32 261 261 HOH HOH A . 
G 6 HOH 33 262 262 HOH HOH A . 
G 6 HOH 34 264 264 HOH HOH A . 
G 6 HOH 35 266 266 HOH HOH A . 
G 6 HOH 36 267 267 HOH HOH A . 
G 6 HOH 37 269 269 HOH HOH A . 
G 6 HOH 38 271 271 HOH HOH A . 
G 6 HOH 39 273 273 HOH HOH A . 
G 6 HOH 40 274 274 HOH HOH A . 
G 6 HOH 41 275 275 HOH HOH A . 
G 6 HOH 42 278 278 HOH HOH A . 
G 6 HOH 43 279 279 HOH HOH A . 
G 6 HOH 44 280 280 HOH HOH A . 
G 6 HOH 45 281 281 HOH HOH A . 
G 6 HOH 46 282 282 HOH HOH A . 
G 6 HOH 47 283 283 HOH HOH A . 
# 
loop_
_pdbx_unobs_or_zero_occ_atoms.id 
_pdbx_unobs_or_zero_occ_atoms.PDB_model_num 
_pdbx_unobs_or_zero_occ_atoms.polymer_flag 
_pdbx_unobs_or_zero_occ_atoms.occupancy_flag 
_pdbx_unobs_or_zero_occ_atoms.auth_asym_id 
_pdbx_unobs_or_zero_occ_atoms.auth_comp_id 
_pdbx_unobs_or_zero_occ_atoms.auth_seq_id 
_pdbx_unobs_or_zero_occ_atoms.PDB_ins_code 
_pdbx_unobs_or_zero_occ_atoms.auth_atom_id 
_pdbx_unobs_or_zero_occ_atoms.label_alt_id 
_pdbx_unobs_or_zero_occ_atoms.label_asym_id 
_pdbx_unobs_or_zero_occ_atoms.label_comp_id 
_pdbx_unobs_or_zero_occ_atoms.label_seq_id 
_pdbx_unobs_or_zero_occ_atoms.label_atom_id 
1  1 Y 1 A TYR 114 ? CG  ? A TYR 114 CG  
2  1 Y 1 A TYR 114 ? CD1 ? A TYR 114 CD1 
3  1 Y 1 A TYR 114 ? CD2 ? A TYR 114 CD2 
4  1 Y 1 A TYR 114 ? CE1 ? A TYR 114 CE1 
5  1 Y 1 A TYR 114 ? CE2 ? A TYR 114 CE2 
6  1 Y 1 A TYR 114 ? CZ  ? A TYR 114 CZ  
7  1 Y 1 A TYR 114 ? OH  ? A TYR 114 OH  
8  1 Y 1 A LEU 115 ? CG  ? A LEU 115 CG  
9  1 Y 1 A LEU 115 ? CD1 ? A LEU 115 CD1 
10 1 Y 1 A LEU 115 ? CD2 ? A LEU 115 CD2 
11 1 Y 1 A SER 133 ? OG  ? A SER 133 OG  
12 1 Y 1 A GLN 140 ? CD  ? A GLN 140 CD  
13 1 Y 1 A GLN 140 ? OE1 ? A GLN 140 OE1 
14 1 Y 1 A GLN 140 ? NE2 ? A GLN 140 NE2 
# 
loop_
_software.name 
_software.version 
_software.date 
_software.type 
_software.contact_author 
_software.contact_author_email 
_software.classification 
_software.location 
_software.language 
_software.citation_id 
_software.pdbx_ordinal 
PHENIX      .     ?               package 'Paul D. Adams' PDAdams@lbl.gov       refinement        http://www.phenix-online.org/ 
C++ ? 1 
PDB_EXTRACT 3.006 'June 11, 2008' package PDB             help@deposit.rcsb.org 'data extraction' 
http://sw-tools.pdb.org/apps/PDB_EXTRACT/ C++ ? 2 
MAR345dtb   .     ?               ?       ?               ?                     'data collection' ? ?   ? 3 
DENZO       .     ?               ?       ?               ?                     'data reduction'  ? ?   ? 4 
SCALEPACK   .     ?               ?       ?               ?                     'data scaling'    ? ?   ? 5 
CNS         .     ?               ?       ?               ?                     phasing           ? ?   ? 6 
# 
_cell.length_a           87.389 
_cell.length_b           87.389 
_cell.length_c           56.809 
_cell.angle_alpha        90.000 
_cell.angle_beta         90.000 
_cell.angle_gamma        120.000 
_cell.entry_id           3FFO 
_cell.pdbx_unique_axis   ? 
_cell.Z_PDB              6 
_cell.length_a_esd       ? 
_cell.length_b_esd       ? 
_cell.length_c_esd       ? 
_cell.angle_alpha_esd    ? 
_cell.angle_beta_esd     ? 
_cell.angle_gamma_esd    ? 
# 
_symmetry.space_group_name_H-M             'P 62' 
_symmetry.entry_id                         3FFO 
_symmetry.pdbx_full_space_group_name_H-M   ? 
_symmetry.Int_Tables_number                171 
_symmetry.cell_setting                     ? 
_symmetry.space_group_name_Hall            ? 
# 
_exptl.crystals_number   1 
_exptl.entry_id          3FFO 
_exptl.method            'X-RAY DIFFRACTION' 
# 
_exptl_crystal.id                    1 
_exptl_crystal.pdbx_mosaicity        ? 
_exptl_crystal.pdbx_mosaicity_esd    ? 
_exptl_crystal.density_Matthews      3.31 
_exptl_crystal.density_diffrn        ? 
_exptl_crystal.density_meas          ? 
_exptl_crystal.density_meas_temp     ? 
_exptl_crystal.density_percent_sol   62.88 
_exptl_crystal.size_max              ? 
_exptl_crystal.size_mid              ? 
_exptl_crystal.size_min              ? 
_exptl_crystal.size_rad              ? 
_exptl_crystal.description           ? 
_exptl_crystal.F_000                 ? 
_exptl_crystal.preparation           ? 
# 
_exptl_crystal_grow.crystal_id      1 
_exptl_crystal_grow.method          'VAPOR DIFFUSION' 
_exptl_crystal_grow.pH              8.5 
_exptl_crystal_grow.temp            293 
_exptl_crystal_grow.pdbx_details    
'1.2M lithium sulphate, 10mM nickel chloride, 100mM TRIS, pH 8.5, VAPOR DIFFUSION, temperature 293K' 
_exptl_crystal_grow.temp_details    ? 
_exptl_crystal_grow.pdbx_pH_range   ? 
# 
_diffrn.id                     1 
_diffrn.ambient_temp           100 
_diffrn.ambient_temp_details   ? 
_diffrn.crystal_id             1 
# 
_diffrn_detector.diffrn_id              1 
_diffrn_detector.detector               'IMAGE PLATE' 
_diffrn_detector.type                   'MAR scanner 345 mm plate' 
_diffrn_detector.pdbx_collection_date   2003-05-01 
_diffrn_detector.details                mirrors 
# 
_diffrn_radiation.diffrn_id                        1 
_diffrn_radiation.pdbx_diffrn_protocol             'SINGLE WAVELENGTH' 
_diffrn_radiation.monochromator                    graphite 
_diffrn_radiation.wavelength_id                    1 
_diffrn_radiation.pdbx_monochromatic_or_laue_m_l   M 
_diffrn_radiation.pdbx_scattering_type             x-ray 
# 
_diffrn_radiation_wavelength.id           1 
_diffrn_radiation_wavelength.wavelength   0.8453 
_diffrn_radiation_wavelength.wt           1.0 
# 
_diffrn_source.diffrn_id                   1 
_diffrn_source.source                      SYNCHROTRON 
_diffrn_source.type                        'EMBL/DESY, HAMBURG BEAMLINE X13' 
_diffrn_source.pdbx_wavelength_list        0.8453 
_diffrn_source.pdbx_wavelength             ? 
_diffrn_source.pdbx_synchrotron_site       'EMBL/DESY, HAMBURG' 
_diffrn_source.pdbx_synchrotron_beamline   X13 
# 
_reflns.entry_id                     3FFO 
_reflns.B_iso_Wilson_estimate        43.420 
_reflns.observed_criterion_sigma_F   0 
_reflns.observed_criterion_sigma_I   0 
_reflns.d_resolution_high            2.1 
_reflns.d_resolution_low             50 
_reflns.number_all                   14544 
_reflns.number_obs                   14544 
_reflns.percent_possible_obs         99.8 
_reflns.pdbx_Rmerge_I_obs            0.065 
_reflns.pdbx_Rsym_value              ? 
_reflns.pdbx_netI_over_sigmaI        21.0 
_reflns.pdbx_redundancy              10.8 
_reflns.R_free_details               ? 
_reflns.limit_h_max                  ? 
_reflns.limit_h_min                  ? 
_reflns.limit_k_max                  ? 
_reflns.limit_k_min                  ? 
_reflns.limit_l_max                  ? 
_reflns.limit_l_min                  ? 
_reflns.observed_criterion_F_max     ? 
_reflns.observed_criterion_F_min     ? 
_reflns.pdbx_chi_squared             ? 
_reflns.pdbx_scaling_rejects         ? 
_reflns.pdbx_ordinal                 1 
_reflns.pdbx_diffrn_id               1 
# 
_reflns_shell.d_res_high             2.1 
_reflns_shell.d_res_low              2.18 
_reflns_shell.percent_possible_obs   ? 
_reflns_shell.percent_possible_all   100 
_reflns_shell.Rmerge_I_obs           0.34 
_reflns_shell.meanI_over_sigI_obs    6.6 
_reflns_shell.pdbx_Rsym_value        ? 
_reflns_shell.pdbx_redundancy        8.7 
_reflns_shell.number_unique_all      1463 
_reflns_shell.number_measured_all    ? 
_reflns_shell.number_measured_obs    ? 
_reflns_shell.number_unique_obs      ? 
_reflns_shell.pdbx_chi_squared       ? 
_reflns_shell.pdbx_ordinal           1 
_reflns_shell.pdbx_diffrn_id         1 
# 
_refine.entry_id                                 3FFO 
_refine.ls_d_res_high                            2.100 
_refine.ls_d_res_low                             18.920 
_refine.pdbx_ls_sigma_F                          1.33 
_refine.ls_percent_reflns_obs                    99.800 
_refine.ls_number_reflns_obs                     14511 
_refine.ls_R_factor_obs                          0.237 
_refine.ls_R_factor_R_work                       0.233 
_refine.ls_R_factor_R_free                       0.271 
_refine.ls_percent_reflns_R_free                 10.160 
_refine.ls_number_reflns_R_free                  1474 
_refine.B_iso_mean                               49.846 
_refine.solvent_model_param_bsol                 50.712 
_refine.solvent_model_param_ksol                 0.339 
_refine.aniso_B[1][1]                            3.082 
_refine.aniso_B[2][2]                            3.082 
_refine.aniso_B[3][3]                            -6.163 
_refine.aniso_B[1][2]                            -0.000 
_refine.aniso_B[1][3]                            -0.000 
_refine.aniso_B[2][3]                            -0.000 
_refine.overall_SU_ML                            0.420 
_refine.solvent_model_details                    'FLAT BULK SOLVENT MODEL' 
_refine.pdbx_solvent_vdw_probe_radii             1.110 
_refine.pdbx_solvent_shrinkage_radii             0.900 
_refine.pdbx_method_to_determine_struct          ? 
_refine.pdbx_stereochemistry_target_values       ML 
_refine.overall_FOM_work_R_set                   0.748 
_refine.B_iso_max                                102.42 
_refine.B_iso_min                                22.07 
_refine.occupancy_max                            1.00 
_refine.occupancy_min                            1.00 
_refine.pdbx_ls_sigma_I                          0 
_refine.ls_number_reflns_all                     14511 
_refine.ls_R_factor_all                          0.237 
_refine.ls_redundancy_reflns_obs                 ? 
_refine.pdbx_data_cutoff_high_absF               ? 
_refine.pdbx_data_cutoff_low_absF                ? 
_refine.ls_number_parameters                     ? 
_refine.ls_number_restraints                     ? 
_refine.ls_R_factor_R_free_error                 ? 
_refine.ls_R_factor_R_free_error_details         ? 
_refine.pdbx_starting_model                      1O9V 
_refine.pdbx_ls_cross_valid_method               THROUGHOUT 
_refine.pdbx_R_Free_selection_details            random 
_refine.pdbx_stereochem_target_val_spec_case     ? 
_refine.pdbx_isotropic_thermal_model             isotropic 
_refine.details                                  ? 
_refine.correlation_coeff_Fo_to_Fc               ? 
_refine.correlation_coeff_Fo_to_Fc_free          ? 
_refine.pdbx_solvent_ion_probe_radii             ? 
_refine.overall_SU_R_Cruickshank_DPI             ? 
_refine.overall_SU_R_free                        ? 
_refine.overall_SU_B                             ? 
_refine.pdbx_overall_ESU_R_Free                  ? 
_refine.pdbx_data_cutoff_high_rms_absF           ? 
_refine.pdbx_overall_ESU_R                       ? 
_refine.ls_wR_factor_R_free                      ? 
_refine.ls_wR_factor_R_work                      ? 
_refine.overall_FOM_free_R_set                   ? 
_refine.pdbx_overall_phase_error                 31.500 
_refine.pdbx_refine_id                           'X-RAY DIFFRACTION' 
_refine.pdbx_diffrn_id                           1 
_refine.pdbx_TLS_residual_ADP_flag               ? 
_refine.pdbx_overall_SU_R_free_Cruickshank_DPI   ? 
_refine.pdbx_overall_SU_R_Blow_DPI               ? 
_refine.pdbx_overall_SU_R_free_Blow_DPI          ? 
# 
_refine_hist.pdbx_refine_id                   'X-RAY DIFFRACTION' 
_refine_hist.cycle_id                         LAST 
_refine_hist.pdbx_number_atoms_protein        1316 
_refine_hist.pdbx_number_atoms_nucleic_acid   0 
_refine_hist.pdbx_number_atoms_ligand         45 
_refine_hist.number_atoms_solvent             47 
_refine_hist.number_atoms_total               1408 
_refine_hist.d_res_high                       2.100 
_refine_hist.d_res_low                        18.920 
# 
loop_
_refine_ls_restr.type 
_refine_ls_restr.number 
_refine_ls_restr.dev_ideal 
_refine_ls_restr.dev_ideal_target 
_refine_ls_restr.weight 
_refine_ls_restr.pdbx_refine_id 
_refine_ls_restr.pdbx_restraint_function 
f_bond_d           1388 0.005  ? ? 'X-RAY DIFFRACTION' ? 
f_angle_d          1889 0.970  ? ? 'X-RAY DIFFRACTION' ? 
f_chiral_restr     211  0.059  ? ? 'X-RAY DIFFRACTION' ? 
f_plane_restr      241  0.003  ? ? 'X-RAY DIFFRACTION' ? 
f_dihedral_angle_d 479  18.309 ? ? 'X-RAY DIFFRACTION' ? 
# 
loop_
_refine_ls_shell.d_res_high 
_refine_ls_shell.d_res_low 
_refine_ls_shell.pdbx_total_number_of_bins_used 
_refine_ls_shell.percent_reflns_obs 
_refine_ls_shell.number_reflns_R_work 
_refine_ls_shell.R_factor_all 
_refine_ls_shell.R_factor_R_work 
_refine_ls_shell.R_factor_R_free 
_refine_ls_shell.percent_reflns_R_free 
_refine_ls_shell.number_reflns_R_free 
_refine_ls_shell.R_factor_R_free_error 
_refine_ls_shell.number_reflns_all 
_refine_ls_shell.number_reflns_obs 
_refine_ls_shell.redundancy_reflns_obs 
_refine_ls_shell.pdbx_refine_id 
2.100 2.168  11 99.000  1176 . 0.279 0.306 . 123 . 1299 . . 'X-RAY DIFFRACTION' 
2.168 2.245  11 100.000 1201 . 0.278 0.367 . 117 . 1318 . . 'X-RAY DIFFRACTION' 
2.245 2.335  11 100.000 1168 . 0.303 0.389 . 142 . 1310 . . 'X-RAY DIFFRACTION' 
2.335 2.441  11 100.000 1166 . 0.304 0.385 . 139 . 1305 . . 'X-RAY DIFFRACTION' 
2.441 2.569  11 100.000 1180 . 0.310 0.370 . 135 . 1315 . . 'X-RAY DIFFRACTION' 
2.569 2.730  11 100.000 1147 . 0.301 0.373 . 166 . 1313 . . 'X-RAY DIFFRACTION' 
2.730 2.940  11 100.000 1185 . 0.282 0.334 . 131 . 1316 . . 'X-RAY DIFFRACTION' 
2.940 3.234  11 100.000 1193 . 0.264 0.339 . 126 . 1319 . . 'X-RAY DIFFRACTION' 
3.234 3.699  11 100.000 1203 . 0.221 0.262 . 117 . 1320 . . 'X-RAY DIFFRACTION' 
3.699 4.649  11 100.000 1175 . 0.184 0.212 . 155 . 1330 . . 'X-RAY DIFFRACTION' 
4.649 18.921 11 100.000 1243 . 0.178 0.179 . 123 . 1366 . . 'X-RAY DIFFRACTION' 
# 
_struct.entry_id                  3FFO 
_struct.title                     'F17b-G lectin domain with bound GlcNAc(beta1-2)man' 
_struct.pdbx_model_details        ? 
_struct.pdbx_CASP_flag            N 
_struct.pdbx_model_type_details   ? 
# 
_struct_keywords.entry_id        3FFO 
_struct_keywords.text            
;bacterial adhesin, lectin, bacterial attachment, pathogenesis, immunoglobulin fold, Cell projection, Fimbrium, SUGAR BINDING PROTEIN
;
_struct_keywords.pdbx_keywords   'SUGAR BINDING PROTEIN' 
# 
loop_
_struct_asym.id 
_struct_asym.pdbx_blank_PDB_chainid_flag 
_struct_asym.pdbx_modified 
_struct_asym.entity_id 
_struct_asym.details 
A N N 1 ? 
B N N 2 ? 
C N N 3 ? 
D N N 4 ? 
E N N 5 ? 
F N N 5 ? 
G N N 6 ? 
# 
_struct_ref.id                         1 
_struct_ref.db_name                    UNP 
_struct_ref.db_code                    Q47200_ECOLX 
_struct_ref.pdbx_db_accession          Q47200 
_struct_ref.entity_id                  1 
_struct_ref.pdbx_seq_one_letter_code   
;VVSFIGSTENDVGPSQGSYSSTHAMDNLPFVYNTGYNIGYQNANVWRIGGGFCVGLDGKVDLPVVGSLDGQSIYGLTEEV
GLLIWMGDTNYSRGTAMSGNSWENVFSGWCVGNYLSTQGLSVHVRPVILKRNSSAQYSVQKTSIGSIRMRPYNGSSAGSV
QTTVNFSLNPFTLNDT
;
_struct_ref.pdbx_align_begin           23 
_struct_ref.pdbx_db_isoform            ? 
# 
_struct_ref_seq.align_id                      1 
_struct_ref_seq.ref_id                        1 
_struct_ref_seq.pdbx_PDB_id_code              3FFO 
_struct_ref_seq.pdbx_strand_id                A 
_struct_ref_seq.seq_align_beg                 1 
_struct_ref_seq.pdbx_seq_align_beg_ins_code   ? 
_struct_ref_seq.seq_align_end                 176 
_struct_ref_seq.pdbx_seq_align_end_ins_code   ? 
_struct_ref_seq.pdbx_db_accession             Q47200 
_struct_ref_seq.db_align_beg                  23 
_struct_ref_seq.pdbx_db_align_beg_ins_code    ? 
_struct_ref_seq.db_align_end                  198 
_struct_ref_seq.pdbx_db_align_end_ins_code    ? 
_struct_ref_seq.pdbx_auth_seq_align_beg       1 
_struct_ref_seq.pdbx_auth_seq_align_end       176 
# 
_pdbx_struct_assembly.id                   1 
_pdbx_struct_assembly.details              author_and_software_defined_assembly 
_pdbx_struct_assembly.method_details       PISA 
_pdbx_struct_assembly.oligomeric_details   monomeric 
_pdbx_struct_assembly.oligomeric_count     1 
# 
_pdbx_struct_assembly_gen.assembly_id       1 
_pdbx_struct_assembly_gen.oper_expression   1 
_pdbx_struct_assembly_gen.asym_id_list      A,B,C,D,E,F,G 
# 
_pdbx_struct_oper_list.id                   1 
_pdbx_struct_oper_list.type                 'identity operation' 
_pdbx_struct_oper_list.name                 1_555 
_pdbx_struct_oper_list.symmetry_operation   x,y,z 
_pdbx_struct_oper_list.matrix[1][1]         1.0000000000 
_pdbx_struct_oper_list.matrix[1][2]         0.0000000000 
_pdbx_struct_oper_list.matrix[1][3]         0.0000000000 
_pdbx_struct_oper_list.vector[1]            0.0000000000 
_pdbx_struct_oper_list.matrix[2][1]         0.0000000000 
_pdbx_struct_oper_list.matrix[2][2]         1.0000000000 
_pdbx_struct_oper_list.matrix[2][3]         0.0000000000 
_pdbx_struct_oper_list.vector[2]            0.0000000000 
_pdbx_struct_oper_list.matrix[3][1]         0.0000000000 
_pdbx_struct_oper_list.matrix[3][2]         0.0000000000 
_pdbx_struct_oper_list.matrix[3][3]         1.0000000000 
_pdbx_struct_oper_list.vector[3]            0.0000000000 
# 
_struct_biol.id        1 
_struct_biol.details   ? 
# 
_struct_conf.conf_type_id            HELX_P 
_struct_conf.id                      HELX_P1 
_struct_conf.pdbx_PDB_helix_id       1 
_struct_conf.beg_label_comp_id       ASN 
_struct_conf.beg_label_asym_id       A 
_struct_conf.beg_label_seq_id        90 
_struct_conf.pdbx_beg_PDB_ins_code   ? 
_struct_conf.end_label_comp_id       GLY 
_struct_conf.end_label_asym_id       A 
_struct_conf.end_label_seq_id        94 
_struct_conf.pdbx_end_PDB_ins_code   ? 
_struct_conf.beg_auth_comp_id        ASN 
_struct_conf.beg_auth_asym_id        A 
_struct_conf.beg_auth_seq_id         90 
_struct_conf.end_auth_comp_id        GLY 
_struct_conf.end_auth_asym_id        A 
_struct_conf.end_auth_seq_id         94 
_struct_conf.pdbx_PDB_helix_class    5 
_struct_conf.details                 ? 
_struct_conf.pdbx_PDB_helix_length   5 
# 
_struct_conf_type.id          HELX_P 
_struct_conf_type.criteria    ? 
_struct_conf_type.reference   ? 
# 
loop_
_struct_conn.id 
_struct_conn.conn_type_id 
_struct_conn.pdbx_leaving_atom_flag 
_struct_conn.pdbx_PDB_id 
_struct_conn.ptnr1_label_asym_id 
_struct_conn.ptnr1_label_comp_id 
_struct_conn.ptnr1_label_seq_id 
_struct_conn.ptnr1_label_atom_id 
_struct_conn.pdbx_ptnr1_label_alt_id 
_struct_conn.pdbx_ptnr1_PDB_ins_code 
_struct_conn.pdbx_ptnr1_standard_comp_id 
_struct_conn.ptnr1_symmetry 
_struct_conn.ptnr2_label_asym_id 
_struct_conn.ptnr2_label_comp_id 
_struct_conn.ptnr2_label_seq_id 
_struct_conn.ptnr2_label_atom_id 
_struct_conn.pdbx_ptnr2_label_alt_id 
_struct_conn.pdbx_ptnr2_PDB_ins_code 
_struct_conn.ptnr1_auth_asym_id 
_struct_conn.ptnr1_auth_comp_id 
_struct_conn.ptnr1_auth_seq_id 
_struct_conn.ptnr2_auth_asym_id 
_struct_conn.ptnr2_auth_comp_id 
_struct_conn.ptnr2_auth_seq_id 
_struct_conn.ptnr2_symmetry 
_struct_conn.pdbx_ptnr3_label_atom_id 
_struct_conn.pdbx_ptnr3_label_seq_id 
_struct_conn.pdbx_ptnr3_label_comp_id 
_struct_conn.pdbx_ptnr3_label_asym_id 
_struct_conn.pdbx_ptnr3_label_alt_id 
_struct_conn.pdbx_ptnr3_PDB_ins_code 
_struct_conn.details 
_struct_conn.pdbx_dist_value 
_struct_conn.pdbx_value_order 
_struct_conn.pdbx_role 
disulf1 disulf ?    ? A CYS 53 SG ? ? ? 1_555 A CYS 110 SG ? ? A CYS 53 A CYS 110 1_555 ? ? ? ? ? ? ? 2.029 ? ? 
covale1 covale both ? B BMA .  O2 ? ? ? 1_555 B NAG .   C1 ? ? B BMA 1  B NAG 2   1_555 ? ? ? ? ? ? ? 1.419 ? ? 
# 
loop_
_struct_conn_type.id 
_struct_conn_type.criteria 
_struct_conn_type.reference 
disulf ? ? 
covale ? ? 
# 
_pdbx_modification_feature.ordinal                            1 
_pdbx_modification_feature.label_comp_id                      CYS 
_pdbx_modification_feature.label_asym_id                      A 
_pdbx_modification_feature.label_seq_id                       53 
_pdbx_modification_feature.label_alt_id                       ? 
_pdbx_modification_feature.modified_residue_label_comp_id     CYS 
_pdbx_modification_feature.modified_residue_label_asym_id     A 
_pdbx_modification_feature.modified_residue_label_seq_id      110 
_pdbx_modification_feature.modified_residue_label_alt_id      ? 
_pdbx_modification_feature.auth_comp_id                       CYS 
_pdbx_modification_feature.auth_asym_id                       A 
_pdbx_modification_feature.auth_seq_id                        53 
_pdbx_modification_feature.PDB_ins_code                       ? 
_pdbx_modification_feature.symmetry                           1_555 
_pdbx_modification_feature.modified_residue_auth_comp_id      CYS 
_pdbx_modification_feature.modified_residue_auth_asym_id      A 
_pdbx_modification_feature.modified_residue_auth_seq_id       110 
_pdbx_modification_feature.modified_residue_PDB_ins_code      ? 
_pdbx_modification_feature.modified_residue_symmetry          1_555 
_pdbx_modification_feature.comp_id_linking_atom               SG 
_pdbx_modification_feature.modified_residue_id_linking_atom   SG 
_pdbx_modification_feature.modified_residue_id                . 
_pdbx_modification_feature.ref_pcm_id                         . 
_pdbx_modification_feature.ref_comp_id                        . 
_pdbx_modification_feature.type                               None 
_pdbx_modification_feature.category                           'Disulfide bridge' 
# 
_struct_mon_prot_cis.pdbx_id                1 
_struct_mon_prot_cis.label_comp_id          LEU 
_struct_mon_prot_cis.label_seq_id           28 
_struct_mon_prot_cis.label_asym_id          A 
_struct_mon_prot_cis.label_alt_id           . 
_struct_mon_prot_cis.pdbx_PDB_ins_code      ? 
_struct_mon_prot_cis.auth_comp_id           LEU 
_struct_mon_prot_cis.auth_seq_id            28 
_struct_mon_prot_cis.auth_asym_id           A 
_struct_mon_prot_cis.pdbx_label_comp_id_2   PRO 
_struct_mon_prot_cis.pdbx_label_seq_id_2    29 
_struct_mon_prot_cis.pdbx_label_asym_id_2   A 
_struct_mon_prot_cis.pdbx_PDB_ins_code_2    ? 
_struct_mon_prot_cis.pdbx_auth_comp_id_2    PRO 
_struct_mon_prot_cis.pdbx_auth_seq_id_2     29 
_struct_mon_prot_cis.pdbx_auth_asym_id_2    A 
_struct_mon_prot_cis.pdbx_PDB_model_num     1 
_struct_mon_prot_cis.pdbx_omega_angle       3.84 
# 
loop_
_struct_sheet.id 
_struct_sheet.type 
_struct_sheet.number_strands 
_struct_sheet.details 
A ? 6 ? 
B ? 4 ? 
C ? 5 ? 
D ? 3 ? 
# 
loop_
_struct_sheet_order.sheet_id 
_struct_sheet_order.range_id_1 
_struct_sheet_order.range_id_2 
_struct_sheet_order.offset 
_struct_sheet_order.sense 
A 1 2 ? anti-parallel 
A 2 3 ? anti-parallel 
A 3 4 ? anti-parallel 
A 4 5 ? anti-parallel 
A 5 6 ? anti-parallel 
B 1 2 ? anti-parallel 
B 2 3 ? anti-parallel 
B 3 4 ? anti-parallel 
C 1 2 ? parallel      
C 2 3 ? anti-parallel 
C 3 4 ? anti-parallel 
C 4 5 ? anti-parallel 
D 1 2 ? parallel      
D 2 3 ? anti-parallel 
# 
loop_
_struct_sheet_range.sheet_id 
_struct_sheet_range.id 
_struct_sheet_range.beg_label_comp_id 
_struct_sheet_range.beg_label_asym_id 
_struct_sheet_range.beg_label_seq_id 
_struct_sheet_range.pdbx_beg_PDB_ins_code 
_struct_sheet_range.end_label_comp_id 
_struct_sheet_range.end_label_asym_id 
_struct_sheet_range.end_label_seq_id 
_struct_sheet_range.pdbx_end_PDB_ins_code 
_struct_sheet_range.beg_auth_comp_id 
_struct_sheet_range.beg_auth_asym_id 
_struct_sheet_range.beg_auth_seq_id 
_struct_sheet_range.end_auth_comp_id 
_struct_sheet_range.end_auth_asym_id 
_struct_sheet_range.end_auth_seq_id 
A 1 VAL A 2   ? PHE A 4   ? VAL A 2   PHE A 4   
A 2 GLY A 39  ? GLY A 49  ? GLY A 39  GLY A 49  
A 3 LEU A 115 ? ILE A 128 ? LEU A 115 ILE A 128 
A 4 VAL A 80  ? GLY A 87  ? VAL A 80  GLY A 87  
A 5 GLN A 71  ? GLY A 75  ? GLN A 71  GLY A 75  
A 6 VAL A 64  ? LEU A 68  ? VAL A 64  LEU A 68  
B 1 PHE A 30  ? VAL A 31  ? PHE A 30  VAL A 31  
B 2 LEU A 115 ? ILE A 128 ? LEU A 115 ILE A 128 
B 3 VAL A 80  ? GLY A 87  ? VAL A 80  GLY A 87  
B 4 THR A 95  ? ALA A 96  ? THR A 95  ALA A 96  
C 1 GLU A 9   ? VAL A 12  ? GLU A 9   VAL A 12  
C 2 THR A 163 ? LEU A 168 ? THR A 163 LEU A 168 
C 3 THR A 142 ? PRO A 151 ? THR A 142 PRO A 151 
C 4 CYS A 53  ? VAL A 60  ? CYS A 53  VAL A 60  
C 5 GLU A 103 ? CYS A 110 ? GLU A 103 CYS A 110 
D 1 GLY A 17  ? SER A 21  ? GLY A 17  SER A 21  
D 2 PHE A 171 ? ASP A 175 ? PHE A 171 ASP A 175 
D 3 GLN A 136 ? VAL A 139 ? GLN A 136 VAL A 139 
# 
loop_
_pdbx_struct_sheet_hbond.sheet_id 
_pdbx_struct_sheet_hbond.range_id_1 
_pdbx_struct_sheet_hbond.range_id_2 
_pdbx_struct_sheet_hbond.range_1_label_atom_id 
_pdbx_struct_sheet_hbond.range_1_label_comp_id 
_pdbx_struct_sheet_hbond.range_1_label_asym_id 
_pdbx_struct_sheet_hbond.range_1_label_seq_id 
_pdbx_struct_sheet_hbond.range_1_PDB_ins_code 
_pdbx_struct_sheet_hbond.range_1_auth_atom_id 
_pdbx_struct_sheet_hbond.range_1_auth_comp_id 
_pdbx_struct_sheet_hbond.range_1_auth_asym_id 
_pdbx_struct_sheet_hbond.range_1_auth_seq_id 
_pdbx_struct_sheet_hbond.range_2_label_atom_id 
_pdbx_struct_sheet_hbond.range_2_label_comp_id 
_pdbx_struct_sheet_hbond.range_2_label_asym_id 
_pdbx_struct_sheet_hbond.range_2_label_seq_id 
_pdbx_struct_sheet_hbond.range_2_PDB_ins_code 
_pdbx_struct_sheet_hbond.range_2_auth_atom_id 
_pdbx_struct_sheet_hbond.range_2_auth_comp_id 
_pdbx_struct_sheet_hbond.range_2_auth_asym_id 
_pdbx_struct_sheet_hbond.range_2_auth_seq_id 
A 1 2 N SER A 3   ? N SER A 3   O ARG A 47  ? O ARG A 47  
A 2 3 N ILE A 48  ? N ILE A 48  O SER A 116 ? O SER A 116 
A 3 4 O VAL A 127 ? O VAL A 127 N GLY A 81  ? N GLY A 81  
A 4 5 O LEU A 82  ? O LEU A 82  N TYR A 74  ? N TYR A 74  
A 5 6 O ILE A 73  ? O ILE A 73  N VAL A 65  ? N VAL A 65  
B 1 2 N PHE A 30  ? N PHE A 30  O ILE A 128 ? O ILE A 128 
B 2 3 O VAL A 127 ? O VAL A 127 N GLY A 81  ? N GLY A 81  
B 3 4 N MET A 86  ? N MET A 86  O THR A 95  ? O THR A 95  
C 1 2 N VAL A 12  ? N VAL A 12  O SER A 167 ? O SER A 167 
C 2 3 O LEU A 168 ? O LEU A 168 N THR A 142 ? N THR A 142 
C 3 4 O ARG A 150 ? O ARG A 150 N GLY A 55  ? N GLY A 55  
C 4 5 N GLY A 58  ? N GLY A 58  O GLU A 103 ? O GLU A 103 
D 1 2 N TYR A 19  ? N TYR A 19  O ASN A 174 ? O ASN A 174 
D 2 3 O LEU A 173 ? O LEU A 173 N TYR A 137 ? N TYR A 137 
# 
_pdbx_entry_details.entry_id                   3FFO 
_pdbx_entry_details.compound_details           ? 
_pdbx_entry_details.source_details             ? 
_pdbx_entry_details.nonpolymer_details         ? 
_pdbx_entry_details.sequence_details           ? 
_pdbx_entry_details.has_ligand_of_interest     ? 
_pdbx_entry_details.has_protein_modification   Y 
# 
loop_
_pdbx_validate_torsion.id 
_pdbx_validate_torsion.PDB_model_num 
_pdbx_validate_torsion.auth_comp_id 
_pdbx_validate_torsion.auth_asym_id 
_pdbx_validate_torsion.auth_seq_id 
_pdbx_validate_torsion.PDB_ins_code 
_pdbx_validate_torsion.label_alt_id 
_pdbx_validate_torsion.phi 
_pdbx_validate_torsion.psi 
1 1 ILE A 5   ? ? -140.92 12.50  
2 1 MET A 25  ? ? -70.25  44.15  
3 1 ASN A 113 ? ? -88.25  43.44  
4 1 SER A 155 ? ? -49.61  154.77 
# 
_pdbx_struct_special_symmetry.id              1 
_pdbx_struct_special_symmetry.PDB_model_num   1 
_pdbx_struct_special_symmetry.auth_asym_id    A 
_pdbx_struct_special_symmetry.auth_comp_id    NI 
_pdbx_struct_special_symmetry.auth_seq_id     263 
_pdbx_struct_special_symmetry.PDB_ins_code    ? 
_pdbx_struct_special_symmetry.label_asym_id   C 
_pdbx_struct_special_symmetry.label_comp_id   NI 
_pdbx_struct_special_symmetry.label_seq_id    . 
# 
loop_
_chem_comp_atom.comp_id 
_chem_comp_atom.atom_id 
_chem_comp_atom.type_symbol 
_chem_comp_atom.pdbx_aromatic_flag 
_chem_comp_atom.pdbx_stereo_config 
_chem_comp_atom.pdbx_ordinal 
ALA N    N  N N 1   
ALA CA   C  N S 2   
ALA C    C  N N 3   
ALA O    O  N N 4   
ALA CB   C  N N 5   
ALA OXT  O  N N 6   
ALA H    H  N N 7   
ALA H2   H  N N 8   
ALA HA   H  N N 9   
ALA HB1  H  N N 10  
ALA HB2  H  N N 11  
ALA HB3  H  N N 12  
ALA HXT  H  N N 13  
ARG N    N  N N 14  
ARG CA   C  N S 15  
ARG C    C  N N 16  
ARG O    O  N N 17  
ARG CB   C  N N 18  
ARG CG   C  N N 19  
ARG CD   C  N N 20  
ARG NE   N  N N 21  
ARG CZ   C  N N 22  
ARG NH1  N  N N 23  
ARG NH2  N  N N 24  
ARG OXT  O  N N 25  
ARG H    H  N N 26  
ARG H2   H  N N 27  
ARG HA   H  N N 28  
ARG HB2  H  N N 29  
ARG HB3  H  N N 30  
ARG HG2  H  N N 31  
ARG HG3  H  N N 32  
ARG HD2  H  N N 33  
ARG HD3  H  N N 34  
ARG HE   H  N N 35  
ARG HH11 H  N N 36  
ARG HH12 H  N N 37  
ARG HH21 H  N N 38  
ARG HH22 H  N N 39  
ARG HXT  H  N N 40  
ASN N    N  N N 41  
ASN CA   C  N S 42  
ASN C    C  N N 43  
ASN O    O  N N 44  
ASN CB   C  N N 45  
ASN CG   C  N N 46  
ASN OD1  O  N N 47  
ASN ND2  N  N N 48  
ASN OXT  O  N N 49  
ASN H    H  N N 50  
ASN H2   H  N N 51  
ASN HA   H  N N 52  
ASN HB2  H  N N 53  
ASN HB3  H  N N 54  
ASN HD21 H  N N 55  
ASN HD22 H  N N 56  
ASN HXT  H  N N 57  
ASP N    N  N N 58  
ASP CA   C  N S 59  
ASP C    C  N N 60  
ASP O    O  N N 61  
ASP CB   C  N N 62  
ASP CG   C  N N 63  
ASP OD1  O  N N 64  
ASP OD2  O  N N 65  
ASP OXT  O  N N 66  
ASP H    H  N N 67  
ASP H2   H  N N 68  
ASP HA   H  N N 69  
ASP HB2  H  N N 70  
ASP HB3  H  N N 71  
ASP HD2  H  N N 72  
ASP HXT  H  N N 73  
BMA C1   C  N R 74  
BMA C2   C  N S 75  
BMA C3   C  N S 76  
BMA C4   C  N S 77  
BMA C5   C  N R 78  
BMA C6   C  N N 79  
BMA O1   O  N N 80  
BMA O2   O  N N 81  
BMA O3   O  N N 82  
BMA O4   O  N N 83  
BMA O5   O  N N 84  
BMA O6   O  N N 85  
BMA H1   H  N N 86  
BMA H2   H  N N 87  
BMA H3   H  N N 88  
BMA H4   H  N N 89  
BMA H5   H  N N 90  
BMA H61  H  N N 91  
BMA H62  H  N N 92  
BMA HO1  H  N N 93  
BMA HO2  H  N N 94  
BMA HO3  H  N N 95  
BMA HO4  H  N N 96  
BMA HO6  H  N N 97  
CYS N    N  N N 98  
CYS CA   C  N R 99  
CYS C    C  N N 100 
CYS O    O  N N 101 
CYS CB   C  N N 102 
CYS SG   S  N N 103 
CYS OXT  O  N N 104 
CYS H    H  N N 105 
CYS H2   H  N N 106 
CYS HA   H  N N 107 
CYS HB2  H  N N 108 
CYS HB3  H  N N 109 
CYS HG   H  N N 110 
CYS HXT  H  N N 111 
GLN N    N  N N 112 
GLN CA   C  N S 113 
GLN C    C  N N 114 
GLN O    O  N N 115 
GLN CB   C  N N 116 
GLN CG   C  N N 117 
GLN CD   C  N N 118 
GLN OE1  O  N N 119 
GLN NE2  N  N N 120 
GLN OXT  O  N N 121 
GLN H    H  N N 122 
GLN H2   H  N N 123 
GLN HA   H  N N 124 
GLN HB2  H  N N 125 
GLN HB3  H  N N 126 
GLN HG2  H  N N 127 
GLN HG3  H  N N 128 
GLN HE21 H  N N 129 
GLN HE22 H  N N 130 
GLN HXT  H  N N 131 
GLU N    N  N N 132 
GLU CA   C  N S 133 
GLU C    C  N N 134 
GLU O    O  N N 135 
GLU CB   C  N N 136 
GLU CG   C  N N 137 
GLU CD   C  N N 138 
GLU OE1  O  N N 139 
GLU OE2  O  N N 140 
GLU OXT  O  N N 141 
GLU H    H  N N 142 
GLU H2   H  N N 143 
GLU HA   H  N N 144 
GLU HB2  H  N N 145 
GLU HB3  H  N N 146 
GLU HG2  H  N N 147 
GLU HG3  H  N N 148 
GLU HE2  H  N N 149 
GLU HXT  H  N N 150 
GLY N    N  N N 151 
GLY CA   C  N N 152 
GLY C    C  N N 153 
GLY O    O  N N 154 
GLY OXT  O  N N 155 
GLY H    H  N N 156 
GLY H2   H  N N 157 
GLY HA2  H  N N 158 
GLY HA3  H  N N 159 
GLY HXT  H  N N 160 
HIS N    N  N N 161 
HIS CA   C  N S 162 
HIS C    C  N N 163 
HIS O    O  N N 164 
HIS CB   C  N N 165 
HIS CG   C  Y N 166 
HIS ND1  N  Y N 167 
HIS CD2  C  Y N 168 
HIS CE1  C  Y N 169 
HIS NE2  N  Y N 170 
HIS OXT  O  N N 171 
HIS H    H  N N 172 
HIS H2   H  N N 173 
HIS HA   H  N N 174 
HIS HB2  H  N N 175 
HIS HB3  H  N N 176 
HIS HD1  H  N N 177 
HIS HD2  H  N N 178 
HIS HE1  H  N N 179 
HIS HE2  H  N N 180 
HIS HXT  H  N N 181 
HOH O    O  N N 182 
HOH H1   H  N N 183 
HOH H2   H  N N 184 
ILE N    N  N N 185 
ILE CA   C  N S 186 
ILE C    C  N N 187 
ILE O    O  N N 188 
ILE CB   C  N S 189 
ILE CG1  C  N N 190 
ILE CG2  C  N N 191 
ILE CD1  C  N N 192 
ILE OXT  O  N N 193 
ILE H    H  N N 194 
ILE H2   H  N N 195 
ILE HA   H  N N 196 
ILE HB   H  N N 197 
ILE HG12 H  N N 198 
ILE HG13 H  N N 199 
ILE HG21 H  N N 200 
ILE HG22 H  N N 201 
ILE HG23 H  N N 202 
ILE HD11 H  N N 203 
ILE HD12 H  N N 204 
ILE HD13 H  N N 205 
ILE HXT  H  N N 206 
LEU N    N  N N 207 
LEU CA   C  N S 208 
LEU C    C  N N 209 
LEU O    O  N N 210 
LEU CB   C  N N 211 
LEU CG   C  N N 212 
LEU CD1  C  N N 213 
LEU CD2  C  N N 214 
LEU OXT  O  N N 215 
LEU H    H  N N 216 
LEU H2   H  N N 217 
LEU HA   H  N N 218 
LEU HB2  H  N N 219 
LEU HB3  H  N N 220 
LEU HG   H  N N 221 
LEU HD11 H  N N 222 
LEU HD12 H  N N 223 
LEU HD13 H  N N 224 
LEU HD21 H  N N 225 
LEU HD22 H  N N 226 
LEU HD23 H  N N 227 
LEU HXT  H  N N 228 
LYS N    N  N N 229 
LYS CA   C  N S 230 
LYS C    C  N N 231 
LYS O    O  N N 232 
LYS CB   C  N N 233 
LYS CG   C  N N 234 
LYS CD   C  N N 235 
LYS CE   C  N N 236 
LYS NZ   N  N N 237 
LYS OXT  O  N N 238 
LYS H    H  N N 239 
LYS H2   H  N N 240 
LYS HA   H  N N 241 
LYS HB2  H  N N 242 
LYS HB3  H  N N 243 
LYS HG2  H  N N 244 
LYS HG3  H  N N 245 
LYS HD2  H  N N 246 
LYS HD3  H  N N 247 
LYS HE2  H  N N 248 
LYS HE3  H  N N 249 
LYS HZ1  H  N N 250 
LYS HZ2  H  N N 251 
LYS HZ3  H  N N 252 
LYS HXT  H  N N 253 
MET N    N  N N 254 
MET CA   C  N S 255 
MET C    C  N N 256 
MET O    O  N N 257 
MET CB   C  N N 258 
MET CG   C  N N 259 
MET SD   S  N N 260 
MET CE   C  N N 261 
MET OXT  O  N N 262 
MET H    H  N N 263 
MET H2   H  N N 264 
MET HA   H  N N 265 
MET HB2  H  N N 266 
MET HB3  H  N N 267 
MET HG2  H  N N 268 
MET HG3  H  N N 269 
MET HE1  H  N N 270 
MET HE2  H  N N 271 
MET HE3  H  N N 272 
MET HXT  H  N N 273 
NAG C1   C  N R 274 
NAG C2   C  N R 275 
NAG C3   C  N R 276 
NAG C4   C  N S 277 
NAG C5   C  N R 278 
NAG C6   C  N N 279 
NAG C7   C  N N 280 
NAG C8   C  N N 281 
NAG N2   N  N N 282 
NAG O1   O  N N 283 
NAG O3   O  N N 284 
NAG O4   O  N N 285 
NAG O5   O  N N 286 
NAG O6   O  N N 287 
NAG O7   O  N N 288 
NAG H1   H  N N 289 
NAG H2   H  N N 290 
NAG H3   H  N N 291 
NAG H4   H  N N 292 
NAG H5   H  N N 293 
NAG H61  H  N N 294 
NAG H62  H  N N 295 
NAG H81  H  N N 296 
NAG H82  H  N N 297 
NAG H83  H  N N 298 
NAG HN2  H  N N 299 
NAG HO1  H  N N 300 
NAG HO3  H  N N 301 
NAG HO4  H  N N 302 
NAG HO6  H  N N 303 
NI  NI   NI N N 304 
PHE N    N  N N 305 
PHE CA   C  N S 306 
PHE C    C  N N 307 
PHE O    O  N N 308 
PHE CB   C  N N 309 
PHE CG   C  Y N 310 
PHE CD1  C  Y N 311 
PHE CD2  C  Y N 312 
PHE CE1  C  Y N 313 
PHE CE2  C  Y N 314 
PHE CZ   C  Y N 315 
PHE OXT  O  N N 316 
PHE H    H  N N 317 
PHE H2   H  N N 318 
PHE HA   H  N N 319 
PHE HB2  H  N N 320 
PHE HB3  H  N N 321 
PHE HD1  H  N N 322 
PHE HD2  H  N N 323 
PHE HE1  H  N N 324 
PHE HE2  H  N N 325 
PHE HZ   H  N N 326 
PHE HXT  H  N N 327 
PRO N    N  N N 328 
PRO CA   C  N S 329 
PRO C    C  N N 330 
PRO O    O  N N 331 
PRO CB   C  N N 332 
PRO CG   C  N N 333 
PRO CD   C  N N 334 
PRO OXT  O  N N 335 
PRO H    H  N N 336 
PRO HA   H  N N 337 
PRO HB2  H  N N 338 
PRO HB3  H  N N 339 
PRO HG2  H  N N 340 
PRO HG3  H  N N 341 
PRO HD2  H  N N 342 
PRO HD3  H  N N 343 
PRO HXT  H  N N 344 
SER N    N  N N 345 
SER CA   C  N S 346 
SER C    C  N N 347 
SER O    O  N N 348 
SER CB   C  N N 349 
SER OG   O  N N 350 
SER OXT  O  N N 351 
SER H    H  N N 352 
SER H2   H  N N 353 
SER HA   H  N N 354 
SER HB2  H  N N 355 
SER HB3  H  N N 356 
SER HG   H  N N 357 
SER HXT  H  N N 358 
SO4 S    S  N N 359 
SO4 O1   O  N N 360 
SO4 O2   O  N N 361 
SO4 O3   O  N N 362 
SO4 O4   O  N N 363 
THR N    N  N N 364 
THR CA   C  N S 365 
THR C    C  N N 366 
THR O    O  N N 367 
THR CB   C  N R 368 
THR OG1  O  N N 369 
THR CG2  C  N N 370 
THR OXT  O  N N 371 
THR H    H  N N 372 
THR H2   H  N N 373 
THR HA   H  N N 374 
THR HB   H  N N 375 
THR HG1  H  N N 376 
THR HG21 H  N N 377 
THR HG22 H  N N 378 
THR HG23 H  N N 379 
THR HXT  H  N N 380 
TRP N    N  N N 381 
TRP CA   C  N S 382 
TRP C    C  N N 383 
TRP O    O  N N 384 
TRP CB   C  N N 385 
TRP CG   C  Y N 386 
TRP CD1  C  Y N 387 
TRP CD2  C  Y N 388 
TRP NE1  N  Y N 389 
TRP CE2  C  Y N 390 
TRP CE3  C  Y N 391 
TRP CZ2  C  Y N 392 
TRP CZ3  C  Y N 393 
TRP CH2  C  Y N 394 
TRP OXT  O  N N 395 
TRP H    H  N N 396 
TRP H2   H  N N 397 
TRP HA   H  N N 398 
TRP HB2  H  N N 399 
TRP HB3  H  N N 400 
TRP HD1  H  N N 401 
TRP HE1  H  N N 402 
TRP HE3  H  N N 403 
TRP HZ2  H  N N 404 
TRP HZ3  H  N N 405 
TRP HH2  H  N N 406 
TRP HXT  H  N N 407 
TRS C    C  N N 408 
TRS C1   C  N N 409 
TRS C2   C  N N 410 
TRS C3   C  N N 411 
TRS N    N  N N 412 
TRS O1   O  N N 413 
TRS O2   O  N N 414 
TRS O3   O  N N 415 
TRS H11  H  N N 416 
TRS H12  H  N N 417 
TRS H21  H  N N 418 
TRS H22  H  N N 419 
TRS H31  H  N N 420 
TRS H32  H  N N 421 
TRS HN1  H  N N 422 
TRS HN2  H  N N 423 
TRS HN3  H  N N 424 
TRS HO1  H  N N 425 
TRS HO2  H  N N 426 
TRS HO3  H  N N 427 
TYR N    N  N N 428 
TYR CA   C  N S 429 
TYR C    C  N N 430 
TYR O    O  N N 431 
TYR CB   C  N N 432 
TYR CG   C  Y N 433 
TYR CD1  C  Y N 434 
TYR CD2  C  Y N 435 
TYR CE1  C  Y N 436 
TYR CE2  C  Y N 437 
TYR CZ   C  Y N 438 
TYR OH   O  N N 439 
TYR OXT  O  N N 440 
TYR H    H  N N 441 
TYR H2   H  N N 442 
TYR HA   H  N N 443 
TYR HB2  H  N N 444 
TYR HB3  H  N N 445 
TYR HD1  H  N N 446 
TYR HD2  H  N N 447 
TYR HE1  H  N N 448 
TYR HE2  H  N N 449 
TYR HH   H  N N 450 
TYR HXT  H  N N 451 
VAL N    N  N N 452 
VAL CA   C  N S 453 
VAL C    C  N N 454 
VAL O    O  N N 455 
VAL CB   C  N N 456 
VAL CG1  C  N N 457 
VAL CG2  C  N N 458 
VAL OXT  O  N N 459 
VAL H    H  N N 460 
VAL H2   H  N N 461 
VAL HA   H  N N 462 
VAL HB   H  N N 463 
VAL HG11 H  N N 464 
VAL HG12 H  N N 465 
VAL HG13 H  N N 466 
VAL HG21 H  N N 467 
VAL HG22 H  N N 468 
VAL HG23 H  N N 469 
VAL HXT  H  N N 470 
# 
loop_
_chem_comp_bond.comp_id 
_chem_comp_bond.atom_id_1 
_chem_comp_bond.atom_id_2 
_chem_comp_bond.value_order 
_chem_comp_bond.pdbx_aromatic_flag 
_chem_comp_bond.pdbx_stereo_config 
_chem_comp_bond.pdbx_ordinal 
ALA N   CA   sing N N 1   
ALA N   H    sing N N 2   
ALA N   H2   sing N N 3   
ALA CA  C    sing N N 4   
ALA CA  CB   sing N N 5   
ALA CA  HA   sing N N 6   
ALA C   O    doub N N 7   
ALA C   OXT  sing N N 8   
ALA CB  HB1  sing N N 9   
ALA CB  HB2  sing N N 10  
ALA CB  HB3  sing N N 11  
ALA OXT HXT  sing N N 12  
ARG N   CA   sing N N 13  
ARG N   H    sing N N 14  
ARG N   H2   sing N N 15  
ARG CA  C    sing N N 16  
ARG CA  CB   sing N N 17  
ARG CA  HA   sing N N 18  
ARG C   O    doub N N 19  
ARG C   OXT  sing N N 20  
ARG CB  CG   sing N N 21  
ARG CB  HB2  sing N N 22  
ARG CB  HB3  sing N N 23  
ARG CG  CD   sing N N 24  
ARG CG  HG2  sing N N 25  
ARG CG  HG3  sing N N 26  
ARG CD  NE   sing N N 27  
ARG CD  HD2  sing N N 28  
ARG CD  HD3  sing N N 29  
ARG NE  CZ   sing N N 30  
ARG NE  HE   sing N N 31  
ARG CZ  NH1  sing N N 32  
ARG CZ  NH2  doub N N 33  
ARG NH1 HH11 sing N N 34  
ARG NH1 HH12 sing N N 35  
ARG NH2 HH21 sing N N 36  
ARG NH2 HH22 sing N N 37  
ARG OXT HXT  sing N N 38  
ASN N   CA   sing N N 39  
ASN N   H    sing N N 40  
ASN N   H2   sing N N 41  
ASN CA  C    sing N N 42  
ASN CA  CB   sing N N 43  
ASN CA  HA   sing N N 44  
ASN C   O    doub N N 45  
ASN C   OXT  sing N N 46  
ASN CB  CG   sing N N 47  
ASN CB  HB2  sing N N 48  
ASN CB  HB3  sing N N 49  
ASN CG  OD1  doub N N 50  
ASN CG  ND2  sing N N 51  
ASN ND2 HD21 sing N N 52  
ASN ND2 HD22 sing N N 53  
ASN OXT HXT  sing N N 54  
ASP N   CA   sing N N 55  
ASP N   H    sing N N 56  
ASP N   H2   sing N N 57  
ASP CA  C    sing N N 58  
ASP CA  CB   sing N N 59  
ASP CA  HA   sing N N 60  
ASP C   O    doub N N 61  
ASP C   OXT  sing N N 62  
ASP CB  CG   sing N N 63  
ASP CB  HB2  sing N N 64  
ASP CB  HB3  sing N N 65  
ASP CG  OD1  doub N N 66  
ASP CG  OD2  sing N N 67  
ASP OD2 HD2  sing N N 68  
ASP OXT HXT  sing N N 69  
BMA C1  C2   sing N N 70  
BMA C1  O1   sing N N 71  
BMA C1  O5   sing N N 72  
BMA C1  H1   sing N N 73  
BMA C2  C3   sing N N 74  
BMA C2  O2   sing N N 75  
BMA C2  H2   sing N N 76  
BMA C3  C4   sing N N 77  
BMA C3  O3   sing N N 78  
BMA C3  H3   sing N N 79  
BMA C4  C5   sing N N 80  
BMA C4  O4   sing N N 81  
BMA C4  H4   sing N N 82  
BMA C5  C6   sing N N 83  
BMA C5  O5   sing N N 84  
BMA C5  H5   sing N N 85  
BMA C6  O6   sing N N 86  
BMA C6  H61  sing N N 87  
BMA C6  H62  sing N N 88  
BMA O1  HO1  sing N N 89  
BMA O2  HO2  sing N N 90  
BMA O3  HO3  sing N N 91  
BMA O4  HO4  sing N N 92  
BMA O6  HO6  sing N N 93  
CYS N   CA   sing N N 94  
CYS N   H    sing N N 95  
CYS N   H2   sing N N 96  
CYS CA  C    sing N N 97  
CYS CA  CB   sing N N 98  
CYS CA  HA   sing N N 99  
CYS C   O    doub N N 100 
CYS C   OXT  sing N N 101 
CYS CB  SG   sing N N 102 
CYS CB  HB2  sing N N 103 
CYS CB  HB3  sing N N 104 
CYS SG  HG   sing N N 105 
CYS OXT HXT  sing N N 106 
GLN N   CA   sing N N 107 
GLN N   H    sing N N 108 
GLN N   H2   sing N N 109 
GLN CA  C    sing N N 110 
GLN CA  CB   sing N N 111 
GLN CA  HA   sing N N 112 
GLN C   O    doub N N 113 
GLN C   OXT  sing N N 114 
GLN CB  CG   sing N N 115 
GLN CB  HB2  sing N N 116 
GLN CB  HB3  sing N N 117 
GLN CG  CD   sing N N 118 
GLN CG  HG2  sing N N 119 
GLN CG  HG3  sing N N 120 
GLN CD  OE1  doub N N 121 
GLN CD  NE2  sing N N 122 
GLN NE2 HE21 sing N N 123 
GLN NE2 HE22 sing N N 124 
GLN OXT HXT  sing N N 125 
GLU N   CA   sing N N 126 
GLU N   H    sing N N 127 
GLU N   H2   sing N N 128 
GLU CA  C    sing N N 129 
GLU CA  CB   sing N N 130 
GLU CA  HA   sing N N 131 
GLU C   O    doub N N 132 
GLU C   OXT  sing N N 133 
GLU CB  CG   sing N N 134 
GLU CB  HB2  sing N N 135 
GLU CB  HB3  sing N N 136 
GLU CG  CD   sing N N 137 
GLU CG  HG2  sing N N 138 
GLU CG  HG3  sing N N 139 
GLU CD  OE1  doub N N 140 
GLU CD  OE2  sing N N 141 
GLU OE2 HE2  sing N N 142 
GLU OXT HXT  sing N N 143 
GLY N   CA   sing N N 144 
GLY N   H    sing N N 145 
GLY N   H2   sing N N 146 
GLY CA  C    sing N N 147 
GLY CA  HA2  sing N N 148 
GLY CA  HA3  sing N N 149 
GLY C   O    doub N N 150 
GLY C   OXT  sing N N 151 
GLY OXT HXT  sing N N 152 
HIS N   CA   sing N N 153 
HIS N   H    sing N N 154 
HIS N   H2   sing N N 155 
HIS CA  C    sing N N 156 
HIS CA  CB   sing N N 157 
HIS CA  HA   sing N N 158 
HIS C   O    doub N N 159 
HIS C   OXT  sing N N 160 
HIS CB  CG   sing N N 161 
HIS CB  HB2  sing N N 162 
HIS CB  HB3  sing N N 163 
HIS CG  ND1  sing Y N 164 
HIS CG  CD2  doub Y N 165 
HIS ND1 CE1  doub Y N 166 
HIS ND1 HD1  sing N N 167 
HIS CD2 NE2  sing Y N 168 
HIS CD2 HD2  sing N N 169 
HIS CE1 NE2  sing Y N 170 
HIS CE1 HE1  sing N N 171 
HIS NE2 HE2  sing N N 172 
HIS OXT HXT  sing N N 173 
HOH O   H1   sing N N 174 
HOH O   H2   sing N N 175 
ILE N   CA   sing N N 176 
ILE N   H    sing N N 177 
ILE N   H2   sing N N 178 
ILE CA  C    sing N N 179 
ILE CA  CB   sing N N 180 
ILE CA  HA   sing N N 181 
ILE C   O    doub N N 182 
ILE C   OXT  sing N N 183 
ILE CB  CG1  sing N N 184 
ILE CB  CG2  sing N N 185 
ILE CB  HB   sing N N 186 
ILE CG1 CD1  sing N N 187 
ILE CG1 HG12 sing N N 188 
ILE CG1 HG13 sing N N 189 
ILE CG2 HG21 sing N N 190 
ILE CG2 HG22 sing N N 191 
ILE CG2 HG23 sing N N 192 
ILE CD1 HD11 sing N N 193 
ILE CD1 HD12 sing N N 194 
ILE CD1 HD13 sing N N 195 
ILE OXT HXT  sing N N 196 
LEU N   CA   sing N N 197 
LEU N   H    sing N N 198 
LEU N   H2   sing N N 199 
LEU CA  C    sing N N 200 
LEU CA  CB   sing N N 201 
LEU CA  HA   sing N N 202 
LEU C   O    doub N N 203 
LEU C   OXT  sing N N 204 
LEU CB  CG   sing N N 205 
LEU CB  HB2  sing N N 206 
LEU CB  HB3  sing N N 207 
LEU CG  CD1  sing N N 208 
LEU CG  CD2  sing N N 209 
LEU CG  HG   sing N N 210 
LEU CD1 HD11 sing N N 211 
LEU CD1 HD12 sing N N 212 
LEU CD1 HD13 sing N N 213 
LEU CD2 HD21 sing N N 214 
LEU CD2 HD22 sing N N 215 
LEU CD2 HD23 sing N N 216 
LEU OXT HXT  sing N N 217 
LYS N   CA   sing N N 218 
LYS N   H    sing N N 219 
LYS N   H2   sing N N 220 
LYS CA  C    sing N N 221 
LYS CA  CB   sing N N 222 
LYS CA  HA   sing N N 223 
LYS C   O    doub N N 224 
LYS C   OXT  sing N N 225 
LYS CB  CG   sing N N 226 
LYS CB  HB2  sing N N 227 
LYS CB  HB3  sing N N 228 
LYS CG  CD   sing N N 229 
LYS CG  HG2  sing N N 230 
LYS CG  HG3  sing N N 231 
LYS CD  CE   sing N N 232 
LYS CD  HD2  sing N N 233 
LYS CD  HD3  sing N N 234 
LYS CE  NZ   sing N N 235 
LYS CE  HE2  sing N N 236 
LYS CE  HE3  sing N N 237 
LYS NZ  HZ1  sing N N 238 
LYS NZ  HZ2  sing N N 239 
LYS NZ  HZ3  sing N N 240 
LYS OXT HXT  sing N N 241 
MET N   CA   sing N N 242 
MET N   H    sing N N 243 
MET N   H2   sing N N 244 
MET CA  C    sing N N 245 
MET CA  CB   sing N N 246 
MET CA  HA   sing N N 247 
MET C   O    doub N N 248 
MET C   OXT  sing N N 249 
MET CB  CG   sing N N 250 
MET CB  HB2  sing N N 251 
MET CB  HB3  sing N N 252 
MET CG  SD   sing N N 253 
MET CG  HG2  sing N N 254 
MET CG  HG3  sing N N 255 
MET SD  CE   sing N N 256 
MET CE  HE1  sing N N 257 
MET CE  HE2  sing N N 258 
MET CE  HE3  sing N N 259 
MET OXT HXT  sing N N 260 
NAG C1  C2   sing N N 261 
NAG C1  O1   sing N N 262 
NAG C1  O5   sing N N 263 
NAG C1  H1   sing N N 264 
NAG C2  C3   sing N N 265 
NAG C2  N2   sing N N 266 
NAG C2  H2   sing N N 267 
NAG C3  C4   sing N N 268 
NAG C3  O3   sing N N 269 
NAG C3  H3   sing N N 270 
NAG C4  C5   sing N N 271 
NAG C4  O4   sing N N 272 
NAG C4  H4   sing N N 273 
NAG C5  C6   sing N N 274 
NAG C5  O5   sing N N 275 
NAG C5  H5   sing N N 276 
NAG C6  O6   sing N N 277 
NAG C6  H61  sing N N 278 
NAG C6  H62  sing N N 279 
NAG C7  C8   sing N N 280 
NAG C7  N2   sing N N 281 
NAG C7  O7   doub N N 282 
NAG C8  H81  sing N N 283 
NAG C8  H82  sing N N 284 
NAG C8  H83  sing N N 285 
NAG N2  HN2  sing N N 286 
NAG O1  HO1  sing N N 287 
NAG O3  HO3  sing N N 288 
NAG O4  HO4  sing N N 289 
NAG O6  HO6  sing N N 290 
PHE N   CA   sing N N 291 
PHE N   H    sing N N 292 
PHE N   H2   sing N N 293 
PHE CA  C    sing N N 294 
PHE CA  CB   sing N N 295 
PHE CA  HA   sing N N 296 
PHE C   O    doub N N 297 
PHE C   OXT  sing N N 298 
PHE CB  CG   sing N N 299 
PHE CB  HB2  sing N N 300 
PHE CB  HB3  sing N N 301 
PHE CG  CD1  doub Y N 302 
PHE CG  CD2  sing Y N 303 
PHE CD1 CE1  sing Y N 304 
PHE CD1 HD1  sing N N 305 
PHE CD2 CE2  doub Y N 306 
PHE CD2 HD2  sing N N 307 
PHE CE1 CZ   doub Y N 308 
PHE CE1 HE1  sing N N 309 
PHE CE2 CZ   sing Y N 310 
PHE CE2 HE2  sing N N 311 
PHE CZ  HZ   sing N N 312 
PHE OXT HXT  sing N N 313 
PRO N   CA   sing N N 314 
PRO N   CD   sing N N 315 
PRO N   H    sing N N 316 
PRO CA  C    sing N N 317 
PRO CA  CB   sing N N 318 
PRO CA  HA   sing N N 319 
PRO C   O    doub N N 320 
PRO C   OXT  sing N N 321 
PRO CB  CG   sing N N 322 
PRO CB  HB2  sing N N 323 
PRO CB  HB3  sing N N 324 
PRO CG  CD   sing N N 325 
PRO CG  HG2  sing N N 326 
PRO CG  HG3  sing N N 327 
PRO CD  HD2  sing N N 328 
PRO CD  HD3  sing N N 329 
PRO OXT HXT  sing N N 330 
SER N   CA   sing N N 331 
SER N   H    sing N N 332 
SER N   H2   sing N N 333 
SER CA  C    sing N N 334 
SER CA  CB   sing N N 335 
SER CA  HA   sing N N 336 
SER C   O    doub N N 337 
SER C   OXT  sing N N 338 
SER CB  OG   sing N N 339 
SER CB  HB2  sing N N 340 
SER CB  HB3  sing N N 341 
SER OG  HG   sing N N 342 
SER OXT HXT  sing N N 343 
SO4 S   O1   doub N N 344 
SO4 S   O2   doub N N 345 
SO4 S   O3   sing N N 346 
SO4 S   O4   sing N N 347 
THR N   CA   sing N N 348 
THR N   H    sing N N 349 
THR N   H2   sing N N 350 
THR CA  C    sing N N 351 
THR CA  CB   sing N N 352 
THR CA  HA   sing N N 353 
THR C   O    doub N N 354 
THR C   OXT  sing N N 355 
THR CB  OG1  sing N N 356 
THR CB  CG2  sing N N 357 
THR CB  HB   sing N N 358 
THR OG1 HG1  sing N N 359 
THR CG2 HG21 sing N N 360 
THR CG2 HG22 sing N N 361 
THR CG2 HG23 sing N N 362 
THR OXT HXT  sing N N 363 
TRP N   CA   sing N N 364 
TRP N   H    sing N N 365 
TRP N   H2   sing N N 366 
TRP CA  C    sing N N 367 
TRP CA  CB   sing N N 368 
TRP CA  HA   sing N N 369 
TRP C   O    doub N N 370 
TRP C   OXT  sing N N 371 
TRP CB  CG   sing N N 372 
TRP CB  HB2  sing N N 373 
TRP CB  HB3  sing N N 374 
TRP CG  CD1  doub Y N 375 
TRP CG  CD2  sing Y N 376 
TRP CD1 NE1  sing Y N 377 
TRP CD1 HD1  sing N N 378 
TRP CD2 CE2  doub Y N 379 
TRP CD2 CE3  sing Y N 380 
TRP NE1 CE2  sing Y N 381 
TRP NE1 HE1  sing N N 382 
TRP CE2 CZ2  sing Y N 383 
TRP CE3 CZ3  doub Y N 384 
TRP CE3 HE3  sing N N 385 
TRP CZ2 CH2  doub Y N 386 
TRP CZ2 HZ2  sing N N 387 
TRP CZ3 CH2  sing Y N 388 
TRP CZ3 HZ3  sing N N 389 
TRP CH2 HH2  sing N N 390 
TRP OXT HXT  sing N N 391 
TRS C   C1   sing N N 392 
TRS C   C2   sing N N 393 
TRS C   C3   sing N N 394 
TRS C   N    sing N N 395 
TRS C1  O1   sing N N 396 
TRS C1  H11  sing N N 397 
TRS C1  H12  sing N N 398 
TRS C2  O2   sing N N 399 
TRS C2  H21  sing N N 400 
TRS C2  H22  sing N N 401 
TRS C3  O3   sing N N 402 
TRS C3  H31  sing N N 403 
TRS C3  H32  sing N N 404 
TRS N   HN1  sing N N 405 
TRS N   HN2  sing N N 406 
TRS N   HN3  sing N N 407 
TRS O1  HO1  sing N N 408 
TRS O2  HO2  sing N N 409 
TRS O3  HO3  sing N N 410 
TYR N   CA   sing N N 411 
TYR N   H    sing N N 412 
TYR N   H2   sing N N 413 
TYR CA  C    sing N N 414 
TYR CA  CB   sing N N 415 
TYR CA  HA   sing N N 416 
TYR C   O    doub N N 417 
TYR C   OXT  sing N N 418 
TYR CB  CG   sing N N 419 
TYR CB  HB2  sing N N 420 
TYR CB  HB3  sing N N 421 
TYR CG  CD1  doub Y N 422 
TYR CG  CD2  sing Y N 423 
TYR CD1 CE1  sing Y N 424 
TYR CD1 HD1  sing N N 425 
TYR CD2 CE2  doub Y N 426 
TYR CD2 HD2  sing N N 427 
TYR CE1 CZ   doub Y N 428 
TYR CE1 HE1  sing N N 429 
TYR CE2 CZ   sing Y N 430 
TYR CE2 HE2  sing N N 431 
TYR CZ  OH   sing N N 432 
TYR OH  HH   sing N N 433 
TYR OXT HXT  sing N N 434 
VAL N   CA   sing N N 435 
VAL N   H    sing N N 436 
VAL N   H2   sing N N 437 
VAL CA  C    sing N N 438 
VAL CA  CB   sing N N 439 
VAL CA  HA   sing N N 440 
VAL C   O    doub N N 441 
VAL C   OXT  sing N N 442 
VAL CB  CG1  sing N N 443 
VAL CB  CG2  sing N N 444 
VAL CB  HB   sing N N 445 
VAL CG1 HG11 sing N N 446 
VAL CG1 HG12 sing N N 447 
VAL CG1 HG13 sing N N 448 
VAL CG2 HG21 sing N N 449 
VAL CG2 HG22 sing N N 450 
VAL CG2 HG23 sing N N 451 
VAL OXT HXT  sing N N 452 
# 
loop_
_pdbx_entity_branch_list.entity_id 
_pdbx_entity_branch_list.comp_id 
_pdbx_entity_branch_list.num 
_pdbx_entity_branch_list.hetero 
2 BMA 1 n 
2 NAG 2 n 
# 
_pdbx_initial_refinement_model.id               1 
_pdbx_initial_refinement_model.entity_id_list   ? 
_pdbx_initial_refinement_model.type             'experimental model' 
_pdbx_initial_refinement_model.source_name      PDB 
_pdbx_initial_refinement_model.accession_code   1O9V 
_pdbx_initial_refinement_model.details          ? 
# 
_atom_sites.entry_id                    3FFO 
_atom_sites.fract_transf_matrix[1][1]   0.00789025 
_atom_sites.fract_transf_matrix[1][2]   -0.00456636 
_atom_sites.fract_transf_matrix[1][3]   -0.00956488 
_atom_sites.fract_transf_matrix[2][1]   0.00327749 
_atom_sites.fract_transf_matrix[2][2]   -0.01279620 
_atom_sites.fract_transf_matrix[2][3]   -0.00031427 
_atom_sites.fract_transf_matrix[3][1]   -0.01408263 
_atom_sites.fract_transf_matrix[3][2]   -0.00336109 
_atom_sites.fract_transf_matrix[3][3]   -0.01001241 
_atom_sites.fract_transf_vector[1]      0.124193 
_atom_sites.fract_transf_vector[2]      0.829629 
_atom_sites.fract_transf_vector[3]      -0.010740 
# 
loop_
_atom_type.symbol 
C  
N  
NI 
O  
S  
# 
loop_
_atom_site.group_PDB 
_atom_site.id 
_atom_site.type_symbol 
_atom_site.label_atom_id 
_atom_site.label_alt_id 
_atom_site.label_comp_id 
_atom_site.label_asym_id 
_atom_site.label_entity_id 
_atom_site.label_seq_id 
_atom_site.pdbx_PDB_ins_code 
_atom_site.Cartn_x 
_atom_site.Cartn_y 
_atom_site.Cartn_z 
_atom_site.occupancy 
_atom_site.B_iso_or_equiv 
_atom_site.pdbx_formal_charge 
_atom_site.auth_seq_id 
_atom_site.auth_comp_id 
_atom_site.auth_asym_id 
_atom_site.auth_atom_id 
_atom_site.pdbx_PDB_model_num 
ATOM   1    N  N   . VAL A 1 1   ? -14.804 19.380  -11.179 1.00 69.15  ? 1   VAL A N   1 
ATOM   2    C  CA  . VAL A 1 1   ? -13.901 18.475  -11.880 1.00 73.62  ? 1   VAL A CA  1 
ATOM   3    C  C   . VAL A 1 1   ? -12.721 18.098  -10.974 1.00 60.53  ? 1   VAL A C   1 
ATOM   4    O  O   . VAL A 1 1   ? -12.886 18.023  -9.754  1.00 58.42  ? 1   VAL A O   1 
ATOM   5    C  CB  . VAL A 1 1   ? -13.430 19.074  -13.228 1.00 80.97  ? 1   VAL A CB  1 
ATOM   6    C  CG1 . VAL A 1 1   ? -12.487 20.257  -13.002 1.00 74.82  ? 1   VAL A CG1 1 
ATOM   7    C  CG2 . VAL A 1 1   ? -12.801 17.997  -14.117 1.00 70.32  ? 1   VAL A CG2 1 
ATOM   8    N  N   . VAL A 1 2   ? -11.542 17.871  -11.552 1.00 49.86  ? 2   VAL A N   1 
ATOM   9    C  CA  . VAL A 1 2   ? -10.440 17.286  -10.790 1.00 52.78  ? 2   VAL A CA  1 
ATOM   10   C  C   . VAL A 1 2   ? -9.042  17.785  -11.172 1.00 63.46  ? 2   VAL A C   1 
ATOM   11   O  O   . VAL A 1 2   ? -8.765  18.077  -12.338 1.00 61.17  ? 2   VAL A O   1 
ATOM   12   C  CB  . VAL A 1 2   ? -10.445 15.754  -10.931 1.00 53.87  ? 2   VAL A CB  1 
ATOM   13   C  CG1 . VAL A 1 2   ? -10.077 15.356  -12.357 1.00 49.82  ? 2   VAL A CG1 1 
ATOM   14   C  CG2 . VAL A 1 2   ? -9.479  15.126  -9.935  1.00 60.54  ? 2   VAL A CG2 1 
ATOM   15   N  N   . SER A 1 3   ? -8.161  17.860  -10.175 1.00 58.28  ? 3   SER A N   1 
ATOM   16   C  CA  . SER A 1 3   ? -6.757  18.194  -10.399 1.00 63.53  ? 3   SER A CA  1 
ATOM   17   C  C   . SER A 1 3   ? -5.848  17.306  -9.553  1.00 58.71  ? 3   SER A C   1 
ATOM   18   O  O   . SER A 1 3   ? -6.207  16.937  -8.433  1.00 53.76  ? 3   SER A O   1 
ATOM   19   C  CB  . SER A 1 3   ? -6.494  19.663  -10.052 1.00 68.74  ? 3   SER A CB  1 
ATOM   20   O  OG  . SER A 1 3   ? -6.653  19.898  -8.659  1.00 65.76  ? 3   SER A OG  1 
ATOM   21   N  N   . PHE A 1 4   ? -4.675  16.977  -10.092 1.00 48.07  ? 4   PHE A N   1 
ATOM   22   C  CA  . PHE A 1 4   ? -3.645  16.249  -9.347  1.00 56.03  ? 4   PHE A CA  1 
ATOM   23   C  C   . PHE A 1 4   ? -2.821  17.215  -8.494  1.00 57.90  ? 4   PHE A C   1 
ATOM   24   O  O   . PHE A 1 4   ? -2.400  18.266  -8.969  1.00 56.61  ? 4   PHE A O   1 
ATOM   25   C  CB  . PHE A 1 4   ? -2.730  15.474  -10.307 1.00 51.69  ? 4   PHE A CB  1 
ATOM   26   C  CG  . PHE A 1 4   ? -1.660  14.668  -9.615  1.00 46.78  ? 4   PHE A CG  1 
ATOM   27   C  CD1 . PHE A 1 4   ? -1.998  13.639  -8.748  1.00 53.32  ? 4   PHE A CD1 1 
ATOM   28   C  CD2 . PHE A 1 4   ? -0.320  14.930  -9.840  1.00 52.43  ? 4   PHE A CD2 1 
ATOM   29   C  CE1 . PHE A 1 4   ? -1.019  12.894  -8.108  1.00 49.16  ? 4   PHE A CE1 1 
ATOM   30   C  CE2 . PHE A 1 4   ? 0.670   14.192  -9.204  1.00 63.09  ? 4   PHE A CE2 1 
ATOM   31   C  CZ  . PHE A 1 4   ? 0.319   13.168  -8.338  1.00 59.32  ? 4   PHE A CZ  1 
ATOM   32   N  N   . ILE A 1 5   ? -2.597  16.863  -7.232  1.00 61.55  ? 5   ILE A N   1 
ATOM   33   C  CA  . ILE A 1 5   ? -1.894  17.755  -6.313  1.00 56.62  ? 5   ILE A CA  1 
ATOM   34   C  C   . ILE A 1 5   ? -0.930  17.030  -5.371  1.00 56.77  ? 5   ILE A C   1 
ATOM   35   O  O   . ILE A 1 5   ? -0.448  17.614  -4.398  1.00 45.92  ? 5   ILE A O   1 
ATOM   36   C  CB  . ILE A 1 5   ? -2.886  18.589  -5.468  1.00 54.31  ? 5   ILE A CB  1 
ATOM   37   C  CG1 . ILE A 1 5   ? -3.940  17.677  -4.839  1.00 57.95  ? 5   ILE A CG1 1 
ATOM   38   C  CG2 . ILE A 1 5   ? -3.541  19.671  -6.324  1.00 60.35  ? 5   ILE A CG2 1 
ATOM   39   C  CD1 . ILE A 1 5   ? -4.711  18.312  -3.712  1.00 54.45  ? 5   ILE A CD1 1 
ATOM   40   N  N   . GLY A 1 6   ? -0.649  15.764  -5.654  1.00 55.41  ? 6   GLY A N   1 
ATOM   41   C  CA  . GLY A 1 6   ? 0.264   15.000  -4.820  1.00 47.95  ? 6   GLY A CA  1 
ATOM   42   C  C   . GLY A 1 6   ? 1.563   14.695  -5.536  1.00 53.93  ? 6   GLY A C   1 
ATOM   43   O  O   . GLY A 1 6   ? 1.903   15.341  -6.524  1.00 53.99  ? 6   GLY A O   1 
ATOM   44   N  N   . SER A 1 7   ? 2.286   13.696  -5.044  1.00 52.79  ? 7   SER A N   1 
ATOM   45   C  CA  . SER A 1 7   ? 3.580   13.338  -5.608  1.00 55.63  ? 7   SER A CA  1 
ATOM   46   C  C   . SER A 1 7   ? 3.464   12.043  -6.380  1.00 57.75  ? 7   SER A C   1 
ATOM   47   O  O   . SER A 1 7   ? 2.685   11.161  -6.016  1.00 55.79  ? 7   SER A O   1 
ATOM   48   C  CB  . SER A 1 7   ? 4.623   13.175  -4.504  1.00 49.43  ? 7   SER A CB  1 
ATOM   49   O  OG  . SER A 1 7   ? 4.493   14.193  -3.526  1.00 51.89  ? 7   SER A OG  1 
ATOM   50   N  N   . THR A 1 8   ? 4.261   11.928  -7.436  1.00 46.39  ? 8   THR A N   1 
ATOM   51   C  CA  . THR A 1 8   ? 4.201   10.779  -8.328  1.00 48.20  ? 8   THR A CA  1 
ATOM   52   C  C   . THR A 1 8   ? 4.917   9.551   -7.762  1.00 54.04  ? 8   THR A C   1 
ATOM   53   O  O   . THR A 1 8   ? 4.471   8.420   -7.952  1.00 47.24  ? 8   THR A O   1 
ATOM   54   C  CB  . THR A 1 8   ? 4.763   11.138  -9.719  1.00 54.41  ? 8   THR A CB  1 
ATOM   55   O  OG1 . THR A 1 8   ? 3.910   12.113  -10.331 1.00 55.49  ? 8   THR A OG1 1 
ATOM   56   C  CG2 . THR A 1 8   ? 4.837   9.909   -10.614 1.00 42.84  ? 8   THR A CG2 1 
ATOM   57   N  N   . GLU A 1 9   ? 6.028   9.774   -7.073  1.00 44.30  ? 9   GLU A N   1 
ATOM   58   C  CA  . GLU A 1 9   ? 6.746   8.677   -6.442  1.00 42.89  ? 9   GLU A CA  1 
ATOM   59   C  C   . GLU A 1 9   ? 6.633   8.851   -4.945  1.00 54.03  ? 9   GLU A C   1 
ATOM   60   O  O   . GLU A 1 9   ? 6.855   9.941   -4.421  1.00 47.36  ? 9   GLU A O   1 
ATOM   61   C  CB  . GLU A 1 9   ? 8.211   8.664   -6.868  1.00 45.87  ? 9   GLU A CB  1 
ATOM   62   C  CG  . GLU A 1 9   ? 8.418   8.661   -8.380  1.00 57.35  ? 9   GLU A CG  1 
ATOM   63   C  CD  . GLU A 1 9   ? 7.880   7.407   -9.058  1.00 62.48  ? 9   GLU A CD  1 
ATOM   64   O  OE1 . GLU A 1 9   ? 8.110   6.291   -8.539  1.00 58.28  ? 9   GLU A OE1 1 
ATOM   65   O  OE2 . GLU A 1 9   ? 7.239   7.539   -10.124 1.00 54.38  ? 9   GLU A OE2 1 
ATOM   66   N  N   . ASN A 1 10  ? 6.275   7.778   -4.255  1.00 47.73  ? 10  ASN A N   1 
ATOM   67   C  CA  . ASN A 1 10  ? 6.030   7.855   -2.823  1.00 41.04  ? 10  ASN A CA  1 
ATOM   68   C  C   . ASN A 1 10  ? 6.693   6.711   -2.074  1.00 40.12  ? 10  ASN A C   1 
ATOM   69   O  O   . ASN A 1 10  ? 6.676   5.570   -2.527  1.00 46.12  ? 10  ASN A O   1 
ATOM   70   C  CB  . ASN A 1 10  ? 4.531   7.887   -2.544  1.00 39.21  ? 10  ASN A CB  1 
ATOM   71   C  CG  . ASN A 1 10  ? 3.810   8.919   -3.381  1.00 42.79  ? 10  ASN A CG  1 
ATOM   72   O  OD1 . ASN A 1 10  ? 3.596   10.049  -2.941  1.00 50.09  ? 10  ASN A OD1 1 
ATOM   73   N  ND2 . ASN A 1 10  ? 3.443   8.543   -4.603  1.00 42.88  ? 10  ASN A ND2 1 
ATOM   74   N  N   . ASP A 1 11  ? 7.296   7.037   -0.938  1.00 39.14  ? 11  ASP A N   1 
ATOM   75   C  CA  . ASP A 1 11  ? 8.038   6.073   -0.136  1.00 40.53  ? 11  ASP A CA  1 
ATOM   76   C  C   . ASP A 1 11  ? 7.168   5.577   1.006   1.00 36.62  ? 11  ASP A C   1 
ATOM   77   O  O   . ASP A 1 11  ? 6.533   6.368   1.704   1.00 38.80  ? 11  ASP A O   1 
ATOM   78   C  CB  . ASP A 1 11  ? 9.296   6.717   0.461   1.00 42.56  ? 11  ASP A CB  1 
ATOM   79   C  CG  . ASP A 1 11  ? 10.328  7.092   -0.592  1.00 56.40  ? 11  ASP A CG  1 
ATOM   80   O  OD1 . ASP A 1 11  ? 10.532  6.308   -1.546  1.00 49.09  ? 11  ASP A OD1 1 
ATOM   81   O  OD2 . ASP A 1 11  ? 10.942  8.173   -0.447  1.00 48.12  ? 11  ASP A OD2 1 
ATOM   82   N  N   . VAL A 1 12  ? 7.172   4.267   1.209   1.00 39.40  ? 12  VAL A N   1 
ATOM   83   C  CA  . VAL A 1 12  ? 6.359   3.650   2.246   1.00 31.84  ? 12  VAL A CA  1 
ATOM   84   C  C   . VAL A 1 12  ? 7.239   3.252   3.410   1.00 29.21  ? 12  VAL A C   1 
ATOM   85   O  O   . VAL A 1 12  ? 8.173   2.473   3.244   1.00 34.97  ? 12  VAL A O   1 
ATOM   86   C  CB  . VAL A 1 12  ? 5.666   2.382   1.710   1.00 38.85  ? 12  VAL A CB  1 
ATOM   87   C  CG1 . VAL A 1 12  ? 4.956   1.638   2.841   1.00 37.52  ? 12  VAL A CG1 1 
ATOM   88   C  CG2 . VAL A 1 12  ? 4.704   2.738   0.606   1.00 25.67  ? 12  VAL A CG2 1 
ATOM   89   N  N   . GLY A 1 13  ? 6.924   3.764   4.597   1.00 35.92  ? 13  GLY A N   1 
ATOM   90   C  CA  . GLY A 1 13  ? 7.727   3.480   5.772   1.00 32.61  ? 13  GLY A CA  1 
ATOM   91   C  C   . GLY A 1 13  ? 8.850   4.500   5.933   1.00 36.31  ? 13  GLY A C   1 
ATOM   92   O  O   . GLY A 1 13  ? 9.286   5.109   4.957   1.00 32.79  ? 13  GLY A O   1 
ATOM   93   N  N   . PRO A 1 14  ? 9.314   4.697   7.178   1.00 40.29  ? 14  PRO A N   1 
ATOM   94   C  CA  . PRO A 1 14  ? 10.408  5.625   7.473   1.00 39.99  ? 14  PRO A CA  1 
ATOM   95   C  C   . PRO A 1 14  ? 11.738  5.082   6.975   1.00 46.41  ? 14  PRO A C   1 
ATOM   96   O  O   . PRO A 1 14  ? 12.004  3.885   7.091   1.00 36.28  ? 14  PRO A O   1 
ATOM   97   C  CB  . PRO A 1 14  ? 10.411  5.675   9.005   1.00 44.90  ? 14  PRO A CB  1 
ATOM   98   C  CG  . PRO A 1 14  ? 9.854   4.349   9.409   1.00 45.82  ? 14  PRO A CG  1 
ATOM   99   C  CD  . PRO A 1 14  ? 8.743   4.133   8.413   1.00 36.72  ? 14  PRO A CD  1 
ATOM   100  N  N   . SER A 1 15  ? 12.566  5.962   6.427   1.00 44.35  ? 15  SER A N   1 
ATOM   101  C  CA  . SER A 1 15  ? 13.901  5.570   6.000   1.00 48.71  ? 15  SER A CA  1 
ATOM   102  C  C   . SER A 1 15  ? 14.623  4.860   7.146   1.00 43.85  ? 15  SER A C   1 
ATOM   103  O  O   . SER A 1 15  ? 14.702  5.381   8.266   1.00 49.81  ? 15  SER A O   1 
ATOM   104  C  CB  . SER A 1 15  ? 14.699  6.795   5.539   1.00 49.38  ? 15  SER A CB  1 
ATOM   105  O  OG  . SER A 1 15  ? 15.888  6.405   4.874   1.00 62.58  ? 15  SER A OG  1 
ATOM   106  N  N   . GLN A 1 16  ? 15.141  3.670   6.859   1.00 48.84  ? 16  GLN A N   1 
ATOM   107  C  CA  . GLN A 1 16  ? 15.842  2.867   7.861   1.00 51.26  ? 16  GLN A CA  1 
ATOM   108  C  C   . GLN A 1 16  ? 15.020  2.643   9.125   1.00 47.20  ? 16  GLN A C   1 
ATOM   109  O  O   . GLN A 1 16  ? 15.496  2.873   10.235  1.00 45.40  ? 16  GLN A O   1 
ATOM   110  C  CB  . GLN A 1 16  ? 17.197  3.489   8.218   1.00 51.29  ? 16  GLN A CB  1 
ATOM   111  C  CG  . GLN A 1 16  ? 18.301  3.224   7.193   1.00 66.90  ? 16  GLN A CG  1 
ATOM   112  C  CD  . GLN A 1 16  ? 18.641  1.740   7.049   1.00 81.38  ? 16  GLN A CD  1 
ATOM   113  O  OE1 . GLN A 1 16  ? 17.869  0.962   6.485   1.00 73.46  ? 16  GLN A OE1 1 
ATOM   114  N  NE2 . GLN A 1 16  ? 19.808  1.349   7.552   1.00 85.98  ? 16  GLN A NE2 1 
ATOM   115  N  N   . GLY A 1 17  ? 13.782  2.194   8.950   1.00 58.48  ? 17  GLY A N   1 
ATOM   116  C  CA  . GLY A 1 17  ? 12.926  1.888   10.081  1.00 45.67  ? 17  GLY A CA  1 
ATOM   117  C  C   . GLY A 1 17  ? 13.347  0.581   10.727  1.00 54.41  ? 17  GLY A C   1 
ATOM   118  O  O   . GLY A 1 17  ? 13.737  -0.378  10.043  1.00 47.62  ? 17  GLY A O   1 
ATOM   119  N  N   . SER A 1 18  ? 13.287  0.544   12.054  1.00 54.77  ? 18  SER A N   1 
ATOM   120  C  CA  . SER A 1 18  ? 13.657  -0.659  12.794  1.00 58.44  ? 18  SER A CA  1 
ATOM   121  C  C   . SER A 1 18  ? 12.435  -1.288  13.432  1.00 55.17  ? 18  SER A C   1 
ATOM   122  O  O   . SER A 1 18  ? 11.766  -0.664  14.259  1.00 42.08  ? 18  SER A O   1 
ATOM   123  C  CB  . SER A 1 18  ? 14.718  -0.362  13.852  1.00 51.21  ? 18  SER A CB  1 
ATOM   124  O  OG  . SER A 1 18  ? 14.474  0.872   14.494  1.00 51.55  ? 18  SER A OG  1 
ATOM   125  N  N   . TYR A 1 19  ? 12.159  -2.527  13.038  1.00 46.56  ? 19  TYR A N   1 
ATOM   126  C  CA  . TYR A 1 19  ? 10.982  -3.238  13.489  1.00 46.41  ? 19  TYR A CA  1 
ATOM   127  C  C   . TYR A 1 19  ? 11.318  -4.536  14.224  1.00 56.88  ? 19  TYR A C   1 
ATOM   128  O  O   . TYR A 1 19  ? 11.783  -5.509  13.623  1.00 49.90  ? 19  TYR A O   1 
ATOM   129  C  CB  . TYR A 1 19  ? 10.065  -3.499  12.303  1.00 41.53  ? 19  TYR A CB  1 
ATOM   130  C  CG  . TYR A 1 19  ? 9.832   -2.251  11.491  1.00 47.40  ? 19  TYR A CG  1 
ATOM   131  C  CD1 . TYR A 1 19  ? 8.784   -1.404  11.784  1.00 34.92  ? 19  TYR A CD1 1 
ATOM   132  C  CD2 . TYR A 1 19  ? 10.687  -1.899  10.456  1.00 53.43  ? 19  TYR A CD2 1 
ATOM   133  C  CE1 . TYR A 1 19  ? 8.570   -0.255  11.056  1.00 41.67  ? 19  TYR A CE1 1 
ATOM   134  C  CE2 . TYR A 1 19  ? 10.479  -0.749  9.721   1.00 50.15  ? 19  TYR A CE2 1 
ATOM   135  C  CZ  . TYR A 1 19  ? 9.419   0.065   10.025  1.00 40.97  ? 19  TYR A CZ  1 
ATOM   136  O  OH  . TYR A 1 19  ? 9.201   1.210   9.304   1.00 38.42  ? 19  TYR A OH  1 
ATOM   137  N  N   . SER A 1 20  ? 11.073  -4.533  15.532  1.00 51.29  ? 20  SER A N   1 
ATOM   138  C  CA  . SER A 1 20  ? 11.349  -5.683  16.384  1.00 48.30  ? 20  SER A CA  1 
ATOM   139  C  C   . SER A 1 20  ? 10.069  -6.315  16.909  1.00 43.78  ? 20  SER A C   1 
ATOM   140  O  O   . SER A 1 20  ? 9.017   -5.672  16.969  1.00 42.93  ? 20  SER A O   1 
ATOM   141  C  CB  . SER A 1 20  ? 12.239  -5.282  17.556  1.00 58.30  ? 20  SER A CB  1 
ATOM   142  O  OG  . SER A 1 20  ? 13.567  -5.073  17.120  1.00 76.20  ? 20  SER A OG  1 
ATOM   143  N  N   . SER A 1 21  ? 10.173  -7.584  17.287  1.00 35.44  ? 21  SER A N   1 
ATOM   144  C  CA  . SER A 1 21  ? 9.042   -8.355  17.780  1.00 49.10  ? 21  SER A CA  1 
ATOM   145  C  C   . SER A 1 21  ? 9.490   -9.256  18.927  1.00 57.37  ? 21  SER A C   1 
ATOM   146  O  O   . SER A 1 21  ? 10.588  -9.809  18.888  1.00 56.39  ? 21  SER A O   1 
ATOM   147  C  CB  . SER A 1 21  ? 8.461   -9.208  16.659  1.00 49.32  ? 21  SER A CB  1 
ATOM   148  O  OG  . SER A 1 21  ? 7.501   -10.119 17.168  1.00 55.15  ? 21  SER A OG  1 
ATOM   149  N  N   . THR A 1 22  ? 8.642   -9.394  19.942  1.00 57.61  ? 22  THR A N   1 
ATOM   150  C  CA  . THR A 1 22  ? 8.938   -10.249 21.091  1.00 69.25  ? 22  THR A CA  1 
ATOM   151  C  C   . THR A 1 22  ? 8.265   -11.624 20.985  1.00 72.60  ? 22  THR A C   1 
ATOM   152  O  O   . THR A 1 22  ? 8.629   -12.553 21.710  1.00 70.30  ? 22  THR A O   1 
ATOM   153  C  CB  . THR A 1 22  ? 8.524   -9.583  22.429  1.00 63.63  ? 22  THR A CB  1 
ATOM   154  O  OG1 . THR A 1 22  ? 8.957   -8.221  22.442  1.00 66.94  ? 22  THR A OG1 1 
ATOM   155  C  CG2 . THR A 1 22  ? 9.153   -10.310 23.607  1.00 81.71  ? 22  THR A CG2 1 
ATOM   156  N  N   . HIS A 1 23  ? 7.278   -11.748 20.100  1.00 64.53  ? 23  HIS A N   1 
ATOM   157  C  CA  . HIS A 1 23  ? 6.650   -13.041 19.836  1.00 68.33  ? 23  HIS A CA  1 
ATOM   158  C  C   . HIS A 1 23  ? 7.707   -13.992 19.296  1.00 60.39  ? 23  HIS A C   1 
ATOM   159  O  O   . HIS A 1 23  ? 8.676   -13.559 18.680  1.00 68.83  ? 23  HIS A O   1 
ATOM   160  C  CB  . HIS A 1 23  ? 5.529   -12.908 18.800  1.00 72.70  ? 23  HIS A CB  1 
ATOM   161  C  CG  . HIS A 1 23  ? 4.312   -12.202 19.302  1.00 76.58  ? 23  HIS A CG  1 
ATOM   162  N  ND1 . HIS A 1 23  ? 3.263   -12.863 19.915  1.00 89.76  ? 23  HIS A ND1 1 
ATOM   163  C  CD2 . HIS A 1 23  ? 3.960   -10.896 19.273  1.00 75.50  ? 23  HIS A CD2 1 
ATOM   164  C  CE1 . HIS A 1 23  ? 2.331   -11.994 20.247  1.00 85.09  ? 23  HIS A CE1 1 
ATOM   165  N  NE2 . HIS A 1 23  ? 2.727   -10.789 19.865  1.00 81.55  ? 23  HIS A NE2 1 
ATOM   166  N  N   . ALA A 1 24  ? 7.529   -15.286 19.521  1.00 80.01  ? 24  ALA A N   1 
ATOM   167  C  CA  . ALA A 1 24  ? 8.437   -16.261 18.933  1.00 80.55  ? 24  ALA A CA  1 
ATOM   168  C  C   . ALA A 1 24  ? 7.997   -16.555 17.504  1.00 72.41  ? 24  ALA A C   1 
ATOM   169  O  O   . ALA A 1 24  ? 6.844   -16.911 17.262  1.00 74.53  ? 24  ALA A O   1 
ATOM   170  C  CB  . ALA A 1 24  ? 8.475   -17.532 19.759  1.00 79.98  ? 24  ALA A CB  1 
ATOM   171  N  N   . MET A 1 25  ? 8.914   -16.379 16.558  1.00 76.93  ? 25  MET A N   1 
ATOM   172  C  CA  . MET A 1 25  ? 8.639   -16.689 15.164  1.00 68.58  ? 25  MET A CA  1 
ATOM   173  C  C   . MET A 1 25  ? 8.537   -18.208 14.992  1.00 72.74  ? 25  MET A C   1 
ATOM   174  O  O   . MET A 1 25  ? 9.066   -18.773 14.040  1.00 80.82  ? 25  MET A O   1 
ATOM   175  C  CB  . MET A 1 25  ? 9.726   -16.104 14.249  1.00 74.63  ? 25  MET A CB  1 
ATOM   176  C  CG  . MET A 1 25  ? 9.503   -14.644 13.807  1.00 64.69  ? 25  MET A CG  1 
ATOM   177  S  SD  . MET A 1 25  ? 10.637  -13.392 14.484  1.00 67.20  ? 25  MET A SD  1 
ATOM   178  C  CE  . MET A 1 25  ? 9.847   -12.964 16.031  1.00 63.87  ? 25  MET A CE  1 
ATOM   179  N  N   . ASP A 1 26  ? 7.831   -18.849 15.918  1.00 70.60  ? 26  ASP A N   1 
ATOM   180  C  CA  . ASP A 1 26  ? 7.748   -20.305 16.003  1.00 72.67  ? 26  ASP A CA  1 
ATOM   181  C  C   . ASP A 1 26  ? 7.387   -21.017 14.695  1.00 73.11  ? 26  ASP A C   1 
ATOM   182  O  O   . ASP A 1 26  ? 8.105   -21.912 14.253  1.00 81.69  ? 26  ASP A O   1 
ATOM   183  C  CB  . ASP A 1 26  ? 6.756   -20.702 17.098  1.00 78.97  ? 26  ASP A CB  1 
ATOM   184  C  CG  . ASP A 1 26  ? 6.976   -22.114 17.598  1.00 90.73  ? 26  ASP A CG  1 
ATOM   185  O  OD1 . ASP A 1 26  ? 7.247   -23.005 16.765  1.00 93.71  ? 26  ASP A OD1 1 
ATOM   186  O  OD2 . ASP A 1 26  ? 6.879   -22.334 18.825  1.00 102.42 ? 26  ASP A OD2 1 
ATOM   187  N  N   . ASN A 1 27  ? 6.269   -20.638 14.088  1.00 75.74  ? 27  ASN A N   1 
ATOM   188  C  CA  . ASN A 1 27  ? 5.837   -21.262 12.840  1.00 69.29  ? 27  ASN A CA  1 
ATOM   189  C  C   . ASN A 1 27  ? 5.833   -20.274 11.682  1.00 58.41  ? 27  ASN A C   1 
ATOM   190  O  O   . ASN A 1 27  ? 5.299   -19.169 11.805  1.00 62.50  ? 27  ASN A O   1 
ATOM   191  C  CB  . ASN A 1 27  ? 4.440   -21.863 13.003  1.00 79.31  ? 27  ASN A CB  1 
ATOM   192  C  CG  . ASN A 1 27  ? 4.283   -22.625 14.302  1.00 89.57  ? 27  ASN A CG  1 
ATOM   193  O  OD1 . ASN A 1 27  ? 5.009   -23.585 14.566  1.00 80.59  ? 27  ASN A OD1 1 
ATOM   194  N  ND2 . ASN A 1 27  ? 3.325   -22.203 15.123  1.00 88.84  ? 27  ASN A ND2 1 
ATOM   195  N  N   . LEU A 1 28  ? 6.421   -20.674 10.558  1.00 56.58  ? 28  LEU A N   1 
ATOM   196  C  CA  . LEU A 1 28  ? 6.439   -19.833 9.363   1.00 50.77  ? 28  LEU A CA  1 
ATOM   197  C  C   . LEU A 1 28  ? 5.359   -20.259 8.362   1.00 54.58  ? 28  LEU A C   1 
ATOM   198  O  O   . LEU A 1 28  ? 5.032   -21.441 8.260   1.00 58.52  ? 28  LEU A O   1 
ATOM   199  C  CB  . LEU A 1 28  ? 7.821   -19.861 8.710   1.00 50.79  ? 28  LEU A CB  1 
ATOM   200  C  CG  . LEU A 1 28  ? 9.010   -19.485 9.602   1.00 59.89  ? 28  LEU A CG  1 
ATOM   201  C  CD1 . LEU A 1 28  ? 10.289  -19.412 8.780   1.00 54.41  ? 28  LEU A CD1 1 
ATOM   202  C  CD2 . LEU A 1 28  ? 8.766   -18.171 10.356  1.00 55.34  ? 28  LEU A CD2 1 
ATOM   203  N  N   . PRO A 1 29  ? 4.816   -19.295 7.604   1.00 55.75  ? 29  PRO A N   1 
ATOM   204  C  CA  . PRO A 1 29  ? 5.247   -17.895 7.620   1.00 46.52  ? 29  PRO A CA  1 
ATOM   205  C  C   . PRO A 1 29  ? 4.808   -17.171 8.893   1.00 51.52  ? 29  PRO A C   1 
ATOM   206  O  O   . PRO A 1 29  ? 3.768   -17.494 9.467   1.00 53.68  ? 29  PRO A O   1 
ATOM   207  C  CB  . PRO A 1 29  ? 4.552   -17.296 6.386   1.00 50.24  ? 29  PRO A CB  1 
ATOM   208  C  CG  . PRO A 1 29  ? 4.058   -18.470 5.587   1.00 53.41  ? 29  PRO A CG  1 
ATOM   209  C  CD  . PRO A 1 29  ? 3.775   -19.532 6.591   1.00 51.39  ? 29  PRO A CD  1 
ATOM   210  N  N   . PHE A 1 30  ? 5.612   -16.211 9.337   1.00 49.17  ? 30  PHE A N   1 
ATOM   211  C  CA  . PHE A 1 30  ? 5.295   -15.454 10.543  1.00 49.91  ? 30  PHE A CA  1 
ATOM   212  C  C   . PHE A 1 30  ? 5.094   -13.991 10.189  1.00 39.70  ? 30  PHE A C   1 
ATOM   213  O  O   . PHE A 1 30  ? 5.961   -13.376 9.576   1.00 41.69  ? 30  PHE A O   1 
ATOM   214  C  CB  . PHE A 1 30  ? 6.413   -15.588 11.586  1.00 50.75  ? 30  PHE A CB  1 
ATOM   215  C  CG  . PHE A 1 30  ? 6.187   -14.756 12.823  1.00 56.88  ? 30  PHE A CG  1 
ATOM   216  C  CD1 . PHE A 1 30  ? 5.507   -15.279 13.916  1.00 50.77  ? 30  PHE A CD1 1 
ATOM   217  C  CD2 . PHE A 1 30  ? 6.640   -13.446 12.888  1.00 48.97  ? 30  PHE A CD2 1 
ATOM   218  C  CE1 . PHE A 1 30  ? 5.293   -14.512 15.052  1.00 59.55  ? 30  PHE A CE1 1 
ATOM   219  C  CE2 . PHE A 1 30  ? 6.425   -12.673 14.024  1.00 45.65  ? 30  PHE A CE2 1 
ATOM   220  C  CZ  . PHE A 1 30  ? 5.750   -13.208 15.103  1.00 53.49  ? 30  PHE A CZ  1 
ATOM   221  N  N   . VAL A 1 31  ? 3.954   -13.434 10.583  1.00 37.16  ? 31  VAL A N   1 
ATOM   222  C  CA  . VAL A 1 31  ? 3.661   -12.034 10.306  1.00 32.56  ? 31  VAL A CA  1 
ATOM   223  C  C   . VAL A 1 31  ? 4.184   -11.087 11.387  1.00 43.55  ? 31  VAL A C   1 
ATOM   224  O  O   . VAL A 1 31  ? 3.936   -11.280 12.577  1.00 38.58  ? 31  VAL A O   1 
ATOM   225  C  CB  . VAL A 1 31  ? 2.152   -11.781 10.138  1.00 32.73  ? 31  VAL A CB  1 
ATOM   226  C  CG1 . VAL A 1 31  ? 1.903   -10.329 9.735   1.00 33.13  ? 31  VAL A CG1 1 
ATOM   227  C  CG2 . VAL A 1 31  ? 1.567   -12.721 9.111   1.00 36.55  ? 31  VAL A CG2 1 
ATOM   228  N  N   . TYR A 1 32  ? 4.907   -10.060 10.952  1.00 43.76  ? 32  TYR A N   1 
ATOM   229  C  CA  . TYR A 1 32  ? 5.330   -8.971  11.823  1.00 37.84  ? 32  TYR A CA  1 
ATOM   230  C  C   . TYR A 1 32  ? 4.225   -7.948  11.873  1.00 49.89  ? 32  TYR A C   1 
ATOM   231  O  O   . TYR A 1 32  ? 4.056   -7.189  10.920  1.00 56.78  ? 32  TYR A O   1 
ATOM   232  C  CB  . TYR A 1 32  ? 6.558   -8.288  11.235  1.00 50.25  ? 32  TYR A CB  1 
ATOM   233  C  CG  . TYR A 1 32  ? 7.847   -8.590  11.940  1.00 37.19  ? 32  TYR A CG  1 
ATOM   234  C  CD1 . TYR A 1 32  ? 8.434   -9.837  11.846  1.00 50.30  ? 32  TYR A CD1 1 
ATOM   235  C  CD2 . TYR A 1 32  ? 8.491   -7.613  12.688  1.00 41.36  ? 32  TYR A CD2 1 
ATOM   236  C  CE1 . TYR A 1 32  ? 9.619   -10.110 12.491  1.00 46.36  ? 32  TYR A CE1 1 
ATOM   237  C  CE2 . TYR A 1 32  ? 9.674   -7.877  13.337  1.00 39.10  ? 32  TYR A CE2 1 
ATOM   238  C  CZ  . TYR A 1 32  ? 10.236  -9.126  13.230  1.00 43.70  ? 32  TYR A CZ  1 
ATOM   239  O  OH  . TYR A 1 32  ? 11.417  -9.399  13.874  1.00 62.47  ? 32  TYR A OH  1 
ATOM   240  N  N   . ASN A 1 33  ? 3.470   -7.904  12.966  1.00 45.65  ? 33  ASN A N   1 
ATOM   241  C  CA  . ASN A 1 33  ? 2.388   -6.928  13.041  1.00 62.67  ? 33  ASN A CA  1 
ATOM   242  C  C   . ASN A 1 33  ? 2.914   -5.549  13.380  1.00 57.98  ? 33  ASN A C   1 
ATOM   243  O  O   . ASN A 1 33  ? 2.938   -5.158  14.540  1.00 52.35  ? 33  ASN A O   1 
ATOM   244  C  CB  . ASN A 1 33  ? 1.298   -7.330  14.035  1.00 68.48  ? 33  ASN A CB  1 
ATOM   245  C  CG  . ASN A 1 33  ? 0.151   -6.324  14.071  1.00 79.84  ? 33  ASN A CG  1 
ATOM   246  O  OD1 . ASN A 1 33  ? -0.494  -6.056  13.052  1.00 66.69  ? 33  ASN A OD1 1 
ATOM   247  N  ND2 . ASN A 1 33  ? -0.094  -5.748  15.244  1.00 81.02  ? 33  ASN A ND2 1 
ATOM   248  N  N   . THR A 1 34  ? 3.329   -4.819  12.351  1.00 51.00  ? 34  THR A N   1 
ATOM   249  C  CA  . THR A 1 34  ? 3.901   -3.497  12.521  1.00 43.99  ? 34  THR A CA  1 
ATOM   250  C  C   . THR A 1 34  ? 2.808   -2.454  12.403  1.00 38.50  ? 34  THR A C   1 
ATOM   251  O  O   . THR A 1 34  ? 3.083   -1.275  12.195  1.00 41.93  ? 34  THR A O   1 
ATOM   252  C  CB  . THR A 1 34  ? 4.994   -3.238  11.472  1.00 37.88  ? 34  THR A CB  1 
ATOM   253  O  OG1 . THR A 1 34  ? 4.446   -3.444  10.167  1.00 34.37  ? 34  THR A OG1 1 
ATOM   254  C  CG2 . THR A 1 34  ? 6.153   -4.204  11.671  1.00 35.14  ? 34  THR A CG2 1 
ATOM   255  N  N   . GLY A 1 35  ? 1.563   -2.900  12.535  1.00 47.92  ? 35  GLY A N   1 
ATOM   256  C  CA  . GLY A 1 35  ? 0.420   -2.013  12.458  1.00 39.81  ? 35  GLY A CA  1 
ATOM   257  C  C   . GLY A 1 35  ? 0.419   -1.221  11.171  1.00 38.01  ? 35  GLY A C   1 
ATOM   258  O  O   . GLY A 1 35  ? 0.694   -1.771  10.106  1.00 38.62  ? 35  GLY A O   1 
ATOM   259  N  N   . TYR A 1 36  ? 0.102   0.068   11.270  1.00 30.94  ? 36  TYR A N   1 
ATOM   260  C  CA  . TYR A 1 36  ? 0.188   0.984   10.129  1.00 37.23  ? 36  TYR A CA  1 
ATOM   261  C  C   . TYR A 1 36  ? 1.530   1.729   10.049  1.00 34.66  ? 36  TYR A C   1 
ATOM   262  O  O   . TYR A 1 36  ? 1.636   2.757   9.360   1.00 32.90  ? 36  TYR A O   1 
ATOM   263  C  CB  . TYR A 1 36  ? -0.946  2.014   10.172  1.00 33.36  ? 36  TYR A CB  1 
ATOM   264  C  CG  . TYR A 1 36  ? -2.335  1.421   10.326  1.00 52.54  ? 36  TYR A CG  1 
ATOM   265  C  CD1 . TYR A 1 36  ? -2.771  0.377   9.505   1.00 38.16  ? 36  TYR A CD1 1 
ATOM   266  C  CD2 . TYR A 1 36  ? -3.218  1.919   11.277  1.00 52.39  ? 36  TYR A CD2 1 
ATOM   267  C  CE1 . TYR A 1 36  ? -4.040  -0.163  9.643   1.00 42.65  ? 36  TYR A CE1 1 
ATOM   268  C  CE2 . TYR A 1 36  ? -4.492  1.390   11.419  1.00 52.53  ? 36  TYR A CE2 1 
ATOM   269  C  CZ  . TYR A 1 36  ? -4.895  0.349   10.606  1.00 47.57  ? 36  TYR A CZ  1 
ATOM   270  O  OH  . TYR A 1 36  ? -6.162  -0.167  10.756  1.00 50.87  ? 36  TYR A OH  1 
ATOM   271  N  N   . ASN A 1 37  ? 2.548   1.219   10.739  1.00 33.98  ? 37  ASN A N   1 
ATOM   272  C  CA  . ASN A 1 37  ? 3.822   1.940   10.856  1.00 32.25  ? 37  ASN A CA  1 
ATOM   273  C  C   . ASN A 1 37  ? 4.611   1.996   9.548   1.00 42.27  ? 37  ASN A C   1 
ATOM   274  O  O   . ASN A 1 37  ? 5.334   2.954   9.289   1.00 35.94  ? 37  ASN A O   1 
ATOM   275  C  CB  . ASN A 1 37  ? 4.700   1.332   11.959  1.00 28.25  ? 37  ASN A CB  1 
ATOM   276  C  CG  . ASN A 1 37  ? 4.207   1.673   13.359  1.00 35.74  ? 37  ASN A CG  1 
ATOM   277  O  OD1 . ASN A 1 37  ? 4.250   2.831   13.787  1.00 27.78  ? 37  ASN A OD1 1 
ATOM   278  N  ND2 . ASN A 1 37  ? 3.749   0.661   14.082  1.00 31.90  ? 37  ASN A ND2 1 
ATOM   279  N  N   . ILE A 1 38  ? 4.487   0.955   8.734   1.00 38.35  ? 38  ILE A N   1 
ATOM   280  C  CA  . ILE A 1 38  ? 5.161   0.933   7.445   1.00 30.92  ? 38  ILE A CA  1 
ATOM   281  C  C   . ILE A 1 38  ? 4.170   1.302   6.372   1.00 35.19  ? 38  ILE A C   1 
ATOM   282  O  O   . ILE A 1 38  ? 3.569   0.434   5.745   1.00 33.36  ? 38  ILE A O   1 
ATOM   283  C  CB  . ILE A 1 38  ? 5.765   -0.440  7.135   1.00 32.53  ? 38  ILE A CB  1 
ATOM   284  C  CG1 . ILE A 1 38  ? 6.549   -0.960  8.348   1.00 33.35  ? 38  ILE A CG1 1 
ATOM   285  C  CG2 . ILE A 1 38  ? 6.642   -0.352  5.875   1.00 32.08  ? 38  ILE A CG2 1 
ATOM   286  C  CD1 . ILE A 1 38  ? 7.317   -2.258  8.095   1.00 29.00  ? 38  ILE A CD1 1 
ATOM   287  N  N   . GLY A 1 39  ? 3.977   2.595   6.169   1.00 27.67  ? 39  GLY A N   1 
ATOM   288  C  CA  . GLY A 1 39  ? 2.959   3.034   5.242   1.00 37.27  ? 39  GLY A CA  1 
ATOM   289  C  C   . GLY A 1 39  ? 3.219   4.398   4.645   1.00 43.44  ? 39  GLY A C   1 
ATOM   290  O  O   . GLY A 1 39  ? 4.178   5.081   5.002   1.00 39.39  ? 39  GLY A O   1 
ATOM   291  N  N   . TYR A 1 40  ? 2.363   4.768   3.704   1.00 29.71  ? 40  TYR A N   1 
ATOM   292  C  CA  . TYR A 1 40  ? 2.292   6.120   3.187   1.00 36.11  ? 40  TYR A CA  1 
ATOM   293  C  C   . TYR A 1 40  ? 0.831   6.524   3.232   1.00 46.43  ? 40  TYR A C   1 
ATOM   294  O  O   . TYR A 1 40  ? -0.052  5.713   2.942   1.00 38.51  ? 40  TYR A O   1 
ATOM   295  C  CB  . TYR A 1 40  ? 2.799   6.192   1.747   1.00 29.03  ? 40  TYR A CB  1 
ATOM   296  C  CG  . TYR A 1 40  ? 2.629   7.563   1.133   1.00 39.95  ? 40  TYR A CG  1 
ATOM   297  C  CD1 . TYR A 1 40  ? 3.643   8.515   1.212   1.00 40.26  ? 40  TYR A CD1 1 
ATOM   298  C  CD2 . TYR A 1 40  ? 1.452   7.913   0.496   1.00 36.99  ? 40  TYR A CD2 1 
ATOM   299  C  CE1 . TYR A 1 40  ? 3.485   9.773   0.660   1.00 45.66  ? 40  TYR A CE1 1 
ATOM   300  C  CE2 . TYR A 1 40  ? 1.285   9.157   -0.059  1.00 51.63  ? 40  TYR A CE2 1 
ATOM   301  C  CZ  . TYR A 1 40  ? 2.298   10.085  0.027   1.00 50.80  ? 40  TYR A CZ  1 
ATOM   302  O  OH  . TYR A 1 40  ? 2.108   11.324  -0.533  1.00 51.24  ? 40  TYR A OH  1 
ATOM   303  N  N   . GLN A 1 41  ? 0.580   7.775   3.598   1.00 38.69  ? 41  GLN A N   1 
ATOM   304  C  CA  . GLN A 1 41  ? -0.776  8.302   3.668   1.00 36.10  ? 41  GLN A CA  1 
ATOM   305  C  C   . GLN A 1 41  ? -0.789  9.754   3.194   1.00 43.56  ? 41  GLN A C   1 
ATOM   306  O  O   . GLN A 1 41  ? 0.072   10.547  3.580   1.00 43.19  ? 41  GLN A O   1 
ATOM   307  C  CB  . GLN A 1 41  ? -1.256  8.220   5.112   1.00 49.35  ? 41  GLN A CB  1 
ATOM   308  C  CG  . GLN A 1 41  ? -2.663  8.694   5.357   1.00 49.01  ? 41  GLN A CG  1 
ATOM   309  C  CD  . GLN A 1 41  ? -3.037  8.600   6.827   1.00 54.99  ? 41  GLN A CD  1 
ATOM   310  O  OE1 . GLN A 1 41  ? -2.312  9.096   7.691   1.00 51.86  ? 41  GLN A OE1 1 
ATOM   311  N  NE2 . GLN A 1 41  ? -4.166  7.958   7.119   1.00 49.64  ? 41  GLN A NE2 1 
ATOM   312  N  N   . ASN A 1 42  ? -1.752  10.101  2.350   1.00 43.07  ? 42  ASN A N   1 
ATOM   313  C  CA  . ASN A 1 42  ? -1.904  11.484  1.909   1.00 37.82  ? 42  ASN A CA  1 
ATOM   314  C  C   . ASN A 1 42  ? -3.355  11.841  1.621   1.00 41.49  ? 42  ASN A C   1 
ATOM   315  O  O   . ASN A 1 42  ? -3.943  11.359  0.655   1.00 47.48  ? 42  ASN A O   1 
ATOM   316  C  CB  . ASN A 1 42  ? -1.046  11.758  0.676   1.00 41.57  ? 42  ASN A CB  1 
ATOM   317  C  CG  . ASN A 1 42  ? -0.817  13.240  0.449   1.00 54.68  ? 42  ASN A CG  1 
ATOM   318  O  OD1 . ASN A 1 42  ? -1.558  14.078  0.964   1.00 45.39  ? 42  ASN A OD1 1 
ATOM   319  N  ND2 . ASN A 1 42  ? 0.218   13.572  -0.318  1.00 49.23  ? 42  ASN A ND2 1 
ATOM   320  N  N   . ALA A 1 43  ? -3.928  12.697  2.454   1.00 39.20  ? 43  ALA A N   1 
ATOM   321  C  CA  . ALA A 1 43  ? -5.320  13.090  2.283   1.00 51.39  ? 43  ALA A CA  1 
ATOM   322  C  C   . ALA A 1 43  ? -5.588  13.882  1.001   1.00 46.70  ? 43  ALA A C   1 
ATOM   323  O  O   . ALA A 1 43  ? -6.736  13.988  0.568   1.00 52.00  ? 43  ALA A O   1 
ATOM   324  C  CB  . ALA A 1 43  ? -5.810  13.861  3.507   1.00 48.58  ? 43  ALA A CB  1 
ATOM   325  N  N   . ASN A 1 44  ? -4.536  14.415  0.381   1.00 52.17  ? 44  ASN A N   1 
ATOM   326  C  CA  . ASN A 1 44  ? -4.713  15.373  -0.717  1.00 52.10  ? 44  ASN A CA  1 
ATOM   327  C  C   . ASN A 1 44  ? -3.885  15.077  -1.964  1.00 54.11  ? 44  ASN A C   1 
ATOM   328  O  O   . ASN A 1 44  ? -2.900  15.758  -2.245  1.00 49.24  ? 44  ASN A O   1 
ATOM   329  C  CB  . ASN A 1 44  ? -4.409  16.786  -0.219  1.00 53.05  ? 44  ASN A CB  1 
ATOM   330  C  CG  . ASN A 1 44  ? -5.023  17.063  1.141   1.00 48.19  ? 44  ASN A CG  1 
ATOM   331  O  OD1 . ASN A 1 44  ? -6.244  17.072  1.295   1.00 55.94  ? 44  ASN A OD1 1 
ATOM   332  N  ND2 . ASN A 1 44  ? -4.175  17.276  2.139   1.00 55.41  ? 44  ASN A ND2 1 
ATOM   333  N  N   . VAL A 1 45  ? -4.303  14.068  -2.718  1.00 52.31  ? 45  VAL A N   1 
ATOM   334  C  CA  . VAL A 1 45  ? -3.585  13.642  -3.911  1.00 53.64  ? 45  VAL A CA  1 
ATOM   335  C  C   . VAL A 1 45  ? -4.252  14.211  -5.163  1.00 50.25  ? 45  VAL A C   1 
ATOM   336  O  O   . VAL A 1 45  ? -3.590  14.470  -6.167  1.00 44.81  ? 45  VAL A O   1 
ATOM   337  C  CB  . VAL A 1 45  ? -3.522  12.095  -3.995  1.00 49.48  ? 45  VAL A CB  1 
ATOM   338  C  CG1 . VAL A 1 45  ? -2.822  11.644  -5.278  1.00 41.64  ? 45  VAL A CG1 1 
ATOM   339  C  CG2 . VAL A 1 45  ? -2.827  11.527  -2.766  1.00 45.50  ? 45  VAL A CG2 1 
ATOM   340  N  N   . TRP A 1 46  ? -5.569  14.386  -5.094  1.00 49.08  ? 46  TRP A N   1 
ATOM   341  C  CA  . TRP A 1 46  ? -6.324  15.026  -6.161  1.00 51.35  ? 46  TRP A CA  1 
ATOM   342  C  C   . TRP A 1 46  ? -7.291  15.992  -5.515  1.00 53.57  ? 46  TRP A C   1 
ATOM   343  O  O   . TRP A 1 46  ? -7.793  15.737  -4.422  1.00 56.45  ? 46  TRP A O   1 
ATOM   344  C  CB  . TRP A 1 46  ? -7.121  14.011  -6.984  1.00 49.16  ? 46  TRP A CB  1 
ATOM   345  C  CG  . TRP A 1 46  ? -6.293  12.990  -7.703  1.00 55.35  ? 46  TRP A CG  1 
ATOM   346  C  CD1 . TRP A 1 46  ? -5.788  13.086  -8.968  1.00 53.77  ? 46  TRP A CD1 1 
ATOM   347  C  CD2 . TRP A 1 46  ? -5.890  11.704  -7.206  1.00 43.81  ? 46  TRP A CD2 1 
ATOM   348  N  NE1 . TRP A 1 46  ? -5.086  11.947  -9.285  1.00 50.13  ? 46  TRP A NE1 1 
ATOM   349  C  CE2 . TRP A 1 46  ? -5.130  11.088  -8.224  1.00 43.99  ? 46  TRP A CE2 1 
ATOM   350  C  CE3 . TRP A 1 46  ? -6.091  11.025  -5.999  1.00 48.28  ? 46  TRP A CE3 1 
ATOM   351  C  CZ2 . TRP A 1 46  ? -4.573  9.812   -8.071  1.00 46.24  ? 46  TRP A CZ2 1 
ATOM   352  C  CZ3 . TRP A 1 46  ? -5.532  9.761   -5.848  1.00 43.84  ? 46  TRP A CZ3 1 
ATOM   353  C  CH2 . TRP A 1 46  ? -4.778  9.169   -6.880  1.00 40.46  ? 46  TRP A CH2 1 
ATOM   354  N  N   . ARG A 1 47  ? -7.545  17.112  -6.178  1.00 52.45  ? 47  ARG A N   1 
ATOM   355  C  CA  . ARG A 1 47  ? -8.621  17.976  -5.737  1.00 58.86  ? 47  ARG A CA  1 
ATOM   356  C  C   . ARG A 1 47  ? -9.812  17.770  -6.664  1.00 50.57  ? 47  ARG A C   1 
ATOM   357  O  O   . ARG A 1 47  ? -9.654  17.583  -7.871  1.00 56.25  ? 47  ARG A O   1 
ATOM   358  C  CB  . ARG A 1 47  ? -8.194  19.447  -5.681  1.00 68.66  ? 47  ARG A CB  1 
ATOM   359  C  CG  . ARG A 1 47  ? -9.171  20.310  -4.889  1.00 72.13  ? 47  ARG A CG  1 
ATOM   360  C  CD  . ARG A 1 47  ? -8.739  21.767  -4.779  1.00 75.57  ? 47  ARG A CD  1 
ATOM   361  N  NE  . ARG A 1 47  ? -7.809  21.997  -3.676  1.00 72.42  ? 47  ARG A NE  1 
ATOM   362  C  CZ  . ARG A 1 47  ? -6.528  22.297  -3.842  1.00 65.75  ? 47  ARG A CZ  1 
ATOM   363  N  NH1 . ARG A 1 47  ? -6.038  22.402  -5.068  1.00 55.51  ? 47  ARG A NH1 1 
ATOM   364  N  NH2 . ARG A 1 47  ? -5.740  22.491  -2.792  1.00 67.65  ? 47  ARG A NH2 1 
ATOM   365  N  N   . ILE A 1 48  ? -11.006 17.774  -6.088  1.00 58.41  ? 48  ILE A N   1 
ATOM   366  C  CA  . ILE A 1 48  ? -12.211 17.509  -6.858  1.00 63.04  ? 48  ILE A CA  1 
ATOM   367  C  C   . ILE A 1 48  ? -13.358 18.399  -6.392  1.00 61.19  ? 48  ILE A C   1 
ATOM   368  O  O   . ILE A 1 48  ? -13.333 18.928  -5.279  1.00 64.48  ? 48  ILE A O   1 
ATOM   369  C  CB  . ILE A 1 48  ? -12.616 16.023  -6.752  1.00 60.22  ? 48  ILE A CB  1 
ATOM   370  C  CG1 . ILE A 1 48  ? -12.767 15.613  -5.286  1.00 60.66  ? 48  ILE A CG1 1 
ATOM   371  C  CG2 . ILE A 1 48  ? -11.574 15.145  -7.416  1.00 56.69  ? 48  ILE A CG2 1 
ATOM   372  C  CD1 . ILE A 1 48  ? -13.227 14.190  -5.098  1.00 64.87  ? 48  ILE A CD1 1 
ATOM   373  N  N   . GLY A 1 49  ? -14.359 18.563  -7.253  1.00 67.63  ? 49  GLY A N   1 
ATOM   374  C  CA  . GLY A 1 49  ? -15.519 19.371  -6.929  1.00 71.00  ? 49  GLY A CA  1 
ATOM   375  C  C   . GLY A 1 49  ? -16.624 19.262  -7.964  1.00 75.42  ? 49  GLY A C   1 
ATOM   376  O  O   . GLY A 1 49  ? -16.385 18.855  -9.104  1.00 72.33  ? 49  GLY A O   1 
ATOM   377  N  N   . GLY A 1 50  ? -17.841 19.620  -7.561  1.00 71.30  ? 50  GLY A N   1 
ATOM   378  C  CA  . GLY A 1 50  ? -18.965 19.689  -8.478  1.00 72.11  ? 50  GLY A CA  1 
ATOM   379  C  C   . GLY A 1 50  ? -19.416 18.344  -9.007  1.00 70.59  ? 50  GLY A C   1 
ATOM   380  O  O   . GLY A 1 50  ? -19.241 18.037  -10.188 1.00 66.79  ? 50  GLY A O   1 
ATOM   381  N  N   . GLY A 1 51  ? -19.992 17.534  -8.125  1.00 76.04  ? 51  GLY A N   1 
ATOM   382  C  CA  . GLY A 1 51  ? -20.558 16.255  -8.516  1.00 79.59  ? 51  GLY A CA  1 
ATOM   383  C  C   . GLY A 1 51  ? -19.573 15.199  -8.987  1.00 76.69  ? 51  GLY A C   1 
ATOM   384  O  O   . GLY A 1 51  ? -19.984 14.120  -9.418  1.00 77.64  ? 51  GLY A O   1 
ATOM   385  N  N   . PHE A 1 52  ? -18.278 15.496  -8.910  1.00 69.80  ? 52  PHE A N   1 
ATOM   386  C  CA  . PHE A 1 52  ? -17.261 14.544  -9.356  1.00 73.43  ? 52  PHE A CA  1 
ATOM   387  C  C   . PHE A 1 52  ? -17.309 13.239  -8.554  1.00 69.76  ? 52  PHE A C   1 
ATOM   388  O  O   . PHE A 1 52  ? -17.526 13.253  -7.340  1.00 65.11  ? 52  PHE A O   1 
ATOM   389  C  CB  . PHE A 1 52  ? -15.867 15.167  -9.287  1.00 63.49  ? 52  PHE A CB  1 
ATOM   390  C  CG  . PHE A 1 52  ? -14.833 14.420  -10.077 1.00 67.57  ? 52  PHE A CG  1 
ATOM   391  C  CD1 . PHE A 1 52  ? -14.811 14.499  -11.459 1.00 65.57  ? 52  PHE A CD1 1 
ATOM   392  C  CD2 . PHE A 1 52  ? -13.881 13.640  -9.442  1.00 65.84  ? 52  PHE A CD2 1 
ATOM   393  C  CE1 . PHE A 1 52  ? -13.859 13.812  -12.195 1.00 69.81  ? 52  PHE A CE1 1 
ATOM   394  C  CE2 . PHE A 1 52  ? -12.921 12.949  -10.173 1.00 52.91  ? 52  PHE A CE2 1 
ATOM   395  C  CZ  . PHE A 1 52  ? -12.913 13.037  -11.549 1.00 57.02  ? 52  PHE A CZ  1 
ATOM   396  N  N   . CYS A 1 53  ? -17.119 12.118  -9.247  1.00 70.69  ? 53  CYS A N   1 
ATOM   397  C  CA  . CYS A 1 53  ? -17.179 10.791  -8.628  1.00 56.71  ? 53  CYS A CA  1 
ATOM   398  C  C   . CYS A 1 53  ? -15.903 10.011  -8.880  1.00 51.64  ? 53  CYS A C   1 
ATOM   399  O  O   . CYS A 1 53  ? -15.523 9.756   -10.025 1.00 58.15  ? 53  CYS A O   1 
ATOM   400  C  CB  . CYS A 1 53  ? -18.358 9.991   -9.176  1.00 68.80  ? 53  CYS A CB  1 
ATOM   401  S  SG  . CYS A 1 53  ? -19.942 10.776  -8.933  1.00 66.40  ? 53  CYS A SG  1 
ATOM   402  N  N   . VAL A 1 54  ? -15.250 9.605   -7.803  1.00 53.11  ? 54  VAL A N   1 
ATOM   403  C  CA  . VAL A 1 54  ? -13.963 8.956   -7.941  1.00 52.89  ? 54  VAL A CA  1 
ATOM   404  C  C   . VAL A 1 54  ? -13.761 7.863   -6.893  1.00 41.43  ? 54  VAL A C   1 
ATOM   405  O  O   . VAL A 1 54  ? -14.161 8.010   -5.736  1.00 41.04  ? 54  VAL A O   1 
ATOM   406  C  CB  . VAL A 1 54  ? -12.829 10.000  -7.838  1.00 49.12  ? 54  VAL A CB  1 
ATOM   407  C  CG1 . VAL A 1 54  ? -12.820 10.640  -6.446  1.00 39.92  ? 54  VAL A CG1 1 
ATOM   408  C  CG2 . VAL A 1 54  ? -11.479 9.383   -8.202  1.00 45.95  ? 54  VAL A CG2 1 
ATOM   409  N  N   . GLY A 1 55  ? -13.147 6.763   -7.315  1.00 48.98  ? 55  GLY A N   1 
ATOM   410  C  CA  . GLY A 1 55  ? -12.660 5.764   -6.387  1.00 41.53  ? 55  GLY A CA  1 
ATOM   411  C  C   . GLY A 1 55  ? -11.196 5.509   -6.674  1.00 48.13  ? 55  GLY A C   1 
ATOM   412  O  O   . GLY A 1 55  ? -10.573 6.258   -7.424  1.00 50.45  ? 55  GLY A O   1 
ATOM   413  N  N   . LEU A 1 56  ? -10.652 4.445   -6.091  1.00 41.19  ? 56  LEU A N   1 
ATOM   414  C  CA  . LEU A 1 56  ? -9.258  4.084   -6.290  1.00 33.01  ? 56  LEU A CA  1 
ATOM   415  C  C   . LEU A 1 56  ? -9.092  2.621   -6.695  1.00 45.09  ? 56  LEU A C   1 
ATOM   416  O  O   . LEU A 1 56  ? -9.715  1.736   -6.104  1.00 34.35  ? 56  LEU A O   1 
ATOM   417  C  CB  . LEU A 1 56  ? -8.471  4.333   -5.004  1.00 43.72  ? 56  LEU A CB  1 
ATOM   418  C  CG  . LEU A 1 56  ? -8.487  5.746   -4.432  1.00 39.17  ? 56  LEU A CG  1 
ATOM   419  C  CD1 . LEU A 1 56  ? -7.983  5.738   -3.002  1.00 39.29  ? 56  LEU A CD1 1 
ATOM   420  C  CD2 . LEU A 1 56  ? -7.639  6.656   -5.302  1.00 37.53  ? 56  LEU A CD2 1 
ATOM   421  N  N   . ASP A 1 57  ? -8.257  2.383   -7.707  1.00 36.38  ? 57  ASP A N   1 
ATOM   422  C  CA  . ASP A 1 57  ? -7.736  1.050   -8.007  1.00 40.35  ? 57  ASP A CA  1 
ATOM   423  C  C   . ASP A 1 57  ? -6.286  0.952   -7.521  1.00 44.21  ? 57  ASP A C   1 
ATOM   424  O  O   . ASP A 1 57  ? -5.571  1.951   -7.454  1.00 39.62  ? 57  ASP A O   1 
ATOM   425  C  CB  . ASP A 1 57  ? -7.773  0.763   -9.511  1.00 43.89  ? 57  ASP A CB  1 
ATOM   426  C  CG  . ASP A 1 57  ? -9.179  0.818   -10.089 1.00 43.95  ? 57  ASP A CG  1 
ATOM   427  O  OD1 . ASP A 1 57  ? -10.143 0.506   -9.360  1.00 50.33  ? 57  ASP A OD1 1 
ATOM   428  O  OD2 . ASP A 1 57  ? -9.314  1.180   -11.275 1.00 45.74  ? 57  ASP A OD2 1 
ATOM   429  N  N   . GLY A 1 58  ? -5.849  -0.257  -7.194  1.00 35.18  ? 58  GLY A N   1 
ATOM   430  C  CA  . GLY A 1 58  ? -4.475  -0.481  -6.770  1.00 36.60  ? 58  GLY A CA  1 
ATOM   431  C  C   . GLY A 1 58  ? -3.889  -1.695  -7.465  1.00 42.23  ? 58  GLY A C   1 
ATOM   432  O  O   . GLY A 1 58  ? -4.632  -2.590  -7.875  1.00 41.46  ? 58  GLY A O   1 
ATOM   433  N  N   . LYS A 1 59  ? -2.567  -1.722  -7.607  1.00 32.54  ? 59  LYS A N   1 
ATOM   434  C  CA  . LYS A 1 59  ? -1.876  -2.840  -8.245  1.00 36.21  ? 59  LYS A CA  1 
ATOM   435  C  C   . LYS A 1 59  ? -0.550  -3.103  -7.545  1.00 42.38  ? 59  LYS A C   1 
ATOM   436  O  O   . LYS A 1 59  ? 0.214   -2.171  -7.296  1.00 37.17  ? 59  LYS A O   1 
ATOM   437  C  CB  . LYS A 1 59  ? -1.632  -2.548  -9.731  1.00 38.49  ? 59  LYS A CB  1 
ATOM   438  C  CG  . LYS A 1 59  ? -0.867  -3.644  -10.474 1.00 45.48  ? 59  LYS A CG  1 
ATOM   439  C  CD  . LYS A 1 59  ? -1.069  -3.565  -11.996 1.00 41.91  ? 59  LYS A CD  1 
ATOM   440  C  CE  . LYS A 1 59  ? -0.260  -2.437  -12.639 1.00 47.23  ? 59  LYS A CE  1 
ATOM   441  N  NZ  . LYS A 1 59  ? 1.161   -2.813  -12.924 1.00 43.02  ? 59  LYS A NZ  1 
ATOM   442  N  N   . VAL A 1 60  ? -0.280  -4.366  -7.222  1.00 33.04  ? 60  VAL A N   1 
ATOM   443  C  CA  . VAL A 1 60  ? 1.006   -4.744  -6.644  1.00 30.81  ? 60  VAL A CA  1 
ATOM   444  C  C   . VAL A 1 60  ? 1.797   -5.524  -7.676  1.00 36.14  ? 60  VAL A C   1 
ATOM   445  O  O   . VAL A 1 60  ? 1.279   -6.468  -8.262  1.00 36.52  ? 60  VAL A O   1 
ATOM   446  C  CB  . VAL A 1 60  ? 0.843   -5.608  -5.369  1.00 31.26  ? 60  VAL A CB  1 
ATOM   447  C  CG1 . VAL A 1 60  ? 2.201   -6.129  -4.898  1.00 27.17  ? 60  VAL A CG1 1 
ATOM   448  C  CG2 . VAL A 1 60  ? 0.189   -4.810  -4.267  1.00 28.69  ? 60  VAL A CG2 1 
ATOM   449  N  N   . ASP A 1 61  ? 3.049   -5.124  -7.892  1.00 38.90  ? 61  ASP A N   1 
ATOM   450  C  CA  . ASP A 1 61  ? 3.891   -5.692  -8.945  1.00 37.23  ? 61  ASP A CA  1 
ATOM   451  C  C   . ASP A 1 61  ? 4.798   -6.804  -8.440  1.00 41.54  ? 61  ASP A C   1 
ATOM   452  O  O   . ASP A 1 61  ? 5.353   -7.566  -9.226  1.00 45.58  ? 61  ASP A O   1 
ATOM   453  C  CB  . ASP A 1 61  ? 4.730   -4.587  -9.601  1.00 41.43  ? 61  ASP A CB  1 
ATOM   454  C  CG  . ASP A 1 61  ? 3.868   -3.491  -10.209 1.00 39.51  ? 61  ASP A CG  1 
ATOM   455  O  OD1 . ASP A 1 61  ? 2.729   -3.791  -10.614 1.00 39.83  ? 61  ASP A OD1 1 
ATOM   456  O  OD2 . ASP A 1 61  ? 4.321   -2.330  -10.274 1.00 50.63  ? 61  ASP A OD2 1 
ATOM   457  N  N   . LEU A 1 62  ? 4.948   -6.897  -7.125  1.00 38.17  ? 62  LEU A N   1 
ATOM   458  C  CA  . LEU A 1 62  ? 5.779   -7.926  -6.521  1.00 33.32  ? 62  LEU A CA  1 
ATOM   459  C  C   . LEU A 1 62  ? 5.216   -9.300  -6.843  1.00 35.11  ? 62  LEU A C   1 
ATOM   460  O  O   . LEU A 1 62  ? 4.020   -9.441  -7.055  1.00 35.09  ? 62  LEU A O   1 
ATOM   461  C  CB  . LEU A 1 62  ? 5.825   -7.725  -5.004  1.00 34.90  ? 62  LEU A CB  1 
ATOM   462  C  CG  . LEU A 1 62  ? 6.475   -6.417  -4.569  1.00 30.97  ? 62  LEU A CG  1 
ATOM   463  C  CD1 . LEU A 1 62  ? 6.259   -6.146  -3.070  1.00 33.88  ? 62  LEU A CD1 1 
ATOM   464  C  CD2 . LEU A 1 62  ? 7.956   -6.488  -4.900  1.00 33.04  ? 62  LEU A CD2 1 
ATOM   465  N  N   . PRO A 1 63  ? 6.081   -10.325 -6.884  1.00 37.66  ? 63  PRO A N   1 
ATOM   466  C  CA  . PRO A 1 63  ? 5.610   -11.683 -7.164  1.00 36.26  ? 63  PRO A CA  1 
ATOM   467  C  C   . PRO A 1 63  ? 4.819   -12.254 -5.985  1.00 40.18  ? 63  PRO A C   1 
ATOM   468  O  O   . PRO A 1 63  ? 5.208   -12.070 -4.831  1.00 43.42  ? 63  PRO A O   1 
ATOM   469  C  CB  . PRO A 1 63  ? 6.916   -12.462 -7.324  1.00 35.60  ? 63  PRO A CB  1 
ATOM   470  C  CG  . PRO A 1 63  ? 7.874   -11.723 -6.421  1.00 44.64  ? 63  PRO A CG  1 
ATOM   471  C  CD  . PRO A 1 63  ? 7.543   -10.282 -6.713  1.00 37.55  ? 63  PRO A CD  1 
ATOM   472  N  N   . VAL A 1 64  ? 3.729   -12.954 -6.278  1.00 35.27  ? 64  VAL A N   1 
ATOM   473  C  CA  . VAL A 1 64  ? 2.961   -13.653 -5.254  1.00 37.45  ? 64  VAL A CA  1 
ATOM   474  C  C   . VAL A 1 64  ? 3.662   -14.951 -4.851  1.00 39.75  ? 64  VAL A C   1 
ATOM   475  O  O   . VAL A 1 64  ? 3.943   -15.787 -5.706  1.00 36.79  ? 64  VAL A O   1 
ATOM   476  C  CB  . VAL A 1 64  ? 1.532   -13.961 -5.754  1.00 29.79  ? 64  VAL A CB  1 
ATOM   477  C  CG1 . VAL A 1 64  ? 0.814   -14.895 -4.788  1.00 34.39  ? 64  VAL A CG1 1 
ATOM   478  C  CG2 . VAL A 1 64  ? 0.748   -12.660 -5.930  1.00 33.14  ? 64  VAL A CG2 1 
ATOM   479  N  N   . VAL A 1 65  ? 3.956   -15.122 -3.560  1.00 32.78  ? 65  VAL A N   1 
ATOM   480  C  CA  . VAL A 1 65  ? 4.643   -16.331 -3.104  1.00 33.19  ? 65  VAL A CA  1 
ATOM   481  C  C   . VAL A 1 65  ? 3.784   -17.204 -2.204  1.00 34.64  ? 65  VAL A C   1 
ATOM   482  O  O   . VAL A 1 65  ? 4.222   -18.240 -1.721  1.00 33.98  ? 65  VAL A O   1 
ATOM   483  C  CB  . VAL A 1 65  ? 5.972   -16.027 -2.360  1.00 42.87  ? 65  VAL A CB  1 
ATOM   484  C  CG1 . VAL A 1 65  ? 7.031   -15.516 -3.319  1.00 40.60  ? 65  VAL A CG1 1 
ATOM   485  C  CG2 . VAL A 1 65  ? 5.741   -15.049 -1.226  1.00 42.35  ? 65  VAL A CG2 1 
ATOM   486  N  N   . GLY A 1 66  ? 2.556   -16.788 -1.968  1.00 32.88  ? 66  GLY A N   1 
ATOM   487  C  CA  . GLY A 1 66  ? 1.670   -17.580 -1.144  1.00 30.99  ? 66  GLY A CA  1 
ATOM   488  C  C   . GLY A 1 66  ? 0.509   -16.733 -0.701  1.00 30.93  ? 66  GLY A C   1 
ATOM   489  O  O   . GLY A 1 66  ? 0.246   -15.686 -1.278  1.00 33.21  ? 66  GLY A O   1 
ATOM   490  N  N   . SER A 1 67  ? -0.196  -17.186 0.320   1.00 26.88  ? 67  SER A N   1 
ATOM   491  C  CA  . SER A 1 67  ? -1.292  -16.401 0.848   1.00 34.44  ? 67  SER A CA  1 
ATOM   492  C  C   . SER A 1 67  ? -1.496  -16.669 2.324   1.00 30.65  ? 67  SER A C   1 
ATOM   493  O  O   . SER A 1 67  ? -1.075  -17.697 2.863   1.00 33.15  ? 67  SER A O   1 
ATOM   494  C  CB  . SER A 1 67  ? -2.588  -16.674 0.082   1.00 43.95  ? 67  SER A CB  1 
ATOM   495  O  OG  . SER A 1 67  ? -3.106  -17.943 0.408   1.00 36.37  ? 67  SER A OG  1 
ATOM   496  N  N   . LEU A 1 68  ? -2.145  -15.717 2.971   1.00 32.94  ? 68  LEU A N   1 
ATOM   497  C  CA  . LEU A 1 68  ? -2.352  -15.775 4.400   1.00 40.45  ? 68  LEU A CA  1 
ATOM   498  C  C   . LEU A 1 68  ? -3.769  -15.308 4.643   1.00 42.42  ? 68  LEU A C   1 
ATOM   499  O  O   . LEU A 1 68  ? -4.089  -14.133 4.456   1.00 38.54  ? 68  LEU A O   1 
ATOM   500  C  CB  . LEU A 1 68  ? -1.340  -14.871 5.111   1.00 50.28  ? 68  LEU A CB  1 
ATOM   501  C  CG  . LEU A 1 68  ? -1.291  -14.931 6.638   1.00 52.27  ? 68  LEU A CG  1 
ATOM   502  C  CD1 . LEU A 1 68  ? -2.302  -13.972 7.256   1.00 51.09  ? 68  LEU A CD1 1 
ATOM   503  C  CD2 . LEU A 1 68  ? -1.532  -16.352 7.100   1.00 50.84  ? 68  LEU A CD2 1 
ATOM   504  N  N   . ASP A 1 69  ? -4.626  -16.245 5.018   1.00 43.79  ? 69  ASP A N   1 
ATOM   505  C  CA  . ASP A 1 69  ? -6.034  -15.947 5.204   1.00 54.13  ? 69  ASP A CA  1 
ATOM   506  C  C   . ASP A 1 69  ? -6.654  -15.342 3.948   1.00 45.69  ? 69  ASP A C   1 
ATOM   507  O  O   . ASP A 1 69  ? -7.495  -14.448 4.033   1.00 53.36  ? 69  ASP A O   1 
ATOM   508  C  CB  . ASP A 1 69  ? -6.223  -15.020 6.404   1.00 57.11  ? 69  ASP A CB  1 
ATOM   509  C  CG  . ASP A 1 69  ? -6.054  -15.741 7.723   1.00 56.26  ? 69  ASP A CG  1 
ATOM   510  O  OD1 . ASP A 1 69  ? -6.477  -16.915 7.812   1.00 58.80  ? 69  ASP A OD1 1 
ATOM   511  O  OD2 . ASP A 1 69  ? -5.503  -15.136 8.666   1.00 53.10  ? 69  ASP A OD2 1 
ATOM   512  N  N   . GLY A 1 70  ? -6.229  -15.826 2.784   1.00 49.72  ? 70  GLY A N   1 
ATOM   513  C  CA  . GLY A 1 70  ? -6.833  -15.418 1.526   1.00 36.09  ? 70  GLY A CA  1 
ATOM   514  C  C   . GLY A 1 70  ? -6.224  -14.186 0.886   1.00 51.73  ? 70  GLY A C   1 
ATOM   515  O  O   . GLY A 1 70  ? -6.592  -13.802 -0.225  1.00 48.47  ? 70  GLY A O   1 
ATOM   516  N  N   . GLN A 1 71  ? -5.288  -13.558 1.588   1.00 44.03  ? 71  GLN A N   1 
ATOM   517  C  CA  . GLN A 1 71  ? -4.587  -12.406 1.047   1.00 34.49  ? 71  GLN A CA  1 
ATOM   518  C  C   . GLN A 1 71  ? -3.208  -12.842 0.547   1.00 25.98  ? 71  GLN A C   1 
ATOM   519  O  O   . GLN A 1 71  ? -2.543  -13.633 1.205   1.00 33.26  ? 71  GLN A O   1 
ATOM   520  C  CB  . GLN A 1 71  ? -4.474  -11.354 2.143   1.00 42.98  ? 71  GLN A CB  1 
ATOM   521  C  CG  . GLN A 1 71  ? -3.462  -10.283 1.917   1.00 28.04  ? 71  GLN A CG  1 
ATOM   522  C  CD  . GLN A 1 71  ? -3.470  -9.265  3.043   1.00 38.48  ? 71  GLN A CD  1 
ATOM   523  O  OE1 . GLN A 1 71  ? -2.927  -8.166  2.911   1.00 30.75  ? 71  GLN A OE1 1 
ATOM   524  N  NE2 . GLN A 1 71  ? -4.091  -9.625  4.161   1.00 22.07  ? 71  GLN A NE2 1 
ATOM   525  N  N   . SER A 1 72  ? -2.789  -12.351 -0.620  1.00 31.52  ? 72  SER A N   1 
ATOM   526  C  CA  . SER A 1 72  ? -1.475  -12.696 -1.160  1.00 29.58  ? 72  SER A CA  1 
ATOM   527  C  C   . SER A 1 72  ? -0.319  -12.326 -0.217  1.00 32.80  ? 72  SER A C   1 
ATOM   528  O  O   . SER A 1 72  ? -0.292  -11.235 0.360   1.00 28.68  ? 72  SER A O   1 
ATOM   529  C  CB  . SER A 1 72  ? -1.230  -12.014 -2.513  1.00 25.19  ? 72  SER A CB  1 
ATOM   530  O  OG  . SER A 1 72  ? -2.154  -12.426 -3.496  1.00 34.43  ? 72  SER A OG  1 
ATOM   531  N  N   . ILE A 1 73  ? 0.633   -13.241 -0.071  1.00 30.33  ? 73  ILE A N   1 
ATOM   532  C  CA  . ILE A 1 73  ? 1.936   -12.892 0.490   1.00 27.77  ? 73  ILE A CA  1 
ATOM   533  C  C   . ILE A 1 73  ? 2.822   -12.553 -0.710  1.00 32.22  ? 73  ILE A C   1 
ATOM   534  O  O   . ILE A 1 73  ? 3.067   -13.405 -1.552  1.00 33.20  ? 73  ILE A O   1 
ATOM   535  C  CB  . ILE A 1 73  ? 2.564   -14.052 1.278   1.00 29.87  ? 73  ILE A CB  1 
ATOM   536  C  CG1 . ILE A 1 73  ? 1.629   -14.501 2.406   1.00 33.94  ? 73  ILE A CG1 1 
ATOM   537  C  CG2 . ILE A 1 73  ? 3.937   -13.642 1.844   1.00 31.84  ? 73  ILE A CG2 1 
ATOM   538  C  CD1 . ILE A 1 73  ? 2.110   -15.772 3.142   1.00 33.84  ? 73  ILE A CD1 1 
ATOM   539  N  N   . TYR A 1 74  ? 3.233   -11.296 -0.818  1.00 25.34  ? 74  TYR A N   1 
ATOM   540  C  CA  . TYR A 1 74  ? 4.123   -10.866 -1.896  1.00 35.51  ? 74  TYR A CA  1 
ATOM   541  C  C   . TYR A 1 74  ? 5.582   -11.000 -1.472  1.00 35.43  ? 74  TYR A C   1 
ATOM   542  O  O   . TYR A 1 74  ? 5.947   -10.561 -0.389  1.00 33.52  ? 74  TYR A O   1 
ATOM   543  C  CB  . TYR A 1 74  ? 3.833   -9.416  -2.259  1.00 27.97  ? 74  TYR A CB  1 
ATOM   544  C  CG  . TYR A 1 74  ? 2.435   -9.180  -2.784  1.00 32.99  ? 74  TYR A CG  1 
ATOM   545  C  CD1 . TYR A 1 74  ? 2.109   -9.480  -4.105  1.00 33.07  ? 74  TYR A CD1 1 
ATOM   546  C  CD2 . TYR A 1 74  ? 1.441   -8.643  -1.965  1.00 27.10  ? 74  TYR A CD2 1 
ATOM   547  C  CE1 . TYR A 1 74  ? 0.828   -9.242  -4.596  1.00 33.34  ? 74  TYR A CE1 1 
ATOM   548  C  CE2 . TYR A 1 74  ? 0.166   -8.410  -2.445  1.00 28.35  ? 74  TYR A CE2 1 
ATOM   549  C  CZ  . TYR A 1 74  ? -0.137  -8.713  -3.764  1.00 28.47  ? 74  TYR A CZ  1 
ATOM   550  O  OH  . TYR A 1 74  ? -1.410  -8.474  -4.244  1.00 25.92  ? 74  TYR A OH  1 
ATOM   551  N  N   . GLY A 1 75  ? 6.414   -11.599 -2.324  1.00 37.40  ? 75  GLY A N   1 
ATOM   552  C  CA  . GLY A 1 75  ? 7.798   -11.877 -1.966  1.00 38.17  ? 75  GLY A CA  1 
ATOM   553  C  C   . GLY A 1 75  ? 8.766   -10.718 -2.178  1.00 41.34  ? 75  GLY A C   1 
ATOM   554  O  O   . GLY A 1 75  ? 8.653   -9.982  -3.159  1.00 40.93  ? 75  GLY A O   1 
ATOM   555  N  N   . LEU A 1 76  ? 9.708   -10.549 -1.250  1.00 33.90  ? 76  LEU A N   1 
ATOM   556  C  CA  . LEU A 1 76  ? 10.746  -9.528  -1.373  1.00 38.68  ? 76  LEU A CA  1 
ATOM   557  C  C   . LEU A 1 76  ? 12.087  -10.213 -1.535  1.00 46.11  ? 76  LEU A C   1 
ATOM   558  O  O   . LEU A 1 76  ? 12.825  -9.942  -2.479  1.00 47.23  ? 76  LEU A O   1 
ATOM   559  C  CB  . LEU A 1 76  ? 10.797  -8.646  -0.130  1.00 41.24  ? 76  LEU A CB  1 
ATOM   560  C  CG  . LEU A 1 76  ? 9.616   -7.710  0.084   1.00 46.57  ? 76  LEU A CG  1 
ATOM   561  C  CD1 . LEU A 1 76  ? 9.826   -6.914  1.368   1.00 37.00  ? 76  LEU A CD1 1 
ATOM   562  C  CD2 . LEU A 1 76  ? 9.437   -6.796  -1.122  1.00 32.87  ? 76  LEU A CD2 1 
ATOM   563  N  N   . THR A 1 77  ? 12.395  -11.093 -0.586  1.00 44.39  ? 77  THR A N   1 
ATOM   564  C  CA  . THR A 1 77  ? 13.575  -11.941 -0.653  1.00 41.37  ? 77  THR A CA  1 
ATOM   565  C  C   . THR A 1 77  ? 13.150  -13.335 -0.240  1.00 44.91  ? 77  THR A C   1 
ATOM   566  O  O   . THR A 1 77  ? 11.996  -13.559 0.107   1.00 41.42  ? 77  THR A O   1 
ATOM   567  C  CB  . THR A 1 77  ? 14.679  -11.466 0.300   1.00 45.60  ? 77  THR A CB  1 
ATOM   568  O  OG1 . THR A 1 77  ? 14.343  -11.833 1.643   1.00 47.51  ? 77  THR A OG1 1 
ATOM   569  C  CG2 . THR A 1 77  ? 14.854  -9.962  0.207   1.00 46.64  ? 77  THR A CG2 1 
ATOM   570  N  N   . GLU A 1 78  ? 14.080  -14.276 -0.270  1.00 42.58  ? 78  GLU A N   1 
ATOM   571  C  CA  . GLU A 1 78  ? 13.758  -15.648 0.081   1.00 41.37  ? 78  GLU A CA  1 
ATOM   572  C  C   . GLU A 1 78  ? 13.285  -15.753 1.533   1.00 44.34  ? 78  GLU A C   1 
ATOM   573  O  O   . GLU A 1 78  ? 12.548  -16.677 1.892   1.00 47.02  ? 78  GLU A O   1 
ATOM   574  C  CB  . GLU A 1 78  ? 14.978  -16.532 -0.174  1.00 59.31  ? 78  GLU A CB  1 
ATOM   575  C  CG  . GLU A 1 78  ? 14.900  -17.933 0.390   1.00 66.84  ? 78  GLU A CG  1 
ATOM   576  C  CD  . GLU A 1 78  ? 16.103  -18.770 -0.019  1.00 85.80  ? 78  GLU A CD  1 
ATOM   577  O  OE1 . GLU A 1 78  ? 16.096  -19.312 -1.148  1.00 76.63  ? 78  GLU A OE1 1 
ATOM   578  O  OE2 . GLU A 1 78  ? 17.056  -18.880 0.785   1.00 72.08  ? 78  GLU A OE2 1 
ATOM   579  N  N   . GLU A 1 79  ? 13.694  -14.786 2.353   1.00 41.44  ? 79  GLU A N   1 
ATOM   580  C  CA  . GLU A 1 79  ? 13.389  -14.781 3.783   1.00 42.61  ? 79  GLU A CA  1 
ATOM   581  C  C   . GLU A 1 79  ? 12.172  -13.925 4.176   1.00 31.99  ? 79  GLU A C   1 
ATOM   582  O  O   . GLU A 1 79  ? 11.497  -14.215 5.167   1.00 38.57  ? 79  GLU A O   1 
ATOM   583  C  CB  . GLU A 1 79  ? 14.606  -14.298 4.582   1.00 45.26  ? 79  GLU A CB  1 
ATOM   584  C  CG  . GLU A 1 79  ? 15.780  -15.267 4.623   1.00 54.63  ? 79  GLU A CG  1 
ATOM   585  C  CD  . GLU A 1 79  ? 17.002  -14.681 5.326   1.00 66.98  ? 79  GLU A CD  1 
ATOM   586  O  OE1 . GLU A 1 79  ? 17.850  -15.471 5.798   1.00 78.96  ? 79  GLU A OE1 1 
ATOM   587  O  OE2 . GLU A 1 79  ? 17.115  -13.435 5.409   1.00 58.03  ? 79  GLU A OE2 1 
ATOM   588  N  N   . VAL A 1 80  ? 11.905  -12.866 3.422   1.00 35.23  ? 80  VAL A N   1 
ATOM   589  C  CA  . VAL A 1 80  ? 10.882  -11.900 3.827   1.00 39.32  ? 80  VAL A CA  1 
ATOM   590  C  C   . VAL A 1 80  ? 9.905   -11.573 2.698   1.00 41.03  ? 80  VAL A C   1 
ATOM   591  O  O   . VAL A 1 80  ? 10.328  -11.237 1.594   1.00 38.60  ? 80  VAL A O   1 
ATOM   592  C  CB  . VAL A 1 80  ? 11.518  -10.568 4.273   1.00 38.11  ? 80  VAL A CB  1 
ATOM   593  C  CG1 . VAL A 1 80  ? 10.434  -9.548  4.618   1.00 32.45  ? 80  VAL A CG1 1 
ATOM   594  C  CG2 . VAL A 1 80  ? 12.500  -10.774 5.445   1.00 28.74  ? 80  VAL A CG2 1 
ATOM   595  N  N   . GLY A 1 81  ? 8.607   -11.678 2.986   1.00 27.21  ? 81  GLY A N   1 
ATOM   596  C  CA  . GLY A 1 81  ? 7.563   -11.192 2.093   1.00 31.90  ? 81  GLY A CA  1 
ATOM   597  C  C   . GLY A 1 81  ? 6.781   -10.058 2.752   1.00 36.45  ? 81  GLY A C   1 
ATOM   598  O  O   . GLY A 1 81  ? 7.214   -9.516  3.774   1.00 34.22  ? 81  GLY A O   1 
ATOM   599  N  N   . LEU A 1 82  ? 5.637   -9.704  2.172   1.00 27.05  ? 82  LEU A N   1 
ATOM   600  C  CA  . LEU A 1 82  ? 4.787   -8.630  2.673   1.00 27.48  ? 82  LEU A CA  1 
ATOM   601  C  C   . LEU A 1 82  ? 3.316   -8.967  2.493   1.00 35.04  ? 82  LEU A C   1 
ATOM   602  O  O   . LEU A 1 82  ? 2.938   -9.544  1.479   1.00 28.24  ? 82  LEU A O   1 
ATOM   603  C  CB  . LEU A 1 82  ? 5.024   -7.337  1.891   1.00 30.35  ? 82  LEU A CB  1 
ATOM   604  C  CG  . LEU A 1 82  ? 6.387   -6.655  1.957   1.00 32.88  ? 82  LEU A CG  1 
ATOM   605  C  CD1 . LEU A 1 82  ? 6.391   -5.429  1.052   1.00 31.39  ? 82  LEU A CD1 1 
ATOM   606  C  CD2 . LEU A 1 82  ? 6.722   -6.280  3.398   1.00 28.87  ? 82  LEU A CD2 1 
ATOM   607  N  N   . LEU A 1 83  ? 2.498   -8.586  3.474   1.00 27.46  ? 83  LEU A N   1 
ATOM   608  C  CA  . LEU A 1 83  ? 1.064   -8.420  3.274   1.00 30.24  ? 83  LEU A CA  1 
ATOM   609  C  C   . LEU A 1 83  ? 0.845   -6.949  2.951   1.00 34.25  ? 83  LEU A C   1 
ATOM   610  O  O   . LEU A 1 83  ? 1.460   -6.081  3.572   1.00 26.13  ? 83  LEU A O   1 
ATOM   611  C  CB  . LEU A 1 83  ? 0.302   -8.782  4.550   1.00 28.74  ? 83  LEU A CB  1 
ATOM   612  C  CG  . LEU A 1 83  ? 0.439   -10.202 5.095   1.00 30.27  ? 83  LEU A CG  1 
ATOM   613  C  CD1 . LEU A 1 83  ? -0.427  -10.364 6.337   1.00 34.41  ? 83  LEU A CD1 1 
ATOM   614  C  CD2 . LEU A 1 83  ? 0.068   -11.240 4.034   1.00 29.11  ? 83  LEU A CD2 1 
ATOM   615  N  N   . ILE A 1 84  ? -0.025  -6.662  1.990   1.00 23.58  ? 84  ILE A N   1 
ATOM   616  C  CA  . ILE A 1 84  ? -0.193  -5.295  1.522   1.00 24.48  ? 84  ILE A CA  1 
ATOM   617  C  C   . ILE A 1 84  ? -1.649  -4.874  1.516   1.00 31.86  ? 84  ILE A C   1 
ATOM   618  O  O   . ILE A 1 84  ? -2.527  -5.660  1.166   1.00 25.76  ? 84  ILE A O   1 
ATOM   619  C  CB  . ILE A 1 84  ? 0.425   -5.096  0.116   1.00 31.66  ? 84  ILE A CB  1 
ATOM   620  C  CG1 . ILE A 1 84  ? 1.904   -5.506  0.144   1.00 31.02  ? 84  ILE A CG1 1 
ATOM   621  C  CG2 . ILE A 1 84  ? 0.223   -3.648  -0.362  1.00 23.00  ? 84  ILE A CG2 1 
ATOM   622  C  CD1 . ILE A 1 84  ? 2.689   -5.171  -1.099  1.00 26.03  ? 84  ILE A CD1 1 
ATOM   623  N  N   . TRP A 1 85  ? -1.899  -3.638  1.950   1.00 26.17  ? 85  TRP A N   1 
ATOM   624  C  CA  . TRP A 1 85  ? -3.235  -3.046  1.886   1.00 28.32  ? 85  TRP A CA  1 
ATOM   625  C  C   . TRP A 1 85  ? -3.109  -1.722  1.155   1.00 42.06  ? 85  TRP A C   1 
ATOM   626  O  O   . TRP A 1 85  ? -2.184  -0.957  1.417   1.00 31.33  ? 85  TRP A O   1 
ATOM   627  C  CB  . TRP A 1 85  ? -3.787  -2.743  3.280   1.00 28.61  ? 85  TRP A CB  1 
ATOM   628  C  CG  . TRP A 1 85  ? -4.172  -3.922  4.089   1.00 32.46  ? 85  TRP A CG  1 
ATOM   629  C  CD1 . TRP A 1 85  ? -5.438  -4.359  4.356   1.00 28.10  ? 85  TRP A CD1 1 
ATOM   630  C  CD2 . TRP A 1 85  ? -3.282  -4.817  4.777   1.00 30.61  ? 85  TRP A CD2 1 
ATOM   631  N  NE1 . TRP A 1 85  ? -5.389  -5.474  5.166   1.00 29.78  ? 85  TRP A NE1 1 
ATOM   632  C  CE2 . TRP A 1 85  ? -4.081  -5.778  5.433   1.00 29.36  ? 85  TRP A CE2 1 
ATOM   633  C  CE3 . TRP A 1 85  ? -1.892  -4.897  4.892   1.00 29.54  ? 85  TRP A CE3 1 
ATOM   634  C  CZ2 . TRP A 1 85  ? -3.535  -6.811  6.190   1.00 27.03  ? 85  TRP A CZ2 1 
ATOM   635  C  CZ3 . TRP A 1 85  ? -1.348  -5.924  5.650   1.00 32.27  ? 85  TRP A CZ3 1 
ATOM   636  C  CH2 . TRP A 1 85  ? -2.170  -6.864  6.293   1.00 29.37  ? 85  TRP A CH2 1 
ATOM   637  N  N   . MET A 1 86  ? -4.037  -1.452  0.248   1.00 29.14  ? 86  MET A N   1 
ATOM   638  C  CA  . MET A 1 86  ? -4.124  -0.148  -0.407  1.00 31.28  ? 86  MET A CA  1 
ATOM   639  C  C   . MET A 1 86  ? -5.557  0.342   -0.320  1.00 39.51  ? 86  MET A C   1 
ATOM   640  O  O   . MET A 1 86  ? -6.491  -0.459  -0.286  1.00 32.17  ? 86  MET A O   1 
ATOM   641  C  CB  . MET A 1 86  ? -3.709  -0.245  -1.876  1.00 29.92  ? 86  MET A CB  1 
ATOM   642  C  CG  . MET A 1 86  ? -2.346  -0.864  -2.095  1.00 29.36  ? 86  MET A CG  1 
ATOM   643  S  SD  . MET A 1 86  ? -1.980  -1.085  -3.849  1.00 37.44  ? 86  MET A SD  1 
ATOM   644  C  CE  . MET A 1 86  ? -0.196  -0.955  -3.830  1.00 34.24  ? 86  MET A CE  1 
ATOM   645  N  N   . GLY A 1 87  ? -5.743  1.654   -0.280  1.00 35.25  ? 87  GLY A N   1 
ATOM   646  C  CA  . GLY A 1 87  ? -7.092  2.177   -0.239  1.00 38.15  ? 87  GLY A CA  1 
ATOM   647  C  C   . GLY A 1 87  ? -7.189  3.665   -0.009  1.00 47.69  ? 87  GLY A C   1 
ATOM   648  O  O   . GLY A 1 87  ? -6.255  4.420   -0.288  1.00 38.91  ? 87  GLY A O   1 
ATOM   649  N  N   . ASP A 1 88  ? -8.344  4.080   0.502   1.00 37.66  ? 88  ASP A N   1 
ATOM   650  C  CA  . ASP A 1 88  ? -8.640  5.486   0.720   1.00 40.22  ? 88  ASP A CA  1 
ATOM   651  C  C   . ASP A 1 88  ? -7.694  6.028   1.777   1.00 41.66  ? 88  ASP A C   1 
ATOM   652  O  O   . ASP A 1 88  ? -6.922  5.277   2.363   1.00 41.13  ? 88  ASP A O   1 
ATOM   653  C  CB  . ASP A 1 88  ? -10.089 5.654   1.167   1.00 37.76  ? 88  ASP A CB  1 
ATOM   654  C  CG  . ASP A 1 88  ? -10.551 7.104   1.124   1.00 56.78  ? 88  ASP A CG  1 
ATOM   655  O  OD1 . ASP A 1 88  ? -9.980  7.897   0.341   1.00 45.84  ? 88  ASP A OD1 1 
ATOM   656  O  OD2 . ASP A 1 88  ? -11.491 7.442   1.874   1.00 46.84  ? 88  ASP A OD2 1 
ATOM   657  N  N   . THR A 1 89  ? -7.766  7.330   2.022   1.00 38.65  ? 89  THR A N   1 
ATOM   658  C  CA  . THR A 1 89  ? -6.814  8.005   2.901   1.00 38.66  ? 89  THR A CA  1 
ATOM   659  C  C   . THR A 1 89  ? -6.589  7.313   4.243   1.00 41.73  ? 89  THR A C   1 
ATOM   660  O  O   . THR A 1 89  ? -5.454  7.134   4.674   1.00 48.01  ? 89  THR A O   1 
ATOM   661  C  CB  . THR A 1 89  ? -7.256  9.449   3.177   1.00 43.80  ? 89  THR A CB  1 
ATOM   662  O  OG1 . THR A 1 89  ? -7.417  10.141  1.935   1.00 45.00  ? 89  THR A OG1 1 
ATOM   663  C  CG2 . THR A 1 89  ? -6.221  10.161  4.029   1.00 43.77  ? 89  THR A CG2 1 
ATOM   664  N  N   . ASN A 1 90  ? -7.674  6.942   4.909   1.00 42.09  ? 90  ASN A N   1 
ATOM   665  C  CA  . ASN A 1 90  ? -7.574  6.278   6.204   1.00 53.89  ? 90  ASN A CA  1 
ATOM   666  C  C   . ASN A 1 90  ? -6.993  4.864   6.099   1.00 51.65  ? 90  ASN A C   1 
ATOM   667  O  O   . ASN A 1 90  ? -7.448  4.053   5.294   1.00 45.33  ? 90  ASN A O   1 
ATOM   668  C  CB  . ASN A 1 90  ? -8.949  6.243   6.888   1.00 63.48  ? 90  ASN A CB  1 
ATOM   669  C  CG  . ASN A 1 90  ? -8.891  5.680   8.306   1.00 78.85  ? 90  ASN A CG  1 
ATOM   670  O  OD1 . ASN A 1 90  ? -7.847  5.710   8.962   1.00 81.64  ? 90  ASN A OD1 1 
ATOM   671  N  ND2 . ASN A 1 90  ? -10.020 5.164   8.780   1.00 86.34  ? 90  ASN A ND2 1 
ATOM   672  N  N   . TYR A 1 91  ? -5.989  4.582   6.927   1.00 36.57  ? 91  TYR A N   1 
ATOM   673  C  CA  . TYR A 1 91  ? -5.335  3.279   6.950   1.00 50.35  ? 91  TYR A CA  1 
ATOM   674  C  C   . TYR A 1 91  ? -6.318  2.155   7.241   1.00 50.20  ? 91  TYR A C   1 
ATOM   675  O  O   . TYR A 1 91  ? -6.206  1.060   6.692   1.00 46.76  ? 91  TYR A O   1 
ATOM   676  C  CB  . TYR A 1 91  ? -4.214  3.268   7.989   1.00 47.61  ? 91  TYR A CB  1 
ATOM   677  C  CG  . TYR A 1 91  ? -2.941  3.938   7.516   1.00 51.48  ? 91  TYR A CG  1 
ATOM   678  C  CD1 . TYR A 1 91  ? -2.387  3.612   6.292   1.00 35.60  ? 91  TYR A CD1 1 
ATOM   679  C  CD2 . TYR A 1 91  ? -2.286  4.881   8.306   1.00 56.24  ? 91  TYR A CD2 1 
ATOM   680  C  CE1 . TYR A 1 91  ? -1.232  4.213   5.850   1.00 42.11  ? 91  TYR A CE1 1 
ATOM   681  C  CE2 . TYR A 1 91  ? -1.112  5.486   7.877   1.00 42.36  ? 91  TYR A CE2 1 
ATOM   682  C  CZ  . TYR A 1 91  ? -0.595  5.147   6.641   1.00 44.46  ? 91  TYR A CZ  1 
ATOM   683  O  OH  . TYR A 1 91  ? 0.565   5.723   6.179   1.00 39.16  ? 91  TYR A OH  1 
ATOM   684  N  N   . SER A 1 92  ? -7.287  2.446   8.103   1.00 43.31  ? 92  SER A N   1 
ATOM   685  C  CA  . SER A 1 92  ? -8.282  1.469   8.520   1.00 49.77  ? 92  SER A CA  1 
ATOM   686  C  C   . SER A 1 92  ? -9.159  1.015   7.364   1.00 48.38  ? 92  SER A C   1 
ATOM   687  O  O   . SER A 1 92  ? -9.715  -0.077  7.396   1.00 48.43  ? 92  SER A O   1 
ATOM   688  C  CB  . SER A 1 92  ? -9.157  2.041   9.638   1.00 45.62  ? 92  SER A CB  1 
ATOM   689  O  OG  . SER A 1 92  ? -8.471  2.008   10.878  1.00 71.32  ? 92  SER A OG  1 
ATOM   690  N  N   . ARG A 1 93  ? -9.292  1.862   6.356   1.00 40.03  ? 93  ARG A N   1 
ATOM   691  C  CA  . ARG A 1 93  ? -10.111 1.537   5.201   1.00 48.03  ? 93  ARG A CA  1 
ATOM   692  C  C   . ARG A 1 93  ? -9.317  0.840   4.100   1.00 46.14  ? 93  ARG A C   1 
ATOM   693  O  O   . ARG A 1 93  ? -9.811  0.664   2.989   1.00 41.16  ? 93  ARG A O   1 
ATOM   694  C  CB  . ARG A 1 93  ? -10.813 2.793   4.674   1.00 53.02  ? 93  ARG A CB  1 
ATOM   695  C  CG  . ARG A 1 93  ? -12.162 3.021   5.335   1.00 65.00  ? 93  ARG A CG  1 
ATOM   696  C  CD  . ARG A 1 93  ? -12.464 4.494   5.548   1.00 82.39  ? 93  ARG A CD  1 
ATOM   697  N  NE  . ARG A 1 93  ? -13.307 4.689   6.727   1.00 85.94  ? 93  ARG A NE  1 
ATOM   698  C  CZ  . ARG A 1 93  ? -13.478 5.856   7.341   1.00 91.61  ? 93  ARG A CZ  1 
ATOM   699  N  NH1 . ARG A 1 93  ? -14.259 5.932   8.411   1.00 88.50  ? 93  ARG A NH1 1 
ATOM   700  N  NH2 . ARG A 1 93  ? -12.867 6.943   6.888   1.00 87.66  ? 93  ARG A NH2 1 
ATOM   701  N  N   . GLY A 1 94  ? -8.093  0.428   4.418   1.00 47.28  ? 94  GLY A N   1 
ATOM   702  C  CA  . GLY A 1 94  ? -7.263  -0.304  3.470   1.00 41.18  ? 94  GLY A CA  1 
ATOM   703  C  C   . GLY A 1 94  ? -7.842  -1.632  2.995   1.00 38.87  ? 94  GLY A C   1 
ATOM   704  O  O   . GLY A 1 94  ? -8.400  -2.409  3.772   1.00 38.95  ? 94  GLY A O   1 
ATOM   705  N  N   . THR A 1 95  ? -7.706  -1.891  1.700   1.00 35.90  ? 95  THR A N   1 
ATOM   706  C  CA  . THR A 1 95  ? -8.179  -3.132  1.099   1.00 32.48  ? 95  THR A CA  1 
ATOM   707  C  C   . THR A 1 95  ? -7.007  -4.095  0.961   1.00 34.84  ? 95  THR A C   1 
ATOM   708  O  O   . THR A 1 95  ? -5.981  -3.745  0.384   1.00 30.73  ? 95  THR A O   1 
ATOM   709  C  CB  . THR A 1 95  ? -8.776  -2.868  -0.295  1.00 33.94  ? 95  THR A CB  1 
ATOM   710  O  OG1 . THR A 1 95  ? -9.890  -1.980  -0.172  1.00 40.28  ? 95  THR A OG1 1 
ATOM   711  C  CG2 . THR A 1 95  ? -9.239  -4.161  -0.963  1.00 31.26  ? 95  THR A CG2 1 
ATOM   712  N  N   . ALA A 1 96  ? -7.155  -5.300  1.500   1.00 30.17  ? 96  ALA A N   1 
ATOM   713  C  CA  . ALA A 1 96  ? -6.109  -6.312  1.402   1.00 26.17  ? 96  ALA A CA  1 
ATOM   714  C  C   . ALA A 1 96  ? -5.869  -6.683  -0.054  1.00 30.39  ? 96  ALA A C   1 
ATOM   715  O  O   . ALA A 1 96  ? -6.813  -7.006  -0.771  1.00 32.60  ? 96  ALA A O   1 
ATOM   716  C  CB  . ALA A 1 96  ? -6.483  -7.550  2.231   1.00 34.17  ? 96  ALA A CB  1 
ATOM   717  N  N   . MET A 1 97  ? -4.615  -6.626  -0.499  1.00 29.09  ? 97  MET A N   1 
ATOM   718  C  CA  . MET A 1 97  ? -4.298  -6.866  -1.909  1.00 33.05  ? 97  MET A CA  1 
ATOM   719  C  C   . MET A 1 97  ? -3.987  -8.338  -2.197  1.00 33.75  ? 97  MET A C   1 
ATOM   720  O  O   . MET A 1 97  ? -3.363  -9.031  -1.384  1.00 31.28  ? 97  MET A O   1 
ATOM   721  C  CB  . MET A 1 97  ? -3.115  -5.995  -2.358  1.00 35.56  ? 97  MET A CB  1 
ATOM   722  C  CG  . MET A 1 97  ? -3.370  -4.490  -2.273  1.00 26.89  ? 97  MET A CG  1 
ATOM   723  S  SD  . MET A 1 97  ? -4.692  -3.993  -3.395  1.00 37.30  ? 97  MET A SD  1 
ATOM   724  C  CE  . MET A 1 97  ? -3.906  -4.187  -4.985  1.00 31.65  ? 97  MET A CE  1 
ATOM   725  N  N   . SER A 1 98  ? -4.426  -8.803  -3.362  1.00 29.44  ? 98  SER A N   1 
ATOM   726  C  CA  . SER A 1 98  ? -4.040  -10.119 -3.867  1.00 31.39  ? 98  SER A CA  1 
ATOM   727  C  C   . SER A 1 98  ? -3.770  -10.031 -5.358  1.00 31.39  ? 98  SER A C   1 
ATOM   728  O  O   . SER A 1 98  ? -4.343  -9.197  -6.046  1.00 37.88  ? 98  SER A O   1 
ATOM   729  C  CB  . SER A 1 98  ? -5.139  -11.150 -3.601  1.00 32.31  ? 98  SER A CB  1 
ATOM   730  O  OG  . SER A 1 98  ? -5.447  -11.206 -2.213  1.00 35.22  ? 98  SER A OG  1 
ATOM   731  N  N   . GLY A 1 99  ? -2.892  -10.888 -5.861  1.00 31.52  ? 99  GLY A N   1 
ATOM   732  C  CA  . GLY A 1 99  ? -2.602  -10.886 -7.282  1.00 31.24  ? 99  GLY A CA  1 
ATOM   733  C  C   . GLY A 1 99  ? -1.847  -9.653  -7.742  1.00 43.85  ? 99  GLY A C   1 
ATOM   734  O  O   . GLY A 1 99  ? -1.466  -8.789  -6.941  1.00 36.68  ? 99  GLY A O   1 
ATOM   735  N  N   . ASN A 1 100 ? -1.634  -9.579  -9.049  1.00 33.52  ? 100 ASN A N   1 
ATOM   736  C  CA  . ASN A 1 100 ? -0.806  -8.554  -9.658  1.00 44.16  ? 100 ASN A CA  1 
ATOM   737  C  C   . ASN A 1 100 ? -1.565  -7.685  -10.642 1.00 43.55  ? 100 ASN A C   1 
ATOM   738  O  O   . ASN A 1 100 ? -0.954  -6.909  -11.371 1.00 44.34  ? 100 ASN A O   1 
ATOM   739  C  CB  . ASN A 1 100 ? 0.386   -9.189  -10.379 1.00 39.34  ? 100 ASN A CB  1 
ATOM   740  C  CG  . ASN A 1 100 ? 1.332   -9.885  -9.437  1.00 46.91  ? 100 ASN A CG  1 
ATOM   741  O  OD1 . ASN A 1 100 ? 1.527   -11.097 -9.521  1.00 46.82  ? 100 ASN A OD1 1 
ATOM   742  N  ND2 . ASN A 1 100 ? 1.927   -9.124  -8.522  1.00 41.35  ? 100 ASN A ND2 1 
ATOM   743  N  N   . SER A 1 101 ? -2.889  -7.813  -10.665 1.00 34.35  ? 101 SER A N   1 
ATOM   744  C  CA  . SER A 1 101 ? -3.719  -6.985  -11.532 1.00 47.76  ? 101 SER A CA  1 
ATOM   745  C  C   . SER A 1 101 ? -4.347  -5.819  -10.778 1.00 46.94  ? 101 SER A C   1 
ATOM   746  O  O   . SER A 1 101 ? -4.421  -5.822  -9.546  1.00 44.70  ? 101 SER A O   1 
ATOM   747  C  CB  . SER A 1 101 ? -4.819  -7.823  -12.196 1.00 42.36  ? 101 SER A CB  1 
ATOM   748  O  OG  . SER A 1 101 ? -4.258  -8.891  -12.934 1.00 51.89  ? 101 SER A OG  1 
ATOM   749  N  N   . TRP A 1 102 ? -4.804  -4.822  -11.530 1.00 43.95  ? 102 TRP A N   1 
ATOM   750  C  CA  . TRP A 1 102 ? -5.494  -3.674  -10.959 1.00 43.77  ? 102 TRP A CA  1 
ATOM   751  C  C   . TRP A 1 102 ? -6.750  -4.132  -10.221 1.00 46.10  ? 102 TRP A C   1 
ATOM   752  O  O   . TRP A 1 102 ? -7.598  -4.813  -10.794 1.00 40.42  ? 102 TRP A O   1 
ATOM   753  C  CB  . TRP A 1 102 ? -5.873  -2.678  -12.061 1.00 52.02  ? 102 TRP A CB  1 
ATOM   754  C  CG  . TRP A 1 102 ? -4.725  -1.868  -12.599 1.00 41.52  ? 102 TRP A CG  1 
ATOM   755  C  CD1 . TRP A 1 102 ? -4.101  -2.017  -13.812 1.00 43.80  ? 102 TRP A CD1 1 
ATOM   756  C  CD2 . TRP A 1 102 ? -4.073  -0.775  -11.946 1.00 49.47  ? 102 TRP A CD2 1 
ATOM   757  N  NE1 . TRP A 1 102 ? -3.094  -1.082  -13.944 1.00 45.78  ? 102 TRP A NE1 1 
ATOM   758  C  CE2 . TRP A 1 102 ? -3.061  -0.309  -12.812 1.00 42.17  ? 102 TRP A CE2 1 
ATOM   759  C  CE3 . TRP A 1 102 ? -4.243  -0.148  -10.707 1.00 44.52  ? 102 TRP A CE3 1 
ATOM   760  C  CZ2 . TRP A 1 102 ? -2.225  0.753   -12.476 1.00 58.17  ? 102 TRP A CZ2 1 
ATOM   761  C  CZ3 . TRP A 1 102 ? -3.418  0.912   -10.379 1.00 46.43  ? 102 TRP A CZ3 1 
ATOM   762  C  CH2 . TRP A 1 102 ? -2.421  1.351   -11.259 1.00 43.80  ? 102 TRP A CH2 1 
ATOM   763  N  N   . GLU A 1 103 ? -6.866  -3.759  -8.951  1.00 42.05  ? 103 GLU A N   1 
ATOM   764  C  CA  . GLU A 1 103 ? -8.030  -4.112  -8.139  1.00 32.00  ? 103 GLU A CA  1 
ATOM   765  C  C   . GLU A 1 103 ? -8.673  -2.884  -7.522  1.00 40.03  ? 103 GLU A C   1 
ATOM   766  O  O   . GLU A 1 103 ? -7.983  -1.964  -7.086  1.00 40.10  ? 103 GLU A O   1 
ATOM   767  C  CB  . GLU A 1 103 ? -7.626  -5.078  -7.026  1.00 35.15  ? 103 GLU A CB  1 
ATOM   768  C  CG  . GLU A 1 103 ? -6.934  -6.332  -7.534  1.00 38.72  ? 103 GLU A CG  1 
ATOM   769  C  CD  . GLU A 1 103 ? -7.879  -7.248  -8.291  1.00 42.55  ? 103 GLU A CD  1 
ATOM   770  O  OE1 . GLU A 1 103 ? -9.108  -7.085  -8.138  1.00 51.55  ? 103 GLU A OE1 1 
ATOM   771  O  OE2 . GLU A 1 103 ? -7.398  -8.133  -9.030  1.00 37.13  ? 103 GLU A OE2 1 
ATOM   772  N  N   . ASN A 1 104 ? -10.000 -2.883  -7.489  1.00 35.28  ? 104 ASN A N   1 
ATOM   773  C  CA  . ASN A 1 104 ? -10.780 -1.846  -6.833  1.00 43.41  ? 104 ASN A CA  1 
ATOM   774  C  C   . ASN A 1 104 ? -10.453 -1.814  -5.348  1.00 46.27  ? 104 ASN A C   1 
ATOM   775  O  O   . ASN A 1 104 ? -10.787 -2.740  -4.619  1.00 40.10  ? 104 ASN A O   1 
ATOM   776  C  CB  . ASN A 1 104 ? -12.272 -2.137  -7.033  1.00 45.10  ? 104 ASN A CB  1 
ATOM   777  C  CG  . ASN A 1 104 ? -13.170 -1.030  -6.509  1.00 43.07  ? 104 ASN A CG  1 
ATOM   778  O  OD1 . ASN A 1 104 ? -12.839 -0.334  -5.547  1.00 41.42  ? 104 ASN A OD1 1 
ATOM   779  N  ND2 . ASN A 1 104 ? -14.327 -0.864  -7.146  1.00 53.20  ? 104 ASN A ND2 1 
ATOM   780  N  N   . VAL A 1 105 ? -9.802  -0.749  -4.893  1.00 40.74  ? 105 VAL A N   1 
ATOM   781  C  CA  . VAL A 1 105 ? -9.359  -0.697  -3.506  1.00 30.26  ? 105 VAL A CA  1 
ATOM   782  C  C   . VAL A 1 105 ? -10.102 0.361   -2.711  1.00 39.09  ? 105 VAL A C   1 
ATOM   783  O  O   . VAL A 1 105 ? -9.942  0.470   -1.494  1.00 41.41  ? 105 VAL A O   1 
ATOM   784  C  CB  . VAL A 1 105 ? -7.825  -0.515  -3.381  1.00 39.16  ? 105 VAL A CB  1 
ATOM   785  C  CG1 . VAL A 1 105 ? -7.100  -1.654  -4.113  1.00 37.55  ? 105 VAL A CG1 1 
ATOM   786  C  CG2 . VAL A 1 105 ? -7.390  0.850   -3.925  1.00 34.12  ? 105 VAL A CG2 1 
ATOM   787  N  N   . PHE A 1 106 ? -10.929 1.125   -3.412  1.00 36.93  ? 106 PHE A N   1 
ATOM   788  C  CA  . PHE A 1 106 ? -11.805 2.091   -2.770  1.00 35.57  ? 106 PHE A CA  1 
ATOM   789  C  C   . PHE A 1 106 ? -13.015 2.300   -3.660  1.00 41.19  ? 106 PHE A C   1 
ATOM   790  O  O   . PHE A 1 106 ? -12.896 2.781   -4.789  1.00 44.64  ? 106 PHE A O   1 
ATOM   791  C  CB  . PHE A 1 106 ? -11.079 3.415   -2.509  1.00 34.58  ? 106 PHE A CB  1 
ATOM   792  C  CG  . PHE A 1 106 ? -12.002 4.541   -2.097  1.00 51.77  ? 106 PHE A CG  1 
ATOM   793  C  CD1 . PHE A 1 106 ? -12.914 4.365   -1.061  1.00 42.76  ? 106 PHE A CD1 1 
ATOM   794  C  CD2 . PHE A 1 106 ? -11.952 5.772   -2.738  1.00 38.03  ? 106 PHE A CD2 1 
ATOM   795  C  CE1 . PHE A 1 106 ? -13.760 5.393   -0.678  1.00 48.41  ? 106 PHE A CE1 1 
ATOM   796  C  CE2 . PHE A 1 106 ? -12.788 6.807   -2.354  1.00 42.29  ? 106 PHE A CE2 1 
ATOM   797  C  CZ  . PHE A 1 106 ? -13.695 6.618   -1.322  1.00 47.29  ? 106 PHE A CZ  1 
ATOM   798  N  N   . SER A 1 107 ? -14.177 1.917   -3.144  1.00 42.97  ? 107 SER A N   1 
ATOM   799  C  CA  . SER A 1 107 ? -15.403 1.898   -3.925  1.00 46.58  ? 107 SER A CA  1 
ATOM   800  C  C   . SER A 1 107 ? -15.703 3.266   -4.537  1.00 54.86  ? 107 SER A C   1 
ATOM   801  O  O   . SER A 1 107 ? -16.181 3.358   -5.669  1.00 51.43  ? 107 SER A O   1 
ATOM   802  C  CB  . SER A 1 107 ? -16.568 1.432   -3.047  1.00 52.72  ? 107 SER A CB  1 
ATOM   803  O  OG  . SER A 1 107 ? -16.437 1.938   -1.729  1.00 66.23  ? 107 SER A OG  1 
ATOM   804  N  N   . GLY A 1 108 ? -15.429 4.322   -3.775  1.00 51.12  ? 108 GLY A N   1 
ATOM   805  C  CA  . GLY A 1 108 ? -15.516 5.675   -4.287  1.00 45.73  ? 108 GLY A CA  1 
ATOM   806  C  C   . GLY A 1 108 ? -16.542 6.566   -3.607  1.00 50.35  ? 108 GLY A C   1 
ATOM   807  O  O   . GLY A 1 108 ? -17.256 6.151   -2.692  1.00 44.51  ? 108 GLY A O   1 
ATOM   808  N  N   . TRP A 1 109 ? -16.598 7.813   -4.062  1.00 59.27  ? 109 TRP A N   1 
ATOM   809  C  CA  . TRP A 1 109 ? -17.570 8.779   -3.571  1.00 57.42  ? 109 TRP A CA  1 
ATOM   810  C  C   . TRP A 1 109 ? -17.742 9.907   -4.585  1.00 64.71  ? 109 TRP A C   1 
ATOM   811  O  O   . TRP A 1 109 ? -16.964 10.034  -5.541  1.00 53.99  ? 109 TRP A O   1 
ATOM   812  C  CB  . TRP A 1 109 ? -17.147 9.343   -2.208  1.00 56.97  ? 109 TRP A CB  1 
ATOM   813  C  CG  . TRP A 1 109 ? -15.992 10.292  -2.281  1.00 63.54  ? 109 TRP A CG  1 
ATOM   814  C  CD1 . TRP A 1 109 ? -14.779 10.062  -2.863  1.00 64.29  ? 109 TRP A CD1 1 
ATOM   815  C  CD2 . TRP A 1 109 ? -15.935 11.619  -1.742  1.00 69.09  ? 109 TRP A CD2 1 
ATOM   816  N  NE1 . TRP A 1 109 ? -13.972 11.166  -2.726  1.00 57.13  ? 109 TRP A NE1 1 
ATOM   817  C  CE2 . TRP A 1 109 ? -14.655 12.133  -2.043  1.00 66.49  ? 109 TRP A CE2 1 
ATOM   818  C  CE3 . TRP A 1 109 ? -16.838 12.421  -1.039  1.00 68.62  ? 109 TRP A CE3 1 
ATOM   819  C  CZ2 . TRP A 1 109 ? -14.259 13.418  -1.661  1.00 70.83  ? 109 TRP A CZ2 1 
ATOM   820  C  CZ3 . TRP A 1 109 ? -16.442 13.697  -0.661  1.00 78.48  ? 109 TRP A CZ3 1 
ATOM   821  C  CH2 . TRP A 1 109 ? -15.161 14.181  -0.972  1.00 69.21  ? 109 TRP A CH2 1 
ATOM   822  N  N   . CYS A 1 110 ? -18.777 10.715  -4.377  1.00 65.74  ? 110 CYS A N   1 
ATOM   823  C  CA  . CYS A 1 110 ? -19.048 11.853  -5.243  1.00 67.37  ? 110 CYS A CA  1 
ATOM   824  C  C   . CYS A 1 110 ? -19.011 13.129  -4.432  1.00 68.42  ? 110 CYS A C   1 
ATOM   825  O  O   . CYS A 1 110 ? -19.678 13.245  -3.401  1.00 68.72  ? 110 CYS A O   1 
ATOM   826  C  CB  . CYS A 1 110 ? -20.407 11.707  -5.917  1.00 59.83  ? 110 CYS A CB  1 
ATOM   827  S  SG  . CYS A 1 110 ? -20.493 10.312  -7.036  1.00 67.14  ? 110 CYS A SG  1 
ATOM   828  N  N   . VAL A 1 111 ? -18.209 14.079  -4.889  1.00 66.07  ? 111 VAL A N   1 
ATOM   829  C  CA  . VAL A 1 111 ? -18.144 15.373  -4.237  1.00 79.79  ? 111 VAL A CA  1 
ATOM   830  C  C   . VAL A 1 111 ? -19.318 16.205  -4.737  1.00 81.50  ? 111 VAL A C   1 
ATOM   831  O  O   . VAL A 1 111 ? -19.615 16.208  -5.933  1.00 66.50  ? 111 VAL A O   1 
ATOM   832  C  CB  . VAL A 1 111 ? -16.812 16.086  -4.535  1.00 71.23  ? 111 VAL A CB  1 
ATOM   833  C  CG1 . VAL A 1 111 ? -16.626 16.254  -6.037  1.00 72.03  ? 111 VAL A CG1 1 
ATOM   834  C  CG2 . VAL A 1 111 ? -16.752 17.424  -3.818  1.00 66.60  ? 111 VAL A CG2 1 
ATOM   835  N  N   . GLY A 1 112 ? -20.001 16.883  -3.816  1.00 73.77  ? 112 GLY A N   1 
ATOM   836  C  CA  . GLY A 1 112 ? -21.138 17.715  -4.173  1.00 80.92  ? 112 GLY A CA  1 
ATOM   837  C  C   . GLY A 1 112 ? -20.733 19.004  -4.864  1.00 85.65  ? 112 GLY A C   1 
ATOM   838  O  O   . GLY A 1 112 ? -19.780 19.032  -5.646  1.00 78.33  ? 112 GLY A O   1 
ATOM   839  N  N   . ASN A 1 113 ? -21.461 20.080  -4.578  1.00 91.75  ? 113 ASN A N   1 
ATOM   840  C  CA  . ASN A 1 113 ? -21.129 21.386  -5.139  1.00 95.39  ? 113 ASN A CA  1 
ATOM   841  C  C   . ASN A 1 113 ? -20.140 22.151  -4.275  1.00 95.96  ? 113 ASN A C   1 
ATOM   842  O  O   . ASN A 1 113 ? -20.296 23.350  -4.035  1.00 96.98  ? 113 ASN A O   1 
ATOM   843  C  CB  . ASN A 1 113 ? -22.385 22.220  -5.385  1.00 90.33  ? 113 ASN A CB  1 
ATOM   844  C  CG  . ASN A 1 113 ? -22.863 22.132  -6.816  1.00 89.01  ? 113 ASN A CG  1 
ATOM   845  O  OD1 . ASN A 1 113 ? -22.065 22.191  -7.752  1.00 92.90  ? 113 ASN A OD1 1 
ATOM   846  N  ND2 . ASN A 1 113 ? -24.169 21.991  -6.995  1.00 88.14  ? 113 ASN A ND2 1 
ATOM   847  N  N   . TYR A 1 114 ? -19.124 21.438  -3.804  1.00 88.64  ? 114 TYR A N   1 
ATOM   848  C  CA  . TYR A 1 114 ? -18.034 22.045  -3.059  1.00 89.38  ? 114 TYR A CA  1 
ATOM   849  C  C   . TYR A 1 114 ? -16.717 21.524  -3.622  1.00 82.56  ? 114 TYR A C   1 
ATOM   850  O  O   . TYR A 1 114 ? -16.703 20.589  -4.422  1.00 80.29  ? 114 TYR A O   1 
ATOM   851  C  CB  . TYR A 1 114 ? -18.151 21.709  -1.569  1.00 87.21  ? 114 TYR A CB  1 
ATOM   852  N  N   . LEU A 1 115 ? -15.612 22.139  -3.221  1.00 85.56  ? 115 LEU A N   1 
ATOM   853  C  CA  . LEU A 1 115 ? -14.303 21.611  -3.569  1.00 72.58  ? 115 LEU A CA  1 
ATOM   854  C  C   . LEU A 1 115 ? -13.770 20.826  -2.379  1.00 77.00  ? 115 LEU A C   1 
ATOM   855  O  O   . LEU A 1 115 ? -13.928 21.234  -1.224  1.00 66.61  ? 115 LEU A O   1 
ATOM   856  C  CB  . LEU A 1 115 ? -13.335 22.726  -3.968  1.00 64.66  ? 115 LEU A CB  1 
ATOM   857  N  N   . SER A 1 116 ? -13.165 19.681  -2.671  1.00 72.53  ? 116 SER A N   1 
ATOM   858  C  CA  . SER A 1 116 ? -12.611 18.811  -1.649  1.00 55.85  ? 116 SER A CA  1 
ATOM   859  C  C   . SER A 1 116 ? -11.492 18.030  -2.305  1.00 62.54  ? 116 SER A C   1 
ATOM   860  O  O   . SER A 1 116 ? -11.089 18.345  -3.427  1.00 59.53  ? 116 SER A O   1 
ATOM   861  C  CB  . SER A 1 116 ? -13.685 17.865  -1.109  1.00 63.07  ? 116 SER A CB  1 
ATOM   862  O  OG  . SER A 1 116 ? -13.272 17.234  0.090   1.00 72.49  ? 116 SER A OG  1 
ATOM   863  N  N   . THR A 1 117 ? -10.991 17.009  -1.619  1.00 58.05  ? 117 THR A N   1 
ATOM   864  C  CA  . THR A 1 117 ? -9.886  16.219  -2.149  1.00 64.76  ? 117 THR A CA  1 
ATOM   865  C  C   . THR A 1 117 ? -10.113 14.716  -2.061  1.00 61.38  ? 117 THR A C   1 
ATOM   866  O  O   . THR A 1 117 ? -10.904 14.235  -1.248  1.00 55.47  ? 117 THR A O   1 
ATOM   867  C  CB  . THR A 1 117 ? -8.589  16.513  -1.398  1.00 55.15  ? 117 THR A CB  1 
ATOM   868  O  OG1 . THR A 1 117 ? -8.812  16.337  0.007   1.00 57.60  ? 117 THR A OG1 1 
ATOM   869  C  CG2 . THR A 1 117 ? -8.119  17.936  -1.677  1.00 66.33  ? 117 THR A CG2 1 
ATOM   870  N  N   . GLN A 1 118 ? -9.395  13.988  -2.911  1.00 61.63  ? 118 GLN A N   1 
ATOM   871  C  CA  . GLN A 1 118 ? -9.309  12.539  -2.818  1.00 58.04  ? 118 GLN A CA  1 
ATOM   872  C  C   . GLN A 1 118 ? -7.888  12.165  -2.431  1.00 54.07  ? 118 GLN A C   1 
ATOM   873  O  O   . GLN A 1 118 ? -6.926  12.598  -3.072  1.00 45.28  ? 118 GLN A O   1 
ATOM   874  C  CB  . GLN A 1 118 ? -9.662  11.889  -4.154  1.00 52.49  ? 118 GLN A CB  1 
ATOM   875  C  CG  . GLN A 1 118 ? -9.513  10.379  -4.148  1.00 47.97  ? 118 GLN A CG  1 
ATOM   876  C  CD  . GLN A 1 118 ? -10.348 9.737   -3.066  1.00 50.44  ? 118 GLN A CD  1 
ATOM   877  O  OE1 . GLN A 1 118 ? -11.523 10.069  -2.897  1.00 53.40  ? 118 GLN A OE1 1 
ATOM   878  N  NE2 . GLN A 1 118 ? -9.746  8.819   -2.319  1.00 52.83  ? 118 GLN A NE2 1 
ATOM   879  N  N   . GLY A 1 119 ? -7.761  11.366  -1.377  1.00 47.32  ? 119 GLY A N   1 
ATOM   880  C  CA  . GLY A 1 119 ? -6.461  10.935  -0.905  1.00 47.28  ? 119 GLY A CA  1 
ATOM   881  C  C   . GLY A 1 119 ? -6.291  9.439   -1.071  1.00 47.89  ? 119 GLY A C   1 
ATOM   882  O  O   . GLY A 1 119 ? -7.071  8.796   -1.777  1.00 39.53  ? 119 GLY A O   1 
ATOM   883  N  N   . LEU A 1 120 ? -5.273  8.886   -0.421  1.00 36.50  ? 120 LEU A N   1 
ATOM   884  C  CA  . LEU A 1 120 ? -5.021  7.452   -0.468  1.00 40.16  ? 120 LEU A CA  1 
ATOM   885  C  C   . LEU A 1 120 ? -4.063  7.028   0.629   1.00 44.26  ? 120 LEU A C   1 
ATOM   886  O  O   . LEU A 1 120 ? -3.459  7.863   1.308   1.00 39.41  ? 120 LEU A O   1 
ATOM   887  C  CB  . LEU A 1 120 ? -4.474  7.041   -1.838  1.00 38.21  ? 120 LEU A CB  1 
ATOM   888  C  CG  . LEU A 1 120 ? -3.340  7.899   -2.395  1.00 42.88  ? 120 LEU A CG  1 
ATOM   889  C  CD1 . LEU A 1 120 ? -2.025  7.571   -1.697  1.00 38.39  ? 120 LEU A CD1 1 
ATOM   890  C  CD2 . LEU A 1 120 ? -3.220  7.721   -3.901  1.00 38.63  ? 120 LEU A CD2 1 
ATOM   891  N  N   . SER A 1 121 ? -3.934  5.717   0.801   1.00 42.73  ? 121 SER A N   1 
ATOM   892  C  CA  . SER A 1 121 ? -3.034  5.160   1.798   1.00 29.53  ? 121 SER A CA  1 
ATOM   893  C  C   . SER A 1 121 ? -2.587  3.782   1.358   1.00 40.31  ? 121 SER A C   1 
ATOM   894  O  O   . SER A 1 121 ? -3.297  3.077   0.638   1.00 34.52  ? 121 SER A O   1 
ATOM   895  C  CB  . SER A 1 121 ? -3.688  5.089   3.182   1.00 38.52  ? 121 SER A CB  1 
ATOM   896  O  OG  . SER A 1 121 ? -4.605  4.009   3.277   1.00 43.81  ? 121 SER A OG  1 
ATOM   897  N  N   . VAL A 1 122 ? -1.389  3.428   1.796   1.00 29.86  ? 122 VAL A N   1 
ATOM   898  C  CA  . VAL A 1 122 ? -0.779  2.131   1.540   1.00 36.53  ? 122 VAL A CA  1 
ATOM   899  C  C   . VAL A 1 122 ? -0.036  1.764   2.807   1.00 34.42  ? 122 VAL A C   1 
ATOM   900  O  O   . VAL A 1 122 ? 0.664   2.597   3.376   1.00 32.13  ? 122 VAL A O   1 
ATOM   901  C  CB  . VAL A 1 122 ? 0.264   2.208   0.397   1.00 31.70  ? 122 VAL A CB  1 
ATOM   902  C  CG1 . VAL A 1 122 ? 0.944   0.858   0.201   1.00 33.21  ? 122 VAL A CG1 1 
ATOM   903  C  CG2 . VAL A 1 122 ? -0.395  2.672   -0.888  1.00 37.92  ? 122 VAL A CG2 1 
ATOM   904  N  N   . HIS A 1 123 ? -0.214  0.541   3.281   1.00 28.53  ? 123 HIS A N   1 
ATOM   905  C  CA  . HIS A 1 123 ? 0.610   0.043   4.370   1.00 30.86  ? 123 HIS A CA  1 
ATOM   906  C  C   . HIS A 1 123 ? 0.887   -1.430  4.147   1.00 34.61  ? 123 HIS A C   1 
ATOM   907  O  O   . HIS A 1 123 ? 0.152   -2.098  3.421   1.00 28.27  ? 123 HIS A O   1 
ATOM   908  C  CB  . HIS A 1 123 ? -0.004  0.324   5.753   1.00 37.21  ? 123 HIS A CB  1 
ATOM   909  C  CG  . HIS A 1 123 ? -1.282  -0.411  6.030   1.00 40.34  ? 123 HIS A CG  1 
ATOM   910  N  ND1 . HIS A 1 123 ? -1.335  -1.543  6.816   1.00 39.83  ? 123 HIS A ND1 1 
ATOM   911  C  CD2 . HIS A 1 123 ? -2.560  -0.153  5.655   1.00 38.06  ? 123 HIS A CD2 1 
ATOM   912  C  CE1 . HIS A 1 123 ? -2.587  -1.959  6.904   1.00 30.00  ? 123 HIS A CE1 1 
ATOM   913  N  NE2 . HIS A 1 123 ? -3.347  -1.131  6.210   1.00 40.87  ? 123 HIS A NE2 1 
ATOM   914  N  N   . VAL A 1 124 ? 1.975   -1.916  4.729   1.00 27.86  ? 124 VAL A N   1 
ATOM   915  C  CA  . VAL A 1 124 ? 2.390   -3.294  4.530   1.00 35.62  ? 124 VAL A CA  1 
ATOM   916  C  C   . VAL A 1 124 ? 2.844   -3.869  5.850   1.00 30.16  ? 124 VAL A C   1 
ATOM   917  O  O   . VAL A 1 124 ? 3.162   -3.133  6.782   1.00 33.55  ? 124 VAL A O   1 
ATOM   918  C  CB  . VAL A 1 124 ? 3.554   -3.417  3.507   1.00 33.59  ? 124 VAL A CB  1 
ATOM   919  C  CG1 . VAL A 1 124 ? 3.231   -2.642  2.228   1.00 31.16  ? 124 VAL A CG1 1 
ATOM   920  C  CG2 . VAL A 1 124 ? 4.871   -2.939  4.123   1.00 32.32  ? 124 VAL A CG2 1 
ATOM   921  N  N   . ARG A 1 125 ? 2.857   -5.191  5.931   1.00 29.31  ? 125 ARG A N   1 
ATOM   922  C  CA  . ARG A 1 125 ? 3.366   -5.876  7.103   1.00 27.63  ? 125 ARG A CA  1 
ATOM   923  C  C   . ARG A 1 125 ? 4.285   -6.983  6.654   1.00 32.41  ? 125 ARG A C   1 
ATOM   924  O  O   . ARG A 1 125 ? 3.897   -7.821  5.844   1.00 28.31  ? 125 ARG A O   1 
ATOM   925  C  CB  . ARG A 1 125 ? 2.220   -6.421  7.953   1.00 35.05  ? 125 ARG A CB  1 
ATOM   926  C  CG  . ARG A 1 125 ? 1.373   -5.313  8.512   1.00 31.41  ? 125 ARG A CG  1 
ATOM   927  C  CD  . ARG A 1 125 ? 0.156   -5.784  9.266   1.00 36.96  ? 125 ARG A CD  1 
ATOM   928  N  NE  . ARG A 1 125 ? -0.614  -4.605  9.647   1.00 49.75  ? 125 ARG A NE  1 
ATOM   929  C  CZ  . ARG A 1 125 ? -1.845  -4.620  10.140  1.00 46.30  ? 125 ARG A CZ  1 
ATOM   930  N  NH1 . ARG A 1 125 ? -2.430  -3.473  10.454  1.00 37.88  ? 125 ARG A NH1 1 
ATOM   931  N  NH2 . ARG A 1 125 ? -2.479  -5.770  10.327  1.00 56.36  ? 125 ARG A NH2 1 
ATOM   932  N  N   . PRO A 1 126 ? 5.519   -6.979  7.175   1.00 26.20  ? 126 PRO A N   1 
ATOM   933  C  CA  . PRO A 1 126 ? 6.543   -7.957  6.802   1.00 29.56  ? 126 PRO A CA  1 
ATOM   934  C  C   . PRO A 1 126 ? 6.149   -9.358  7.219   1.00 30.97  ? 126 PRO A C   1 
ATOM   935  O  O   . PRO A 1 126 ? 5.492   -9.553  8.245   1.00 31.22  ? 126 PRO A O   1 
ATOM   936  C  CB  . PRO A 1 126 ? 7.765   -7.518  7.622   1.00 32.89  ? 126 PRO A CB  1 
ATOM   937  C  CG  . PRO A 1 126 ? 7.473   -6.140  8.075   1.00 35.22  ? 126 PRO A CG  1 
ATOM   938  C  CD  . PRO A 1 126 ? 5.993   -6.061  8.223   1.00 26.66  ? 126 PRO A CD  1 
ATOM   939  N  N   . VAL A 1 127 ? 6.578   -10.336 6.440   1.00 26.70  ? 127 VAL A N   1 
ATOM   940  C  CA  . VAL A 1 127 ? 6.274   -11.718 6.745   1.00 30.69  ? 127 VAL A CA  1 
ATOM   941  C  C   . VAL A 1 127 ? 7.569   -12.503 6.707   1.00 38.19  ? 127 VAL A C   1 
ATOM   942  O  O   . VAL A 1 127 ? 8.293   -12.449 5.713   1.00 31.70  ? 127 VAL A O   1 
ATOM   943  C  CB  . VAL A 1 127 ? 5.316   -12.323 5.705   1.00 29.43  ? 127 VAL A CB  1 
ATOM   944  C  CG1 . VAL A 1 127 ? 5.062   -13.793 6.019   1.00 33.12  ? 127 VAL A CG1 1 
ATOM   945  C  CG2 . VAL A 1 127 ? 3.995   -11.549 5.665   1.00 26.11  ? 127 VAL A CG2 1 
ATOM   946  N  N   . ILE A 1 128 ? 7.870   -13.222 7.781   1.00 33.93  ? 128 ILE A N   1 
ATOM   947  C  CA  . ILE A 1 128 ? 9.052   -14.072 7.783   1.00 41.48  ? 128 ILE A CA  1 
ATOM   948  C  C   . ILE A 1 128 ? 8.745   -15.396 7.082   1.00 32.59  ? 128 ILE A C   1 
ATOM   949  O  O   . ILE A 1 128 ? 7.973   -16.209 7.581   1.00 40.55  ? 128 ILE A O   1 
ATOM   950  C  CB  . ILE A 1 128 ? 9.576   -14.341 9.199   1.00 43.87  ? 128 ILE A CB  1 
ATOM   951  C  CG1 . ILE A 1 128 ? 9.814   -13.025 9.935   1.00 37.06  ? 128 ILE A CG1 1 
ATOM   952  C  CG2 . ILE A 1 128 ? 10.885  -15.125 9.137   1.00 39.07  ? 128 ILE A CG2 1 
ATOM   953  C  CD1 . ILE A 1 128 ? 10.893  -12.175 9.314   1.00 32.35  ? 128 ILE A CD1 1 
ATOM   954  N  N   . LEU A 1 129 ? 9.357   -15.589 5.919   1.00 37.26  ? 129 LEU A N   1 
ATOM   955  C  CA  . LEU A 1 129 ? 9.193   -16.804 5.130   1.00 44.95  ? 129 LEU A CA  1 
ATOM   956  C  C   . LEU A 1 129 ? 10.185  -17.899 5.523   1.00 45.48  ? 129 LEU A C   1 
ATOM   957  O  O   . LEU A 1 129 ? 9.801   -19.049 5.698   1.00 42.75  ? 129 LEU A O   1 
ATOM   958  C  CB  . LEU A 1 129 ? 9.370   -16.483 3.650   1.00 33.32  ? 129 LEU A CB  1 
ATOM   959  C  CG  . LEU A 1 129 ? 8.599   -15.271 3.142   1.00 33.68  ? 129 LEU A CG  1 
ATOM   960  C  CD1 . LEU A 1 129 ? 8.904   -15.055 1.666   1.00 33.16  ? 129 LEU A CD1 1 
ATOM   961  C  CD2 . LEU A 1 129 ? 7.110   -15.479 3.376   1.00 34.86  ? 129 LEU A CD2 1 
ATOM   962  N  N   . LYS A 1 130 ? 11.461  -17.534 5.638   1.00 49.33  ? 130 LYS A N   1 
ATOM   963  C  CA  . LYS A 1 130 ? 12.516  -18.484 5.984   1.00 48.76  ? 130 LYS A CA  1 
ATOM   964  C  C   . LYS A 1 130 ? 13.419  -17.932 7.081   1.00 57.40  ? 130 LYS A C   1 
ATOM   965  O  O   . LYS A 1 130 ? 13.759  -16.752 7.080   1.00 46.60  ? 130 LYS A O   1 
ATOM   966  C  CB  . LYS A 1 130 ? 13.359  -18.836 4.762   1.00 54.45  ? 130 LYS A CB  1 
ATOM   967  C  CG  . LYS A 1 130 ? 12.832  -20.020 3.971   1.00 73.80  ? 130 LYS A CG  1 
ATOM   968  C  CD  . LYS A 1 130 ? 13.854  -20.493 2.951   1.00 77.14  ? 130 LYS A CD  1 
ATOM   969  C  CE  . LYS A 1 130 ? 15.204  -20.749 3.608   1.00 74.28  ? 130 LYS A CE  1 
ATOM   970  N  NZ  . LYS A 1 130 ? 16.247  -21.113 2.609   1.00 84.32  ? 130 LYS A NZ  1 
ATOM   971  N  N   . ARG A 1 131 ? 13.810  -18.795 8.011   1.00 57.23  ? 131 ARG A N   1 
ATOM   972  C  CA  . ARG A 1 131 ? 14.586  -18.364 9.169   1.00 65.93  ? 131 ARG A CA  1 
ATOM   973  C  C   . ARG A 1 131 ? 15.988  -17.874 8.840   1.00 59.03  ? 131 ARG A C   1 
ATOM   974  O  O   . ARG A 1 131 ? 16.603  -18.300 7.861   1.00 65.18  ? 131 ARG A O   1 
ATOM   975  C  CB  . ARG A 1 131 ? 14.667  -19.475 10.209  1.00 66.08  ? 131 ARG A CB  1 
ATOM   976  C  CG  . ARG A 1 131 ? 13.468  -19.516 11.112  1.00 72.48  ? 131 ARG A CG  1 
ATOM   977  C  CD  . ARG A 1 131 ? 13.746  -20.352 12.336  1.00 78.16  ? 131 ARG A CD  1 
ATOM   978  N  NE  . ARG A 1 131 ? 13.113  -19.772 13.511  1.00 79.23  ? 131 ARG A NE  1 
ATOM   979  C  CZ  . ARG A 1 131 ? 11.816  -19.856 13.777  1.00 82.39  ? 131 ARG A CZ  1 
ATOM   980  N  NH1 . ARG A 1 131 ? 11.005  -20.506 12.950  1.00 76.80  ? 131 ARG A NH1 1 
ATOM   981  N  NH2 . ARG A 1 131 ? 11.333  -19.292 14.876  1.00 84.94  ? 131 ARG A NH2 1 
ATOM   982  N  N   . ASN A 1 132 ? 16.473  -16.961 9.674   1.00 57.52  ? 132 ASN A N   1 
ATOM   983  C  CA  . ASN A 1 132 ? 17.846  -16.483 9.599   1.00 65.12  ? 132 ASN A CA  1 
ATOM   984  C  C   . ASN A 1 132 ? 18.525  -16.746 10.934  1.00 66.65  ? 132 ASN A C   1 
ATOM   985  O  O   . ASN A 1 132 ? 17.964  -16.441 11.992  1.00 56.72  ? 132 ASN A O   1 
ATOM   986  C  CB  . ASN A 1 132 ? 17.879  -14.989 9.261   1.00 55.49  ? 132 ASN A CB  1 
ATOM   987  C  CG  . ASN A 1 132 ? 19.273  -14.494 8.915   1.00 73.52  ? 132 ASN A CG  1 
ATOM   988  O  OD1 . ASN A 1 132 ? 20.193  -14.561 9.734   1.00 70.51  ? 132 ASN A OD1 1 
ATOM   989  N  ND2 . ASN A 1 132 ? 19.434  -13.982 7.697   1.00 66.79  ? 132 ASN A ND2 1 
ATOM   990  N  N   . SER A 1 133 ? 19.717  -17.337 10.885  1.00 68.10  ? 133 SER A N   1 
ATOM   991  C  CA  . SER A 1 133 ? 20.461  -17.659 12.101  1.00 73.02  ? 133 SER A CA  1 
ATOM   992  C  C   . SER A 1 133 ? 20.684  -16.412 12.960  1.00 64.73  ? 133 SER A C   1 
ATOM   993  O  O   . SER A 1 133 ? 20.593  -16.468 14.189  1.00 61.93  ? 133 SER A O   1 
ATOM   994  C  CB  . SER A 1 133 ? 21.800  -18.320 11.755  1.00 57.88  ? 133 SER A CB  1 
ATOM   995  N  N   . SER A 1 134 ? 20.958  -15.287 12.302  1.00 57.05  ? 134 SER A N   1 
ATOM   996  C  CA  . SER A 1 134 ? 21.237  -14.031 12.997  1.00 67.50  ? 134 SER A CA  1 
ATOM   997  C  C   . SER A 1 134 ? 20.021  -13.451 13.721  1.00 65.71  ? 134 SER A C   1 
ATOM   998  O  O   . SER A 1 134 ? 20.162  -12.562 14.561  1.00 58.99  ? 134 SER A O   1 
ATOM   999  C  CB  . SER A 1 134 ? 21.799  -12.990 12.025  1.00 56.73  ? 134 SER A CB  1 
ATOM   1000 O  OG  . SER A 1 134 ? 20.789  -12.483 11.170  1.00 63.50  ? 134 SER A OG  1 
ATOM   1001 N  N   . ALA A 1 135 ? 18.833  -13.955 13.391  1.00 68.80  ? 135 ALA A N   1 
ATOM   1002 C  CA  . ALA A 1 135 ? 17.575  -13.413 13.915  1.00 64.01  ? 135 ALA A CA  1 
ATOM   1003 C  C   . ALA A 1 135 ? 17.354  -11.967 13.466  1.00 64.26  ? 135 ALA A C   1 
ATOM   1004 O  O   . ALA A 1 135 ? 16.607  -11.213 14.093  1.00 62.32  ? 135 ALA A O   1 
ATOM   1005 C  CB  . ALA A 1 135 ? 17.530  -13.514 15.434  1.00 70.73  ? 135 ALA A CB  1 
ATOM   1006 N  N   . GLN A 1 136 ? 18.022  -11.587 12.381  1.00 51.05  ? 136 GLN A N   1 
ATOM   1007 C  CA  . GLN A 1 136 ? 17.884  -10.257 11.813  1.00 52.48  ? 136 GLN A CA  1 
ATOM   1008 C  C   . GLN A 1 136 ? 17.600  -10.389 10.336  1.00 51.96  ? 136 GLN A C   1 
ATOM   1009 O  O   . GLN A 1 136 ? 18.169  -11.250 9.665   1.00 47.54  ? 136 GLN A O   1 
ATOM   1010 C  CB  . GLN A 1 136 ? 19.157  -9.441  12.007  1.00 61.09  ? 136 GLN A CB  1 
ATOM   1011 C  CG  . GLN A 1 136 ? 19.093  -8.443  13.139  1.00 70.38  ? 136 GLN A CG  1 
ATOM   1012 C  CD  . GLN A 1 136 ? 20.078  -7.308  12.942  1.00 83.41  ? 136 GLN A CD  1 
ATOM   1013 O  OE1 . GLN A 1 136 ? 19.877  -6.195  13.437  1.00 71.26  ? 136 GLN A OE1 1 
ATOM   1014 N  NE2 . GLN A 1 136 ? 21.146  -7.580  12.199  1.00 80.22  ? 136 GLN A NE2 1 
ATOM   1015 N  N   . TYR A 1 137 ? 16.723  -9.532  9.829   1.00 45.14  ? 137 TYR A N   1 
ATOM   1016 C  CA  . TYR A 1 137 ? 16.276  -9.649  8.450   1.00 49.91  ? 137 TYR A CA  1 
ATOM   1017 C  C   . TYR A 1 137 ? 16.309  -8.292  7.775   1.00 51.60  ? 137 TYR A C   1 
ATOM   1018 O  O   . TYR A 1 137 ? 15.764  -7.317  8.294   1.00 52.91  ? 137 TYR A O   1 
ATOM   1019 C  CB  . TYR A 1 137 ? 14.873  -10.247 8.405   1.00 43.75  ? 137 TYR A CB  1 
ATOM   1020 C  CG  . TYR A 1 137 ? 14.753  -11.561 9.145   1.00 44.08  ? 137 TYR A CG  1 
ATOM   1021 C  CD1 . TYR A 1 137 ? 14.608  -11.591 10.530  1.00 40.27  ? 137 TYR A CD1 1 
ATOM   1022 C  CD2 . TYR A 1 137 ? 14.789  -12.773 8.459   1.00 40.26  ? 137 TYR A CD2 1 
ATOM   1023 C  CE1 . TYR A 1 137 ? 14.503  -12.791 11.216  1.00 49.48  ? 137 TYR A CE1 1 
ATOM   1024 C  CE2 . TYR A 1 137 ? 14.678  -13.979 9.138   1.00 45.49  ? 137 TYR A CE2 1 
ATOM   1025 C  CZ  . TYR A 1 137 ? 14.538  -13.979 10.515  1.00 49.81  ? 137 TYR A CZ  1 
ATOM   1026 O  OH  . TYR A 1 137 ? 14.429  -15.171 11.194  1.00 60.10  ? 137 TYR A OH  1 
ATOM   1027 N  N   . SER A 1 138 ? 16.956  -8.233  6.616   1.00 51.20  ? 138 SER A N   1 
ATOM   1028 C  CA  . SER A 1 138 ? 17.180  -6.966  5.941   1.00 51.63  ? 138 SER A CA  1 
ATOM   1029 C  C   . SER A 1 138 ? 16.580  -6.930  4.549   1.00 50.14  ? 138 SER A C   1 
ATOM   1030 O  O   . SER A 1 138 ? 16.568  -7.926  3.829   1.00 46.98  ? 138 SER A O   1 
ATOM   1031 C  CB  . SER A 1 138 ? 18.672  -6.635  5.879   1.00 52.96  ? 138 SER A CB  1 
ATOM   1032 O  OG  . SER A 1 138 ? 19.091  -6.024  7.084   1.00 60.79  ? 138 SER A OG  1 
ATOM   1033 N  N   . VAL A 1 139 ? 16.085  -5.756  4.187   1.00 43.44  ? 139 VAL A N   1 
ATOM   1034 C  CA  . VAL A 1 139 ? 15.440  -5.557  2.912   1.00 43.12  ? 139 VAL A CA  1 
ATOM   1035 C  C   . VAL A 1 139 ? 15.865  -4.198  2.385   1.00 29.56  ? 139 VAL A C   1 
ATOM   1036 O  O   . VAL A 1 139 ? 15.900  -3.220  3.137   1.00 44.93  ? 139 VAL A O   1 
ATOM   1037 C  CB  . VAL A 1 139 ? 13.907  -5.624  3.084   1.00 45.41  ? 139 VAL A CB  1 
ATOM   1038 C  CG1 . VAL A 1 139 ? 13.207  -4.743  2.072   1.00 39.11  ? 139 VAL A CG1 1 
ATOM   1039 C  CG2 . VAL A 1 139 ? 13.439  -7.069  2.991   1.00 32.85  ? 139 VAL A CG2 1 
ATOM   1040 N  N   . GLN A 1 140 ? 16.208  -4.131  1.104   1.00 45.99  ? 140 GLN A N   1 
ATOM   1041 C  CA  . GLN A 1 140 ? 16.606  -2.854  0.519   1.00 50.05  ? 140 GLN A CA  1 
ATOM   1042 C  C   . GLN A 1 140 ? 15.454  -2.201  -0.242  1.00 43.81  ? 140 GLN A C   1 
ATOM   1043 O  O   . GLN A 1 140 ? 14.377  -2.786  -0.367  1.00 53.28  ? 140 GLN A O   1 
ATOM   1044 C  CB  . GLN A 1 140 ? 17.840  -3.020  -0.377  1.00 57.11  ? 140 GLN A CB  1 
ATOM   1045 C  CG  . GLN A 1 140 ? 17.750  -4.159  -1.381  1.00 61.03  ? 140 GLN A CG  1 
ATOM   1046 N  N   . LYS A 1 141 ? 15.682  -0.985  -0.729  1.00 46.97  ? 141 LYS A N   1 
ATOM   1047 C  CA  . LYS A 1 141 ? 14.691  -0.264  -1.518  1.00 47.64  ? 141 LYS A CA  1 
ATOM   1048 C  C   . LYS A 1 141 ? 14.051  -1.174  -2.551  1.00 49.79  ? 141 LYS A C   1 
ATOM   1049 O  O   . LYS A 1 141 ? 14.745  -1.920  -3.244  1.00 45.97  ? 141 LYS A O   1 
ATOM   1050 C  CB  . LYS A 1 141 ? 15.334  0.927   -2.219  1.00 52.30  ? 141 LYS A CB  1 
ATOM   1051 C  CG  . LYS A 1 141 ? 15.277  2.214   -1.434  1.00 65.07  ? 141 LYS A CG  1 
ATOM   1052 C  CD  . LYS A 1 141 ? 13.914  2.870   -1.564  1.00 68.46  ? 141 LYS A CD  1 
ATOM   1053 C  CE  . LYS A 1 141 ? 13.641  3.286   -2.998  1.00 65.57  ? 141 LYS A CE  1 
ATOM   1054 N  NZ  . LYS A 1 141 ? 12.566  4.310   -3.069  1.00 66.82  ? 141 LYS A NZ  1 
ATOM   1055 N  N   . THR A 1 142 ? 12.726  -1.116  -2.652  1.00 41.33  ? 142 THR A N   1 
ATOM   1056 C  CA  . THR A 1 142 ? 12.010  -1.958  -3.605  1.00 39.13  ? 142 THR A CA  1 
ATOM   1057 C  C   . THR A 1 142 ? 10.689  -1.340  -4.063  1.00 42.67  ? 142 THR A C   1 
ATOM   1058 O  O   . THR A 1 142 ? 9.930   -0.783  -3.265  1.00 40.10  ? 142 THR A O   1 
ATOM   1059 C  CB  . THR A 1 142 ? 11.741  -3.348  -3.017  1.00 41.39  ? 142 THR A CB  1 
ATOM   1060 O  OG1 . THR A 1 142 ? 12.975  -3.910  -2.548  1.00 43.63  ? 142 THR A OG1 1 
ATOM   1061 C  CG2 . THR A 1 142 ? 11.128  -4.256  -4.065  1.00 42.38  ? 142 THR A CG2 1 
ATOM   1062 N  N   . SER A 1 143 ? 10.425  -1.440  -5.357  1.00 36.88  ? 143 SER A N   1 
ATOM   1063 C  CA  . SER A 1 143 ? 9.174   -0.957  -5.910  1.00 43.03  ? 143 SER A CA  1 
ATOM   1064 C  C   . SER A 1 143 ? 8.021   -1.869  -5.475  1.00 34.59  ? 143 SER A C   1 
ATOM   1065 O  O   . SER A 1 143 ? 8.148   -3.092  -5.523  1.00 35.00  ? 143 SER A O   1 
ATOM   1066 C  CB  . SER A 1 143 ? 9.264   -0.915  -7.434  1.00 46.51  ? 143 SER A CB  1 
ATOM   1067 O  OG  . SER A 1 143 ? 7.984   -0.706  -8.004  1.00 57.73  ? 143 SER A OG  1 
ATOM   1068 N  N   . ILE A 1 144 ? 6.908   -1.278  -5.044  1.00 38.73  ? 144 ILE A N   1 
ATOM   1069 C  CA  . ILE A 1 144 ? 5.756   -2.070  -4.615  1.00 38.79  ? 144 ILE A CA  1 
ATOM   1070 C  C   . ILE A 1 144 ? 4.710   -2.166  -5.712  1.00 36.25  ? 144 ILE A C   1 
ATOM   1071 O  O   . ILE A 1 144 ? 4.231   -3.249  -6.040  1.00 35.31  ? 144 ILE A O   1 
ATOM   1072 C  CB  . ILE A 1 144 ? 5.050   -1.480  -3.368  1.00 35.87  ? 144 ILE A CB  1 
ATOM   1073 C  CG1 . ILE A 1 144 ? 5.890   -1.676  -2.119  1.00 45.59  ? 144 ILE A CG1 1 
ATOM   1074 C  CG2 . ILE A 1 144 ? 3.713   -2.139  -3.159  1.00 37.14  ? 144 ILE A CG2 1 
ATOM   1075 C  CD1 . ILE A 1 144 ? 6.307   -0.381  -1.496  1.00 46.84  ? 144 ILE A CD1 1 
ATOM   1076 N  N   . GLY A 1 145 ? 4.349   -1.020  -6.271  1.00 33.28  ? 145 GLY A N   1 
ATOM   1077 C  CA  . GLY A 1 145 ? 3.257   -0.967  -7.228  1.00 38.70  ? 145 GLY A CA  1 
ATOM   1078 C  C   . GLY A 1 145 ? 2.661   0.423   -7.267  1.00 32.77  ? 145 GLY A C   1 
ATOM   1079 O  O   . GLY A 1 145 ? 3.354   1.404   -6.987  1.00 40.50  ? 145 GLY A O   1 
ATOM   1080 N  N   . SER A 1 146 ? 1.374   0.514   -7.578  1.00 33.33  ? 146 SER A N   1 
ATOM   1081 C  CA  . SER A 1 146 ? 0.755   1.812   -7.812  1.00 39.14  ? 146 SER A CA  1 
ATOM   1082 C  C   . SER A 1 146 ? -0.695  1.890   -7.380  1.00 42.72  ? 146 SER A C   1 
ATOM   1083 O  O   . SER A 1 146 ? -1.356  0.874   -7.147  1.00 38.17  ? 146 SER A O   1 
ATOM   1084 C  CB  . SER A 1 146 ? 0.844   2.162   -9.299  1.00 39.44  ? 146 SER A CB  1 
ATOM   1085 O  OG  . SER A 1 146 ? 2.125   1.833   -9.818  1.00 38.81  ? 146 SER A OG  1 
ATOM   1086 N  N   . ILE A 1 147 ? -1.182  3.118   -7.276  1.00 35.69  ? 147 ILE A N   1 
ATOM   1087 C  CA  . ILE A 1 147 ? -2.603  3.379   -7.099  1.00 37.57  ? 147 ILE A CA  1 
ATOM   1088 C  C   . ILE A 1 147 ? -3.040  4.404   -8.143  1.00 48.01  ? 147 ILE A C   1 
ATOM   1089 O  O   . ILE A 1 147 ? -2.296  5.333   -8.461  1.00 43.39  ? 147 ILE A O   1 
ATOM   1090 C  CB  . ILE A 1 147 ? -2.910  3.901   -5.682  1.00 40.69  ? 147 ILE A CB  1 
ATOM   1091 C  CG1 . ILE A 1 147 ? -2.701  2.790   -4.654  1.00 37.38  ? 147 ILE A CG1 1 
ATOM   1092 C  CG2 . ILE A 1 147 ? -4.334  4.469   -5.592  1.00 41.64  ? 147 ILE A CG2 1 
ATOM   1093 C  CD1 . ILE A 1 147 ? -2.968  3.218   -3.241  1.00 41.65  ? 147 ILE A CD1 1 
ATOM   1094 N  N   . ARG A 1 148 ? -4.236  4.225   -8.693  1.00 45.71  ? 148 ARG A N   1 
ATOM   1095 C  CA  . ARG A 1 148 ? -4.788  5.199   -9.625  1.00 43.42  ? 148 ARG A CA  1 
ATOM   1096 C  C   . ARG A 1 148 ? -6.211  5.564   -9.238  1.00 47.26  ? 148 ARG A C   1 
ATOM   1097 O  O   . ARG A 1 148 ? -6.906  4.799   -8.566  1.00 46.46  ? 148 ARG A O   1 
ATOM   1098 C  CB  . ARG A 1 148 ? -4.744  4.678   -11.064 1.00 46.65  ? 148 ARG A CB  1 
ATOM   1099 C  CG  . ARG A 1 148 ? -5.809  3.649   -11.369 1.00 50.68  ? 148 ARG A CG  1 
ATOM   1100 C  CD  . ARG A 1 148 ? -5.578  2.953   -12.703 1.00 45.41  ? 148 ARG A CD  1 
ATOM   1101 N  NE  . ARG A 1 148 ? -6.581  1.916   -12.898 1.00 51.81  ? 148 ARG A NE  1 
ATOM   1102 C  CZ  . ARG A 1 148 ? -6.530  0.973   -13.831 1.00 47.38  ? 148 ARG A CZ  1 
ATOM   1103 N  NH1 . ARG A 1 148 ? -5.514  0.914   -14.678 1.00 45.07  ? 148 ARG A NH1 1 
ATOM   1104 N  NH2 . ARG A 1 148 ? -7.503  0.078   -13.906 1.00 45.45  ? 148 ARG A NH2 1 
ATOM   1105 N  N   . MET A 1 149 ? -6.640  6.746   -9.653  1.00 50.53  ? 149 MET A N   1 
ATOM   1106 C  CA  . MET A 1 149 ? -7.990  7.191   -9.364  1.00 45.62  ? 149 MET A CA  1 
ATOM   1107 C  C   . MET A 1 149 ? -8.953  6.640   -10.413 1.00 44.77  ? 149 MET A C   1 
ATOM   1108 O  O   . MET A 1 149 ? -8.589  6.464   -11.577 1.00 44.89  ? 149 MET A O   1 
ATOM   1109 C  CB  . MET A 1 149 ? -8.053  8.714   -9.332  1.00 41.66  ? 149 MET A CB  1 
ATOM   1110 C  CG  . MET A 1 149 ? -7.603  9.365   -10.627 1.00 44.61  ? 149 MET A CG  1 
ATOM   1111 S  SD  . MET A 1 149 ? -8.231  11.051  -10.745 1.00 57.41  ? 149 MET A SD  1 
ATOM   1112 C  CE  . MET A 1 149 ? -7.581  11.560  -12.334 1.00 46.10  ? 149 MET A CE  1 
ATOM   1113 N  N   . ARG A 1 150 ? -10.180 6.369   -9.990  1.00 39.51  ? 150 ARG A N   1 
ATOM   1114 C  CA  . ARG A 1 150 ? -11.177 5.779   -10.870 1.00 48.12  ? 150 ARG A CA  1 
ATOM   1115 C  C   . ARG A 1 150 ? -12.399 6.667   -10.909 1.00 49.05  ? 150 ARG A C   1 
ATOM   1116 O  O   . ARG A 1 150 ? -13.290 6.537   -10.070 1.00 52.85  ? 150 ARG A O   1 
ATOM   1117 C  CB  . ARG A 1 150 ? -11.576 4.384   -10.384 1.00 47.96  ? 150 ARG A CB  1 
ATOM   1118 C  CG  . ARG A 1 150 ? -12.264 3.528   -11.439 1.00 47.89  ? 150 ARG A CG  1 
ATOM   1119 C  CD  . ARG A 1 150 ? -12.777 2.227   -10.840 1.00 38.08  ? 150 ARG A CD  1 
ATOM   1120 N  NE  . ARG A 1 150 ? -13.697 2.478   -9.733  1.00 41.76  ? 150 ARG A NE  1 
ATOM   1121 C  CZ  . ARG A 1 150 ? -13.419 2.246   -8.458  1.00 37.42  ? 150 ARG A CZ  1 
ATOM   1122 N  NH1 . ARG A 1 150 ? -12.237 1.740   -8.109  1.00 35.23  ? 150 ARG A NH1 1 
ATOM   1123 N  NH2 . ARG A 1 150 ? -14.326 2.517   -7.527  1.00 44.02  ? 150 ARG A NH2 1 
ATOM   1124 N  N   . PRO A 1 151 ? -12.431 7.601   -11.865 1.00 55.57  ? 151 PRO A N   1 
ATOM   1125 C  CA  . PRO A 1 151 ? -13.655 8.361   -12.119 1.00 53.06  ? 151 PRO A CA  1 
ATOM   1126 C  C   . PRO A 1 151 ? -14.762 7.407   -12.554 1.00 54.49  ? 151 PRO A C   1 
ATOM   1127 O  O   . PRO A 1 151 ? -14.516 6.485   -13.336 1.00 49.05  ? 151 PRO A O   1 
ATOM   1128 C  CB  . PRO A 1 151 ? -13.257 9.265   -13.294 1.00 57.76  ? 151 PRO A CB  1 
ATOM   1129 C  CG  . PRO A 1 151 ? -12.050 8.579   -13.908 1.00 65.02  ? 151 PRO A CG  1 
ATOM   1130 C  CD  . PRO A 1 151 ? -11.322 8.070   -12.711 1.00 50.85  ? 151 PRO A CD  1 
ATOM   1131 N  N   . TYR A 1 152 ? -15.966 7.621   -12.042 1.00 59.30  ? 152 TYR A N   1 
ATOM   1132 C  CA  . TYR A 1 152 ? -17.119 6.837   -12.458 1.00 59.59  ? 152 TYR A CA  1 
ATOM   1133 C  C   . TYR A 1 152 ? -18.352 7.734   -12.505 1.00 60.76  ? 152 TYR A C   1 
ATOM   1134 O  O   . TYR A 1 152 ? -18.279 8.915   -12.158 1.00 61.28  ? 152 TYR A O   1 
ATOM   1135 C  CB  . TYR A 1 152 ? -17.334 5.655   -11.510 1.00 53.07  ? 152 TYR A CB  1 
ATOM   1136 C  CG  . TYR A 1 152 ? -17.653 6.048   -10.084 1.00 45.20  ? 152 TYR A CG  1 
ATOM   1137 C  CD1 . TYR A 1 152 ? -18.960 6.042   -9.620  1.00 48.28  ? 152 TYR A CD1 1 
ATOM   1138 C  CD2 . TYR A 1 152 ? -16.647 6.418   -9.202  1.00 47.82  ? 152 TYR A CD2 1 
ATOM   1139 C  CE1 . TYR A 1 152 ? -19.260 6.397   -8.313  1.00 57.87  ? 152 TYR A CE1 1 
ATOM   1140 C  CE2 . TYR A 1 152 ? -16.938 6.777   -7.895  1.00 50.68  ? 152 TYR A CE2 1 
ATOM   1141 C  CZ  . TYR A 1 152 ? -18.245 6.762   -7.455  1.00 46.97  ? 152 TYR A CZ  1 
ATOM   1142 O  OH  . TYR A 1 152 ? -18.540 7.114   -6.154  1.00 46.47  ? 152 TYR A OH  1 
ATOM   1143 N  N   . ASN A 1 153 ? -19.481 7.177   -12.938 1.00 70.69  ? 153 ASN A N   1 
ATOM   1144 C  CA  . ASN A 1 153 ? -20.722 7.942   -13.027 1.00 59.18  ? 153 ASN A CA  1 
ATOM   1145 C  C   . ASN A 1 153 ? -20.542 9.172   -13.910 1.00 66.00  ? 153 ASN A C   1 
ATOM   1146 O  O   . ASN A 1 153 ? -20.781 10.303  -13.482 1.00 66.62  ? 153 ASN A O   1 
ATOM   1147 C  CB  . ASN A 1 153 ? -21.197 8.351   -11.629 1.00 59.41  ? 153 ASN A CB  1 
ATOM   1148 C  CG  . ASN A 1 153 ? -22.426 9.242   -11.662 1.00 67.97  ? 153 ASN A CG  1 
ATOM   1149 O  OD1 . ASN A 1 153 ? -23.446 8.899   -12.261 1.00 81.31  ? 153 ASN A OD1 1 
ATOM   1150 N  ND2 . ASN A 1 153 ? -22.334 10.391  -11.009 1.00 67.79  ? 153 ASN A ND2 1 
ATOM   1151 N  N   . GLY A 1 154 ? -20.098 8.946   -15.142 1.00 60.47  ? 154 GLY A N   1 
ATOM   1152 C  CA  . GLY A 1 154 ? -19.897 10.029  -16.087 1.00 67.88  ? 154 GLY A CA  1 
ATOM   1153 C  C   . GLY A 1 154 ? -18.564 10.742  -15.944 1.00 70.96  ? 154 GLY A C   1 
ATOM   1154 O  O   . GLY A 1 154 ? -17.914 11.050  -16.948 1.00 66.94  ? 154 GLY A O   1 
ATOM   1155 N  N   . SER A 1 155 ? -18.155 11.008  -14.703 1.00 61.81  ? 155 SER A N   1 
ATOM   1156 C  CA  . SER A 1 155 ? -16.912 11.738  -14.445 1.00 63.72  ? 155 SER A CA  1 
ATOM   1157 C  C   . SER A 1 155 ? -15.760 11.133  -15.239 1.00 62.32  ? 155 SER A C   1 
ATOM   1158 O  O   . SER A 1 155 ? -15.798 9.957   -15.599 1.00 68.29  ? 155 SER A O   1 
ATOM   1159 C  CB  . SER A 1 155 ? -16.578 11.755  -12.947 1.00 56.91  ? 155 SER A CB  1 
ATOM   1160 O  OG  . SER A 1 155 ? -17.589 12.392  -12.183 1.00 57.62  ? 155 SER A OG  1 
ATOM   1161 N  N   . SER A 1 156 ? -14.743 11.940  -15.523 1.00 63.92  ? 156 SER A N   1 
ATOM   1162 C  CA  . SER A 1 156 ? -13.563 11.453  -16.228 1.00 60.66  ? 156 SER A CA  1 
ATOM   1163 C  C   . SER A 1 156 ? -12.344 12.299  -15.897 1.00 70.80  ? 156 SER A C   1 
ATOM   1164 O  O   . SER A 1 156 ? -12.436 13.518  -15.745 1.00 72.98  ? 156 SER A O   1 
ATOM   1165 C  CB  . SER A 1 156 ? -13.788 11.427  -17.742 1.00 75.52  ? 156 SER A CB  1 
ATOM   1166 O  OG  . SER A 1 156 ? -12.630 10.964  -18.423 1.00 73.73  ? 156 SER A OG  1 
ATOM   1167 N  N   . ALA A 1 157 ? -11.200 11.638  -15.791 1.00 72.71  ? 157 ALA A N   1 
ATOM   1168 C  CA  . ALA A 1 157 ? -9.962  12.309  -15.435 1.00 69.14  ? 157 ALA A CA  1 
ATOM   1169 C  C   . ALA A 1 157 ? -9.635  13.382  -16.460 1.00 71.98  ? 157 ALA A C   1 
ATOM   1170 O  O   . ALA A 1 157 ? -9.153  14.460  -16.116 1.00 73.49  ? 157 ALA A O   1 
ATOM   1171 C  CB  . ALA A 1 157 ? -8.832  11.302  -15.353 1.00 56.32  ? 157 ALA A CB  1 
ATOM   1172 N  N   . GLY A 1 158 ? -9.914  13.081  -17.722 1.00 68.99  ? 158 GLY A N   1 
ATOM   1173 C  CA  . GLY A 1 158 ? -9.457  13.916  -18.810 1.00 62.38  ? 158 GLY A CA  1 
ATOM   1174 C  C   . GLY A 1 158 ? -7.983  13.641  -19.010 1.00 72.06  ? 158 GLY A C   1 
ATOM   1175 O  O   . GLY A 1 158 ? -7.560  12.485  -19.033 1.00 79.03  ? 158 GLY A O   1 
ATOM   1176 N  N   . SER A 1 159 ? -7.193  14.698  -19.137 1.00 67.46  ? 159 SER A N   1 
ATOM   1177 C  CA  . SER A 1 159 ? -5.757  14.546  -19.325 1.00 67.44  ? 159 SER A CA  1 
ATOM   1178 C  C   . SER A 1 159 ? -5.015  14.657  -17.998 1.00 65.86  ? 159 SER A C   1 
ATOM   1179 O  O   . SER A 1 159 ? -3.784  14.712  -17.972 1.00 56.16  ? 159 SER A O   1 
ATOM   1180 C  CB  . SER A 1 159 ? -5.233  15.585  -20.318 1.00 78.54  ? 159 SER A CB  1 
ATOM   1181 O  OG  . SER A 1 159 ? -5.722  16.877  -19.999 1.00 81.39  ? 159 SER A OG  1 
ATOM   1182 N  N   . VAL A 1 160 ? -5.774  14.686  -16.903 1.00 65.38  ? 160 VAL A N   1 
ATOM   1183 C  CA  . VAL A 1 160 ? -5.203  14.740  -15.559 1.00 61.06  ? 160 VAL A CA  1 
ATOM   1184 C  C   . VAL A 1 160 ? -4.485  13.437  -15.195 1.00 66.93  ? 160 VAL A C   1 
ATOM   1185 O  O   . VAL A 1 160 ? -4.939  12.347  -15.540 1.00 67.04  ? 160 VAL A O   1 
ATOM   1186 C  CB  . VAL A 1 160 ? -6.288  15.030  -14.502 1.00 67.24  ? 160 VAL A CB  1 
ATOM   1187 C  CG1 . VAL A 1 160 ? -5.675  15.108  -13.109 1.00 54.87  ? 160 VAL A CG1 1 
ATOM   1188 C  CG2 . VAL A 1 160 ? -7.030  16.317  -14.841 1.00 72.79  ? 160 VAL A CG2 1 
ATOM   1189 N  N   . GLN A 1 161 ? -3.357  13.561  -14.506 1.00 58.67  ? 161 GLN A N   1 
ATOM   1190 C  CA  . GLN A 1 161 ? -2.603  12.404  -14.048 1.00 63.33  ? 161 GLN A CA  1 
ATOM   1191 C  C   . GLN A 1 161 ? -3.481  11.519  -13.161 1.00 59.94  ? 161 GLN A C   1 
ATOM   1192 O  O   . GLN A 1 161 ? -4.172  12.013  -12.268 1.00 56.11  ? 161 GLN A O   1 
ATOM   1193 C  CB  . GLN A 1 161 ? -1.367  12.867  -13.278 1.00 58.62  ? 161 GLN A CB  1 
ATOM   1194 C  CG  . GLN A 1 161 ? -0.391  11.761  -12.943 1.00 64.84  ? 161 GLN A CG  1 
ATOM   1195 C  CD  . GLN A 1 161 ? 0.754   12.247  -12.082 1.00 64.28  ? 161 GLN A CD  1 
ATOM   1196 O  OE1 . GLN A 1 161 ? 1.165   13.403  -12.169 1.00 62.65  ? 161 GLN A OE1 1 
ATOM   1197 N  NE2 . GLN A 1 161 ? 1.279   11.362  -11.245 1.00 52.17  ? 161 GLN A NE2 1 
ATOM   1198 N  N   . THR A 1 162 ? -3.448  10.213  -13.411 1.00 60.16  ? 162 THR A N   1 
ATOM   1199 C  CA  . THR A 1 162 ? -4.304  9.269   -12.694 1.00 59.15  ? 162 THR A CA  1 
ATOM   1200 C  C   . THR A 1 162 ? -3.555  8.386   -11.691 1.00 52.79  ? 162 THR A C   1 
ATOM   1201 O  O   . THR A 1 162 ? -4.122  7.956   -10.690 1.00 49.65  ? 162 THR A O   1 
ATOM   1202 C  CB  . THR A 1 162 ? -5.017  8.328   -13.676 1.00 43.74  ? 162 THR A CB  1 
ATOM   1203 O  OG1 . THR A 1 162 ? -4.036  7.536   -14.358 1.00 50.11  ? 162 THR A OG1 1 
ATOM   1204 C  CG2 . THR A 1 162 ? -5.810  9.127   -14.700 1.00 59.32  ? 162 THR A CG2 1 
ATOM   1205 N  N   . THR A 1 163 ? -2.286  8.115   -11.967 1.00 53.01  ? 163 THR A N   1 
ATOM   1206 C  CA  . THR A 1 163 ? -1.558  7.074   -11.252 1.00 55.05  ? 163 THR A CA  1 
ATOM   1207 C  C   . THR A 1 163 ? -0.338  7.570   -10.479 1.00 55.94  ? 163 THR A C   1 
ATOM   1208 O  O   . THR A 1 163 ? 0.449   8.376   -10.977 1.00 55.25  ? 163 THR A O   1 
ATOM   1209 C  CB  . THR A 1 163 ? -1.107  5.978   -12.228 1.00 50.70  ? 163 THR A CB  1 
ATOM   1210 O  OG1 . THR A 1 163 ? -2.233  5.540   -13.001 1.00 54.77  ? 163 THR A OG1 1 
ATOM   1211 C  CG2 . THR A 1 163 ? -0.505  4.795   -11.475 1.00 50.62  ? 163 THR A CG2 1 
ATOM   1212 N  N   . VAL A 1 164 ? -0.182  7.076   -9.257  1.00 42.91  ? 164 VAL A N   1 
ATOM   1213 C  CA  . VAL A 1 164 ? 1.017   7.343   -8.476  1.00 47.90  ? 164 VAL A CA  1 
ATOM   1214 C  C   . VAL A 1 164 ? 1.675   6.026   -8.078  1.00 45.16  ? 164 VAL A C   1 
ATOM   1215 O  O   . VAL A 1 164 ? 1.033   4.974   -8.076  1.00 44.05  ? 164 VAL A O   1 
ATOM   1216 C  CB  . VAL A 1 164 ? 0.710   8.199   -7.232  1.00 48.87  ? 164 VAL A CB  1 
ATOM   1217 C  CG1 . VAL A 1 164 ? 0.040   9.505   -7.646  1.00 45.73  ? 164 VAL A CG1 1 
ATOM   1218 C  CG2 . VAL A 1 164 ? -0.167  7.430   -6.260  1.00 43.79  ? 164 VAL A CG2 1 
ATOM   1219 N  N   . ASN A 1 165 ? 2.958   6.081   -7.749  1.00 33.24  ? 165 ASN A N   1 
ATOM   1220 C  CA  . ASN A 1 165 ? 3.714   4.867   -7.492  1.00 37.31  ? 165 ASN A CA  1 
ATOM   1221 C  C   . ASN A 1 165 ? 4.223   4.789   -6.062  1.00 41.37  ? 165 ASN A C   1 
ATOM   1222 O  O   . ASN A 1 165 ? 4.321   5.803   -5.362  1.00 42.33  ? 165 ASN A O   1 
ATOM   1223 C  CB  . ASN A 1 165 ? 4.870   4.740   -8.482  1.00 36.58  ? 165 ASN A CB  1 
ATOM   1224 C  CG  . ASN A 1 165 ? 4.408   4.816   -9.932  1.00 50.61  ? 165 ASN A CG  1 
ATOM   1225 O  OD1 . ASN A 1 165 ? 3.443   4.164   -10.326 1.00 41.55  ? 165 ASN A OD1 1 
ATOM   1226 N  ND2 . ASN A 1 165 ? 5.102   5.616   -10.731 1.00 49.35  ? 165 ASN A ND2 1 
ATOM   1227 N  N   . PHE A 1 166 ? 4.559   3.580   -5.626  1.00 39.13  ? 166 PHE A N   1 
ATOM   1228 C  CA  . PHE A 1 166 ? 5.064   3.410   -4.274  1.00 38.10  ? 166 PHE A CA  1 
ATOM   1229 C  C   . PHE A 1 166 ? 6.313   2.564   -4.219  1.00 37.10  ? 166 PHE A C   1 
ATOM   1230 O  O   . PHE A 1 166 ? 6.426   1.543   -4.907  1.00 38.13  ? 166 PHE A O   1 
ATOM   1231 C  CB  . PHE A 1 166 ? 3.973   2.838   -3.373  1.00 37.90  ? 166 PHE A CB  1 
ATOM   1232 C  CG  . PHE A 1 166 ? 2.726   3.649   -3.389  1.00 40.06  ? 166 PHE A CG  1 
ATOM   1233 C  CD1 . PHE A 1 166 ? 2.576   4.721   -2.527  1.00 38.33  ? 166 PHE A CD1 1 
ATOM   1234 C  CD2 . PHE A 1 166 ? 1.716   3.368   -4.297  1.00 37.25  ? 166 PHE A CD2 1 
ATOM   1235 C  CE1 . PHE A 1 166 ? 1.432   5.490   -2.554  1.00 37.94  ? 166 PHE A CE1 1 
ATOM   1236 C  CE2 . PHE A 1 166 ? 0.569   4.131   -4.331  1.00 33.41  ? 166 PHE A CE2 1 
ATOM   1237 C  CZ  . PHE A 1 166 ? 0.425   5.193   -3.459  1.00 39.48  ? 166 PHE A CZ  1 
ATOM   1238 N  N   . SER A 1 167 ? 7.253   3.013   -3.396  1.00 37.69  ? 167 SER A N   1 
ATOM   1239 C  CA  . SER A 1 167 ? 8.481   2.284   -3.157  1.00 33.59  ? 167 SER A CA  1 
ATOM   1240 C  C   . SER A 1 167 ? 8.615   2.015   -1.672  1.00 42.17  ? 167 SER A C   1 
ATOM   1241 O  O   . SER A 1 167 ? 8.340   2.882   -0.841  1.00 34.74  ? 167 SER A O   1 
ATOM   1242 C  CB  . SER A 1 167 ? 9.697   3.075   -3.646  1.00 41.53  ? 167 SER A CB  1 
ATOM   1243 O  OG  . SER A 1 167 ? 9.795   3.034   -5.060  1.00 53.07  ? 167 SER A OG  1 
ATOM   1244 N  N   . LEU A 1 168 ? 9.044   0.802   -1.356  1.00 37.72  ? 168 LEU A N   1 
ATOM   1245 C  CA  . LEU A 1 168 ? 9.338   0.415   0.005   1.00 42.10  ? 168 LEU A CA  1 
ATOM   1246 C  C   . LEU A 1 168 ? 10.715  0.943   0.402   1.00 42.45  ? 168 LEU A C   1 
ATOM   1247 O  O   . LEU A 1 168 ? 11.717  0.597   -0.224  1.00 41.32  ? 168 LEU A O   1 
ATOM   1248 C  CB  . LEU A 1 168 ? 9.331   -1.108  0.102   1.00 33.75  ? 168 LEU A CB  1 
ATOM   1249 C  CG  . LEU A 1 168 ? 9.527   -1.686  1.500   1.00 29.31  ? 168 LEU A CG  1 
ATOM   1250 C  CD1 . LEU A 1 168 ? 8.355   -1.311  2.410   1.00 38.68  ? 168 LEU A CD1 1 
ATOM   1251 C  CD2 . LEU A 1 168 ? 9.694   -3.189  1.434   1.00 33.87  ? 168 LEU A CD2 1 
ATOM   1252 N  N   . ASN A 1 169 ? 10.765  1.781   1.433   1.00 39.55  ? 169 ASN A N   1 
ATOM   1253 C  CA  . ASN A 1 169 ? 12.046  2.150   2.030   1.00 39.53  ? 169 ASN A CA  1 
ATOM   1254 C  C   . ASN A 1 169 ? 12.715  0.941   2.658   1.00 47.47  ? 169 ASN A C   1 
ATOM   1255 O  O   . ASN A 1 169 ? 12.041  0.054   3.182   1.00 39.03  ? 169 ASN A O   1 
ATOM   1256 C  CB  . ASN A 1 169 ? 11.884  3.257   3.078   1.00 43.49  ? 169 ASN A CB  1 
ATOM   1257 C  CG  . ASN A 1 169 ? 11.936  4.641   2.473   1.00 42.69  ? 169 ASN A CG  1 
ATOM   1258 O  OD1 . ASN A 1 169 ? 12.389  4.819   1.341   1.00 51.19  ? 169 ASN A OD1 1 
ATOM   1259 N  ND2 . ASN A 1 169 ? 11.459  5.628   3.212   1.00 43.16  ? 169 ASN A ND2 1 
ATOM   1260 N  N   . PRO A 1 170 ? 14.052  0.901   2.604   1.00 41.75  ? 170 PRO A N   1 
ATOM   1261 C  CA  . PRO A 1 170 ? 14.787  -0.227  3.174   1.00 37.95  ? 170 PRO A CA  1 
ATOM   1262 C  C   . PRO A 1 170 ? 14.452  -0.284  4.654   1.00 33.22  ? 170 PRO A C   1 
ATOM   1263 O  O   . PRO A 1 170 ? 14.132  0.751   5.248   1.00 44.22  ? 170 PRO A O   1 
ATOM   1264 C  CB  . PRO A 1 170 ? 16.254  0.180   2.994   1.00 47.33  ? 170 PRO A CB  1 
ATOM   1265 C  CG  . PRO A 1 170 ? 16.245  1.297   2.002   1.00 54.14  ? 170 PRO A CG  1 
ATOM   1266 C  CD  . PRO A 1 170 ? 14.943  1.994   2.184   1.00 50.65  ? 170 PRO A CD  1 
ATOM   1267 N  N   . PHE A 1 171 ? 14.476  -1.473  5.234   1.00 37.28  ? 171 PHE A N   1 
ATOM   1268 C  CA  . PHE A 1 171 ? 14.242  -1.590  6.666   1.00 39.70  ? 171 PHE A CA  1 
ATOM   1269 C  C   . PHE A 1 171 ? 14.974  -2.800  7.202   1.00 33.94  ? 171 PHE A C   1 
ATOM   1270 O  O   . PHE A 1 171 ? 15.492  -3.614  6.436   1.00 38.30  ? 171 PHE A O   1 
ATOM   1271 C  CB  . PHE A 1 171 ? 12.734  -1.628  7.018   1.00 32.45  ? 171 PHE A CB  1 
ATOM   1272 C  CG  . PHE A 1 171 ? 11.985  -2.830  6.468   1.00 42.22  ? 171 PHE A CG  1 
ATOM   1273 C  CD1 . PHE A 1 171 ? 12.314  -4.123  6.853   1.00 37.87  ? 171 PHE A CD1 1 
ATOM   1274 C  CD2 . PHE A 1 171 ? 10.925  -2.655  5.585   1.00 44.16  ? 171 PHE A CD2 1 
ATOM   1275 C  CE1 . PHE A 1 171 ? 11.615  -5.215  6.347   1.00 42.20  ? 171 PHE A CE1 1 
ATOM   1276 C  CE2 . PHE A 1 171 ? 10.223  -3.740  5.085   1.00 36.22  ? 171 PHE A CE2 1 
ATOM   1277 C  CZ  . PHE A 1 171 ? 10.567  -5.023  5.464   1.00 31.25  ? 171 PHE A CZ  1 
ATOM   1278 N  N   . THR A 1 172 ? 15.028  -2.904  8.520   1.00 42.54  ? 172 THR A N   1 
ATOM   1279 C  CA  . THR A 1 172 ? 15.604  -4.075  9.143   1.00 41.56  ? 172 THR A CA  1 
ATOM   1280 C  C   . THR A 1 172 ? 14.642  -4.599  10.184  1.00 44.17  ? 172 THR A C   1 
ATOM   1281 O  O   . THR A 1 172 ? 13.957  -3.830  10.869  1.00 43.90  ? 172 THR A O   1 
ATOM   1282 C  CB  . THR A 1 172 ? 16.979  -3.777  9.767   1.00 50.03  ? 172 THR A CB  1 
ATOM   1283 O  OG1 . THR A 1 172 ? 17.950  -3.665  8.719   1.00 48.50  ? 172 THR A OG1 1 
ATOM   1284 C  CG2 . THR A 1 172 ? 17.400  -4.903  10.705  1.00 46.64  ? 172 THR A CG2 1 
ATOM   1285 N  N   . LEU A 1 173 ? 14.566  -5.917  10.268  1.00 35.58  ? 173 LEU A N   1 
ATOM   1286 C  CA  . LEU A 1 173 ? 13.661  -6.559  11.198  1.00 36.87  ? 173 LEU A CA  1 
ATOM   1287 C  C   . LEU A 1 173 ? 14.506  -7.287  12.204  1.00 45.26  ? 173 LEU A C   1 
ATOM   1288 O  O   . LEU A 1 173 ? 15.436  -8.004  11.833  1.00 37.06  ? 173 LEU A O   1 
ATOM   1289 C  CB  . LEU A 1 173 ? 12.768  -7.571  10.480  1.00 31.77  ? 173 LEU A CB  1 
ATOM   1290 C  CG  . LEU A 1 173 ? 11.913  -7.096  9.303   1.00 35.13  ? 173 LEU A CG  1 
ATOM   1291 C  CD1 . LEU A 1 173 ? 11.144  -8.275  8.731   1.00 35.41  ? 173 LEU A CD1 1 
ATOM   1292 C  CD2 . LEU A 1 173 ? 10.956  -5.999  9.742   1.00 35.43  ? 173 LEU A CD2 1 
ATOM   1293 N  N   . ASN A 1 174 ? 14.178  -7.114  13.475  1.00 40.56  ? 174 ASN A N   1 
ATOM   1294 C  CA  . ASN A 1 174 ? 14.918  -7.777  14.529  1.00 53.85  ? 174 ASN A CA  1 
ATOM   1295 C  C   . ASN A 1 174 ? 14.029  -8.792  15.230  1.00 60.73  ? 174 ASN A C   1 
ATOM   1296 O  O   . ASN A 1 174 ? 13.000  -8.441  15.807  1.00 58.91  ? 174 ASN A O   1 
ATOM   1297 C  CB  . ASN A 1 174 ? 15.484  -6.746  15.504  1.00 50.82  ? 174 ASN A CB  1 
ATOM   1298 C  CG  . ASN A 1 174 ? 16.423  -5.756  14.821  1.00 57.89  ? 174 ASN A CG  1 
ATOM   1299 O  OD1 . ASN A 1 174 ? 17.593  -6.054  14.592  1.00 65.57  ? 174 ASN A OD1 1 
ATOM   1300 N  ND2 . ASN A 1 174 ? 15.911  -4.574  14.496  1.00 48.74  ? 174 ASN A ND2 1 
ATOM   1301 N  N   . ASP A 1 175 ? 14.422  -10.058 15.131  1.00 71.57  ? 175 ASP A N   1 
ATOM   1302 C  CA  . ASP A 1 175 ? 13.722  -11.172 15.767  1.00 60.67  ? 175 ASP A CA  1 
ATOM   1303 C  C   . ASP A 1 175 ? 14.153  -11.255 17.230  1.00 72.99  ? 175 ASP A C   1 
ATOM   1304 O  O   . ASP A 1 175 ? 15.089  -11.977 17.582  1.00 71.09  ? 175 ASP A O   1 
ATOM   1305 C  CB  . ASP A 1 175 ? 14.038  -12.476 15.012  1.00 70.52  ? 175 ASP A CB  1 
ATOM   1306 C  CG  . ASP A 1 175 ? 13.536  -13.728 15.728  1.00 80.58  ? 175 ASP A CG  1 
ATOM   1307 O  OD1 . ASP A 1 175 ? 12.985  -13.623 16.847  1.00 69.76  ? 175 ASP A OD1 1 
ATOM   1308 O  OD2 . ASP A 1 175 ? 13.702  -14.831 15.154  1.00 79.82  ? 175 ASP A OD2 1 
ATOM   1309 N  N   . THR A 1 176 ? 13.464  -10.501 18.077  1.00 75.54  ? 176 THR A N   1 
ATOM   1310 C  CA  . THR A 1 176 ? 13.801  -10.431 19.493  1.00 82.96  ? 176 THR A CA  1 
ATOM   1311 C  C   . THR A 1 176 ? 12.972  -11.409 20.331  1.00 83.88  ? 176 THR A C   1 
ATOM   1312 O  O   . THR A 1 176 ? 13.316  -11.707 21.474  1.00 87.79  ? 176 THR A O   1 
ATOM   1313 C  CB  . THR A 1 176 ? 13.609  -9.000  20.028  1.00 74.13  ? 176 THR A CB  1 
ATOM   1314 O  OG1 . THR A 1 176 ? 14.082  -8.061  19.053  1.00 75.15  ? 176 THR A OG1 1 
ATOM   1315 C  CG2 . THR A 1 176 ? 14.370  -8.807  21.334  1.00 79.16  ? 176 THR A CG2 1 
ATOM   1316 O  OXT . THR A 1 176 ? 11.943  -11.928 19.889  1.00 79.81  ? 176 THR A OXT 1 
HETATM 1317 C  C1  . BMA B 2 .   ? -14.359 16.808  3.170   1.00 84.50  ? 1   BMA B C1  1 
HETATM 1318 C  C2  . BMA B 2 .   ? -14.311 15.409  2.573   1.00 80.63  ? 1   BMA B C2  1 
HETATM 1319 C  C3  . BMA B 2 .   ? -15.704 14.840  2.807   1.00 86.45  ? 1   BMA B C3  1 
HETATM 1320 C  C4  . BMA B 2 .   ? -15.994 14.793  4.305   1.00 93.98  ? 1   BMA B C4  1 
HETATM 1321 C  C5  . BMA B 2 .   ? -15.701 16.135  4.979   1.00 88.69  ? 1   BMA B C5  1 
HETATM 1322 C  C6  . BMA B 2 .   ? -15.706 15.977  6.497   1.00 88.42  ? 1   BMA B C6  1 
HETATM 1323 O  O1  . BMA B 2 .   ? -13.226 17.565  2.806   1.00 91.57  ? 1   BMA B O1  1 
HETATM 1324 O  O2  . BMA B 2 .   ? -13.231 14.452  2.751   1.00 65.59  ? 1   BMA B O2  1 
HETATM 1325 O  O3  . BMA B 2 .   ? -15.811 13.551  2.246   1.00 86.45  ? 1   BMA B O3  1 
HETATM 1326 O  O4  . BMA B 2 .   ? -17.345 14.447  4.520   1.00 98.52  ? 1   BMA B O4  1 
HETATM 1327 O  O5  . BMA B 2 .   ? -14.451 16.666  4.573   1.00 87.12  ? 1   BMA B O5  1 
HETATM 1328 O  O6  . BMA B 2 .   ? -17.016 15.715  6.947   1.00 85.19  ? 1   BMA B O6  1 
HETATM 1329 C  C1  . NAG B 2 .   ? -12.452 13.691  1.842   1.00 67.40  ? 2   NAG B C1  1 
HETATM 1330 C  C2  . NAG B 2 .   ? -11.001 13.562  2.298   1.00 59.11  ? 2   NAG B C2  1 
HETATM 1331 C  C3  . NAG B 2 .   ? -10.182 12.725  1.321   1.00 52.05  ? 2   NAG B C3  1 
HETATM 1332 C  C4  . NAG B 2 .   ? -10.883 11.399  1.048   1.00 52.18  ? 2   NAG B C4  1 
HETATM 1333 C  C5  . NAG B 2 .   ? -12.357 11.605  0.706   1.00 59.12  ? 2   NAG B C5  1 
HETATM 1334 C  C6  . NAG B 2 .   ? -13.079 10.263  0.635   1.00 48.47  ? 2   NAG B C6  1 
HETATM 1335 C  C7  . NAG B 2 .   ? -10.083 15.375  3.611   1.00 57.25  ? 2   NAG B C7  1 
HETATM 1336 C  C8  . NAG B 2 .   ? -10.692 14.724  4.818   1.00 65.40  ? 2   NAG B C8  1 
HETATM 1337 N  N2  . NAG B 2 .   ? -10.393 14.868  2.424   1.00 55.58  ? 2   NAG B N2  1 
HETATM 1338 O  O3  . NAG B 2 .   ? -8.889  12.502  1.852   1.00 43.33  ? 2   NAG B O3  1 
HETATM 1339 O  O4  . NAG B 2 .   ? -10.243 10.727  -0.017  1.00 51.82  ? 2   NAG B O4  1 
HETATM 1340 O  O5  . NAG B 2 .   ? -12.999 12.398  1.684   1.00 61.04  ? 2   NAG B O5  1 
HETATM 1341 O  O6  . NAG B 2 .   ? -13.125 9.729   1.942   1.00 45.63  ? 2   NAG B O6  1 
HETATM 1342 O  O7  . NAG B 2 .   ? -9.338  16.343  3.734   1.00 78.11  ? 2   NAG B O7  1 
HETATM 1343 NI NI  . NI  C 3 .   ? -0.099  -13.816 19.495  0.50 93.73  ? 263 NI  A NI  1 
HETATM 1344 C  C   . TRS D 4 .   ? -2.976  23.970  -5.977  1.00 64.49  ? 207 TRS A C   1 
HETATM 1345 C  C1  . TRS D 4 .   ? -1.607  23.543  -6.498  1.00 79.12  ? 207 TRS A C1  1 
HETATM 1346 C  C2  . TRS D 4 .   ? -3.065  23.648  -4.489  1.00 73.71  ? 207 TRS A C2  1 
HETATM 1347 C  C3  . TRS D 4 .   ? -4.060  23.202  -6.727  1.00 73.93  ? 207 TRS A C3  1 
HETATM 1348 N  N   . TRS D 4 .   ? -3.153  25.398  -6.172  1.00 70.77  ? 207 TRS A N   1 
HETATM 1349 O  O1  . TRS D 4 .   ? -1.215  24.013  -7.757  1.00 82.46  ? 207 TRS A O1  1 
HETATM 1350 O  O2  . TRS D 4 .   ? -2.257  24.392  -3.619  1.00 82.28  ? 207 TRS A O2  1 
HETATM 1351 O  O3  . TRS D 4 .   ? -4.003  23.121  -8.125  1.00 82.49  ? 207 TRS A O3  1 
HETATM 1352 S  S   . SO4 E 5 .   ? 4.193   13.719  1.109   1.00 77.13  ? 205 SO4 A S   1 
HETATM 1353 O  O1  . SO4 E 5 .   ? 4.737   12.597  1.875   1.00 74.82  ? 205 SO4 A O1  1 
HETATM 1354 O  O2  . SO4 E 5 .   ? 4.795   14.963  1.587   1.00 98.84  ? 205 SO4 A O2  1 
HETATM 1355 O  O3  . SO4 E 5 .   ? 2.747   13.796  1.303   1.00 76.28  ? 205 SO4 A O3  1 
HETATM 1356 O  O4  . SO4 E 5 .   ? 4.492   13.538  -0.311  1.00 58.87  ? 205 SO4 A O4  1 
HETATM 1357 S  S   . SO4 F 5 .   ? -1.183  8.925   -15.775 1.00 80.36  ? 206 SO4 A S   1 
HETATM 1358 O  O1  . SO4 F 5 .   ? -0.863  8.718   -14.364 1.00 65.94  ? 206 SO4 A O1  1 
HETATM 1359 O  O2  . SO4 F 5 .   ? -0.745  10.266  -16.161 1.00 87.16  ? 206 SO4 A O2  1 
HETATM 1360 O  O3  . SO4 F 5 .   ? -0.483  7.940   -16.600 1.00 60.18  ? 206 SO4 A O3  1 
HETATM 1361 O  O4  . SO4 F 5 .   ? -2.628  8.802   -15.961 1.00 64.84  ? 206 SO4 A O4  1 
HETATM 1362 O  O   . HOH G 6 .   ? -4.672  -3.758  8.006   1.00 46.74  ? 226 HOH A O   1 
HETATM 1363 O  O   . HOH G 6 .   ? -9.694  -6.116  2.799   1.00 32.96  ? 227 HOH A O   1 
HETATM 1364 O  O   . HOH G 6 .   ? -2.444  -6.232  -7.586  1.00 32.75  ? 228 HOH A O   1 
HETATM 1365 O  O   . HOH G 6 .   ? -7.946  5.922   -14.046 1.00 49.92  ? 229 HOH A O   1 
HETATM 1366 O  O   . HOH G 6 .   ? 2.853   4.874   12.519  1.00 39.18  ? 231 HOH A O   1 
HETATM 1367 O  O   . HOH G 6 .   ? 8.014   7.276   3.957   1.00 47.96  ? 232 HOH A O   1 
HETATM 1368 O  O   . HOH G 6 .   ? 2.938   9.244   4.999   1.00 34.95  ? 233 HOH A O   1 
HETATM 1369 O  O   . HOH G 6 .   ? 10.631  1.452   7.338   1.00 37.70  ? 234 HOH A O   1 
HETATM 1370 O  O   . HOH G 6 .   ? 9.933   0.637   4.690   1.00 36.61  ? 235 HOH A O   1 
HETATM 1371 O  O   . HOH G 6 .   ? -4.030  1.395   3.286   1.00 42.31  ? 238 HOH A O   1 
HETATM 1372 O  O   . HOH G 6 .   ? 6.606   10.087  2.643   1.00 48.13  ? 240 HOH A O   1 
HETATM 1373 O  O   . HOH G 6 .   ? 5.748   11.381  -1.283  1.00 46.90  ? 241 HOH A O   1 
HETATM 1374 O  O   . HOH G 6 .   ? -16.849 0.650   -6.830  1.00 43.19  ? 242 HOH A O   1 
HETATM 1375 O  O   . HOH G 6 .   ? 1.556   -9.210  21.340  1.00 46.37  ? 243 HOH A O   1 
HETATM 1376 O  O   . HOH G 6 .   ? -1.863  -10.419 -12.900 1.00 46.18  ? 244 HOH A O   1 
HETATM 1377 O  O   . HOH G 6 .   ? -3.864  -5.859  -15.062 1.00 52.78  ? 245 HOH A O   1 
HETATM 1378 O  O   . HOH G 6 .   ? 5.378   12.464  5.004   1.00 66.75  ? 246 HOH A O   1 
HETATM 1379 O  O   . HOH G 6 .   ? 18.316  6.028   10.610  1.00 50.91  ? 247 HOH A O   1 
HETATM 1380 O  O   . HOH G 6 .   ? -22.354 6.902   -9.485  1.00 66.97  ? 248 HOH A O   1 
HETATM 1381 O  O   . HOH G 6 .   ? -18.845 4.439   -14.808 1.00 52.07  ? 249 HOH A O   1 
HETATM 1382 O  O   . HOH G 6 .   ? 18.437  -10.477 6.220   1.00 58.44  ? 250 HOH A O   1 
HETATM 1383 O  O   . HOH G 6 .   ? 10.756  -9.447  -5.022  1.00 39.24  ? 251 HOH A O   1 
HETATM 1384 O  O   . HOH G 6 .   ? 3.009   -7.447  -12.231 1.00 59.85  ? 252 HOH A O   1 
HETATM 1385 O  O   . HOH G 6 .   ? 15.798  -6.324  -0.823  1.00 51.50  ? 253 HOH A O   1 
HETATM 1386 O  O   . HOH G 6 .   ? -8.115  16.416  -21.275 1.00 61.96  ? 254 HOH A O   1 
HETATM 1387 O  O   . HOH G 6 .   ? 5.653   14.566  -8.666  1.00 57.16  ? 255 HOH A O   1 
HETATM 1388 O  O   . HOH G 6 .   ? 11.873  9.170   6.103   1.00 52.57  ? 256 HOH A O   1 
HETATM 1389 O  O   . HOH G 6 .   ? 11.350  -23.440 11.138  1.00 61.25  ? 257 HOH A O   1 
HETATM 1390 O  O   . HOH G 6 .   ? -5.662  6.754   9.366   1.00 48.61  ? 258 HOH A O   1 
HETATM 1391 O  O   . HOH G 6 .   ? -13.435 -0.828  -13.281 1.00 54.31  ? 259 HOH A O   1 
HETATM 1392 O  O   . HOH G 6 .   ? -1.940  -8.787  9.721   1.00 39.69  ? 260 HOH A O   1 
HETATM 1393 O  O   . HOH G 6 .   ? 6.912   15.315  -5.635  1.00 60.95  ? 261 HOH A O   1 
HETATM 1394 O  O   . HOH G 6 .   ? -1.296  3.363   -14.984 1.00 52.92  ? 262 HOH A O   1 
HETATM 1395 O  O   . HOH G 6 .   ? 2.669   14.766  -1.802  1.00 53.85  ? 264 HOH A O   1 
HETATM 1396 O  O   . HOH G 6 .   ? -0.308  16.888  -1.100  1.00 61.14  ? 266 HOH A O   1 
HETATM 1397 O  O   . HOH G 6 .   ? 8.772   -4.646  -7.896  1.00 70.89  ? 267 HOH A O   1 
HETATM 1398 O  O   . HOH G 6 .   ? 16.647  -13.530 -2.425  1.00 54.71  ? 269 HOH A O   1 
HETATM 1399 O  O   . HOH G 6 .   ? 11.320  8.551   3.307   1.00 57.85  ? 271 HOH A O   1 
HETATM 1400 O  O   . HOH G 6 .   ? 11.946  8.646   10.635  1.00 45.84  ? 273 HOH A O   1 
HETATM 1401 O  O   . HOH G 6 .   ? 16.191  -11.102 3.593   1.00 58.38  ? 274 HOH A O   1 
HETATM 1402 O  O   . HOH G 6 .   ? 12.825  -2.713  -7.284  1.00 49.53  ? 275 HOH A O   1 
HETATM 1403 O  O   . HOH G 6 .   ? 2.886   -1.465  8.808   1.00 30.98  ? 278 HOH A O   1 
HETATM 1404 O  O   . HOH G 6 .   ? -4.894  -8.951  -8.907  1.00 36.00  ? 279 HOH A O   1 
HETATM 1405 O  O   . HOH G 6 .   ? -10.205 1.891   0.806   1.00 35.84  ? 280 HOH A O   1 
HETATM 1406 O  O   . HOH G 6 .   ? -9.448  -7.656  -0.623  1.00 39.24  ? 281 HOH A O   1 
HETATM 1407 O  O   . HOH G 6 .   ? 3.024   -13.325 -8.909  1.00 39.12  ? 282 HOH A O   1 
HETATM 1408 O  O   . HOH G 6 .   ? -12.406 18.115  5.908   1.00 75.27  ? 283 HOH A O   1 
# 
